data_1Z03
#
_entry.id   1Z03
#
_cell.length_a   104.530
_cell.length_b   166.940
_cell.length_c   173.430
_cell.angle_alpha   90.00
_cell.angle_beta   90.00
_cell.angle_gamma   90.00
#
_symmetry.space_group_name_H-M   'P 21 21 21'
#
loop_
_entity.id
_entity.type
_entity.pdbx_description
1 polymer '2-oxo-1,2-dihydroquinoline 8-monooxygenase, oxygenase component'
2 non-polymer 'FE (III) ION'
3 non-polymer 'FE2/S2 (INORGANIC) CLUSTER'
4 non-polymer QUINOLIN-2(1H)-ONE
5 water water
#
_entity_poly.entity_id   1
_entity_poly.type   'polypeptide(L)'
_entity_poly.pdbx_seq_one_letter_code
;MSDQPIIRRRQVKTGISDARANNAKTQSQYQPYKDAAWGFINHWYPALFTHELEEDQVQGIQICGVPIVLRRVNGKVFAL
KDQCLHRGVRLSEKPTCFTKSTISCWYHGFTFDLETGKLVTIVANPEDKLIGTTGVTTYPVHEVNGMIFVFVREDDFPDE
DVPPLAHDLPFRFPERSEQFPHPLWPSSPSVLDDNAVVHGMHRTGFGNWRIACENGFDNAHILVHKDNTIVHAMDWVLPL
GLLPTSDDCIAVVEDDDGPKGMMQWLFTDKWAPVLENQELGLKVEGLKGRHYRTSVVLPGVLMVENWPEEHVVQYEWYVP
ITDDTHEYWEILVRVCPTDEDRKKFQYRYDHMYKPLCLHGFNDSDLYAREAMQNFYYDGTGWDDEQLVATDISPITWRKL
ASRWNRGIAKPGRGVAGAVKDTSLIFKQTADGKRPGYKVEQIKEDH
;
_entity_poly.pdbx_strand_id   A,B,C,D,E,F
#
# COMPACT_ATOMS: atom_id res chain seq x y z
N ILE A 16 61.40 40.18 32.80
CA ILE A 16 62.49 39.70 31.90
C ILE A 16 63.75 40.56 32.03
N SER A 17 64.83 39.92 32.47
CA SER A 17 66.12 40.57 32.69
C SER A 17 66.97 40.77 31.42
N ASP A 18 67.73 41.85 31.40
CA ASP A 18 68.61 42.19 30.28
C ASP A 18 69.88 41.35 30.28
N ALA A 19 70.08 40.60 31.35
CA ALA A 19 71.26 39.76 31.46
C ALA A 19 71.08 38.39 30.82
N ARG A 20 69.91 38.12 30.26
CA ARG A 20 69.66 36.83 29.62
C ARG A 20 70.45 36.75 28.31
N ALA A 21 70.86 35.54 27.95
CA ALA A 21 71.65 35.32 26.73
C ALA A 21 70.87 35.51 25.43
N ASN A 22 69.56 35.28 25.46
CA ASN A 22 68.76 35.43 24.25
C ASN A 22 68.21 36.84 24.09
N ASN A 23 69.09 37.77 23.77
CA ASN A 23 68.72 39.17 23.57
C ASN A 23 68.09 39.30 22.20
N ALA A 24 67.51 40.48 21.93
CA ALA A 24 66.84 40.74 20.67
C ALA A 24 67.65 40.37 19.42
N LYS A 25 68.90 40.80 19.38
CA LYS A 25 69.78 40.52 18.26
C LYS A 25 69.95 39.00 18.08
N THR A 26 70.11 38.28 19.19
CA THR A 26 70.27 36.83 19.14
C THR A 26 68.99 36.15 18.64
N GLN A 27 67.84 36.54 19.19
CA GLN A 27 66.59 35.94 18.77
C GLN A 27 66.31 36.17 17.28
N SER A 28 66.69 37.34 16.78
CA SER A 28 66.44 37.65 15.37
C SER A 28 67.24 36.74 14.44
N GLN A 29 68.17 35.99 15.00
CA GLN A 29 69.01 35.09 14.20
C GLN A 29 68.44 33.68 14.06
N TYR A 30 67.34 33.38 14.75
CA TYR A 30 66.72 32.07 14.62
C TYR A 30 65.20 32.15 14.48
N GLN A 31 64.75 33.08 13.64
CA GLN A 31 63.33 33.25 13.37
C GLN A 31 62.78 32.07 12.55
N PRO A 32 63.52 31.58 11.56
CA PRO A 32 62.97 30.46 10.79
C PRO A 32 62.69 29.26 11.71
N TYR A 33 63.51 29.11 12.75
CA TYR A 33 63.36 28.01 13.70
C TYR A 33 62.08 28.20 14.50
N LYS A 34 61.79 29.45 14.86
CA LYS A 34 60.57 29.74 15.61
C LYS A 34 59.36 29.46 14.73
N ASP A 35 59.55 29.55 13.41
CA ASP A 35 58.49 29.33 12.45
C ASP A 35 58.30 27.88 12.04
N ALA A 36 59.22 27.01 12.42
CA ALA A 36 59.16 25.62 12.01
C ALA A 36 58.49 24.63 12.98
N ALA A 37 57.34 25.01 13.53
CA ALA A 37 56.62 24.15 14.47
C ALA A 37 56.27 22.80 13.84
N TRP A 38 55.94 22.80 12.56
CA TRP A 38 55.60 21.54 11.87
C TRP A 38 56.82 20.78 11.37
N GLY A 39 58.01 21.29 11.65
CA GLY A 39 59.23 20.63 11.24
C GLY A 39 59.91 21.17 9.99
N PHE A 40 61.10 20.67 9.71
CA PHE A 40 61.87 21.06 8.53
C PHE A 40 61.61 19.99 7.50
N ILE A 41 61.08 20.40 6.35
CA ILE A 41 60.77 19.44 5.30
C ILE A 41 61.90 19.34 4.27
N ASN A 42 61.86 18.28 3.47
CA ASN A 42 62.89 18.03 2.47
C ASN A 42 64.14 17.55 3.22
N HIS A 43 63.91 16.64 4.17
CA HIS A 43 64.97 16.06 4.99
C HIS A 43 64.69 14.56 5.20
N TRP A 44 65.74 13.82 5.52
CA TRP A 44 65.62 12.39 5.79
C TRP A 44 65.24 12.17 7.25
N TYR A 45 64.28 11.26 7.46
CA TYR A 45 63.82 10.93 8.81
C TYR A 45 63.64 9.44 8.93
N PRO A 46 63.84 8.89 10.14
CA PRO A 46 63.62 7.45 10.28
C PRO A 46 62.11 7.26 10.30
N ALA A 47 61.61 6.31 9.53
CA ALA A 47 60.16 6.04 9.45
C ALA A 47 59.71 4.86 10.29
N LEU A 48 60.33 3.71 10.07
CA LEU A 48 60.01 2.48 10.78
C LEU A 48 61.26 1.63 10.88
N PHE A 49 61.25 0.67 11.80
CA PHE A 49 62.38 -0.24 11.91
C PHE A 49 62.02 -1.28 10.85
N THR A 50 63.02 -1.98 10.34
CA THR A 50 62.75 -3.00 9.33
C THR A 50 61.73 -4.04 9.81
N HIS A 51 61.83 -4.42 11.08
CA HIS A 51 60.90 -5.42 11.61
C HIS A 51 59.44 -4.97 11.65
N GLU A 52 59.20 -3.68 11.46
CA GLU A 52 57.83 -3.15 11.47
C GLU A 52 57.16 -3.17 10.11
N LEU A 53 57.89 -3.64 9.10
CA LEU A 53 57.33 -3.69 7.75
C LEU A 53 57.87 -4.93 7.04
N GLU A 54 57.11 -6.02 7.13
CA GLU A 54 57.48 -7.28 6.50
C GLU A 54 57.06 -7.34 5.05
N GLU A 55 57.46 -8.41 4.37
CA GLU A 55 57.11 -8.58 2.97
C GLU A 55 55.60 -8.47 2.77
N ASP A 56 55.18 -7.61 1.84
CA ASP A 56 53.77 -7.37 1.54
C ASP A 56 53.00 -6.63 2.62
N GLN A 57 53.70 -6.15 3.65
CA GLN A 57 53.02 -5.41 4.71
C GLN A 57 52.88 -3.94 4.32
N VAL A 58 51.78 -3.32 4.74
CA VAL A 58 51.49 -1.93 4.46
C VAL A 58 51.31 -1.19 5.78
N GLN A 59 51.96 -0.04 5.92
CA GLN A 59 51.87 0.74 7.16
C GLN A 59 51.75 2.24 6.91
N GLY A 60 50.87 2.88 7.68
CA GLY A 60 50.69 4.31 7.53
C GLY A 60 51.30 5.08 8.69
N ILE A 61 51.96 6.20 8.38
CA ILE A 61 52.59 7.06 9.39
C ILE A 61 52.37 8.51 9.00
N GLN A 62 52.93 9.44 9.77
CA GLN A 62 52.82 10.87 9.48
C GLN A 62 54.09 11.56 9.96
N ILE A 63 54.72 12.33 9.08
CA ILE A 63 55.94 13.05 9.41
C ILE A 63 55.86 14.45 8.83
N CYS A 64 56.21 15.44 9.65
CA CYS A 64 56.15 16.83 9.22
C CYS A 64 54.75 17.15 8.71
N GLY A 65 53.75 16.52 9.32
CA GLY A 65 52.37 16.74 8.94
C GLY A 65 51.96 16.04 7.66
N VAL A 66 52.91 15.36 7.03
CA VAL A 66 52.65 14.64 5.78
C VAL A 66 52.29 13.18 6.03
N PRO A 67 51.09 12.74 5.58
CA PRO A 67 50.65 11.36 5.76
C PRO A 67 51.44 10.49 4.78
N ILE A 68 52.04 9.41 5.26
CA ILE A 68 52.83 8.55 4.39
C ILE A 68 52.51 7.06 4.55
N VAL A 69 52.41 6.36 3.44
CA VAL A 69 52.14 4.93 3.48
C VAL A 69 53.32 4.19 2.85
N LEU A 70 53.74 3.11 3.50
CA LEU A 70 54.85 2.29 3.03
C LEU A 70 54.42 0.86 2.81
N ARG A 71 55.02 0.21 1.82
CA ARG A 71 54.73 -1.18 1.51
C ARG A 71 56.03 -1.82 1.04
N ARG A 72 56.29 -3.05 1.49
CA ARG A 72 57.49 -3.77 1.08
C ARG A 72 57.06 -4.78 0.04
N VAL A 73 57.65 -4.72 -1.15
CA VAL A 73 57.33 -5.66 -2.21
C VAL A 73 58.64 -6.25 -2.74
N ASN A 74 58.73 -7.57 -2.72
CA ASN A 74 59.91 -8.28 -3.19
C ASN A 74 61.14 -7.75 -2.46
N GLY A 75 60.97 -7.53 -1.16
CA GLY A 75 62.08 -7.05 -0.34
C GLY A 75 62.32 -5.54 -0.36
N LYS A 76 61.75 -4.83 -1.34
CA LYS A 76 61.96 -3.39 -1.43
C LYS A 76 60.81 -2.59 -0.82
N VAL A 77 61.16 -1.50 -0.15
CA VAL A 77 60.18 -0.63 0.49
C VAL A 77 59.88 0.61 -0.36
N PHE A 78 58.60 0.90 -0.54
CA PHE A 78 58.17 2.08 -1.29
C PHE A 78 57.33 2.97 -0.36
N ALA A 79 57.41 4.28 -0.58
CA ALA A 79 56.66 5.24 0.23
C ALA A 79 55.92 6.25 -0.67
N LEU A 80 54.62 6.41 -0.42
CA LEU A 80 53.77 7.34 -1.18
C LEU A 80 52.95 8.16 -0.19
N LYS A 81 52.31 9.21 -0.67
CA LYS A 81 51.49 10.02 0.23
C LYS A 81 50.26 9.19 0.60
N ASP A 82 49.99 9.08 1.89
CA ASP A 82 48.86 8.30 2.36
C ASP A 82 47.58 9.13 2.23
N GLN A 83 47.26 9.49 0.99
CA GLN A 83 46.08 10.29 0.74
C GLN A 83 45.58 10.07 -0.67
N CYS A 84 44.47 9.36 -0.80
CA CYS A 84 43.93 9.11 -2.12
C CYS A 84 43.56 10.47 -2.72
N LEU A 85 44.01 10.74 -3.93
CA LEU A 85 43.72 12.02 -4.56
C LEU A 85 42.24 12.17 -4.95
N HIS A 86 41.48 11.08 -4.88
CA HIS A 86 40.07 11.16 -5.24
C HIS A 86 39.32 11.95 -4.17
N ARG A 87 39.13 11.32 -3.00
CA ARG A 87 38.42 11.99 -1.91
C ARG A 87 39.11 11.99 -0.55
N GLY A 88 40.44 11.96 -0.60
CA GLY A 88 41.28 12.05 0.58
C GLY A 88 41.33 11.04 1.69
N VAL A 89 40.94 9.79 1.46
CA VAL A 89 41.03 8.82 2.55
C VAL A 89 42.45 8.29 2.60
N ARG A 90 42.85 7.74 3.74
CA ARG A 90 44.19 7.18 3.88
C ARG A 90 44.16 5.77 3.27
N LEU A 91 45.10 5.54 2.37
CA LEU A 91 45.24 4.26 1.69
C LEU A 91 45.63 3.16 2.66
N SER A 92 46.33 3.54 3.73
CA SER A 92 46.82 2.59 4.73
C SER A 92 45.80 2.06 5.74
N GLU A 93 44.61 2.63 5.79
CA GLU A 93 43.62 2.15 6.75
C GLU A 93 43.11 0.75 6.45
N LYS A 94 43.01 0.42 5.17
CA LYS A 94 42.57 -0.92 4.77
C LYS A 94 43.42 -1.32 3.56
N PRO A 95 44.66 -1.77 3.81
CA PRO A 95 45.59 -2.18 2.76
C PRO A 95 44.92 -2.98 1.66
N THR A 96 45.00 -2.43 0.45
CA THR A 96 44.40 -3.05 -0.72
C THR A 96 45.35 -2.98 -1.91
N CYS A 97 46.09 -4.06 -2.15
CA CYS A 97 47.02 -4.13 -3.25
C CYS A 97 46.68 -5.33 -4.12
N PHE A 98 46.43 -5.09 -5.40
CA PHE A 98 46.07 -6.14 -6.33
C PHE A 98 47.24 -6.68 -7.14
N THR A 99 48.34 -5.93 -7.19
CA THR A 99 49.52 -6.36 -7.93
C THR A 99 50.76 -5.93 -7.18
N LYS A 100 51.90 -6.50 -7.57
CA LYS A 100 53.19 -6.20 -6.94
C LYS A 100 53.69 -4.79 -7.18
N SER A 101 53.20 -4.13 -8.22
CA SER A 101 53.67 -2.79 -8.54
C SER A 101 52.71 -1.65 -8.23
N THR A 102 51.62 -1.94 -7.53
CA THR A 102 50.66 -0.89 -7.22
C THR A 102 50.04 -0.99 -5.83
N ILE A 103 49.22 0.01 -5.51
CA ILE A 103 48.49 0.05 -4.26
C ILE A 103 47.21 0.78 -4.63
N SER A 104 46.08 0.25 -4.19
CA SER A 104 44.78 0.83 -4.51
C SER A 104 44.07 1.39 -3.31
N CYS A 105 43.13 2.30 -3.57
CA CYS A 105 42.32 2.87 -2.51
C CYS A 105 41.15 1.92 -2.37
N TRP A 106 40.93 1.43 -1.15
CA TRP A 106 39.85 0.49 -0.85
C TRP A 106 38.44 1.05 -1.02
N TYR A 107 38.34 2.37 -1.16
CA TYR A 107 37.03 3.01 -1.28
C TYR A 107 36.41 3.00 -2.68
N HIS A 108 37.02 3.70 -3.63
CA HIS A 108 36.46 3.71 -4.99
C HIS A 108 37.40 3.10 -6.03
N GLY A 109 38.46 2.45 -5.59
CA GLY A 109 39.35 1.81 -6.54
C GLY A 109 40.50 2.53 -7.22
N PHE A 110 40.73 3.81 -6.92
CA PHE A 110 41.84 4.51 -7.55
C PHE A 110 43.10 3.71 -7.26
N THR A 111 43.90 3.47 -8.30
CA THR A 111 45.10 2.65 -8.18
C THR A 111 46.37 3.41 -8.59
N PHE A 112 47.38 3.35 -7.74
CA PHE A 112 48.63 4.07 -7.99
C PHE A 112 49.86 3.19 -8.14
N ASP A 113 50.79 3.65 -8.97
CA ASP A 113 52.04 2.96 -9.23
C ASP A 113 52.98 3.24 -8.07
N LEU A 114 53.47 2.19 -7.41
CA LEU A 114 54.35 2.35 -6.26
C LEU A 114 55.61 3.16 -6.56
N GLU A 115 56.19 2.93 -7.73
CA GLU A 115 57.41 3.59 -8.16
C GLU A 115 57.26 5.07 -8.47
N THR A 116 56.24 5.42 -9.23
CA THR A 116 56.01 6.80 -9.65
C THR A 116 54.87 7.51 -8.95
N GLY A 117 53.95 6.75 -8.34
CA GLY A 117 52.82 7.35 -7.68
C GLY A 117 51.71 7.77 -8.63
N LYS A 118 51.91 7.50 -9.92
CA LYS A 118 50.93 7.86 -10.94
C LYS A 118 49.63 7.07 -10.83
N LEU A 119 48.53 7.72 -11.16
CA LEU A 119 47.22 7.07 -11.16
C LEU A 119 47.19 6.22 -12.43
N VAL A 120 47.44 4.92 -12.29
CA VAL A 120 47.46 4.04 -13.45
C VAL A 120 46.10 3.51 -13.89
N THR A 121 45.15 3.44 -12.97
CA THR A 121 43.80 2.99 -13.30
C THR A 121 42.83 3.16 -12.14
N ILE A 122 41.57 2.80 -12.38
CA ILE A 122 40.51 2.84 -11.38
C ILE A 122 39.78 1.51 -11.56
N VAL A 123 39.82 0.67 -10.53
CA VAL A 123 39.22 -0.65 -10.59
C VAL A 123 37.98 -0.81 -11.48
N ALA A 124 36.92 -0.08 -11.19
CA ALA A 124 35.68 -0.21 -11.97
C ALA A 124 35.37 0.97 -12.90
N ASN A 125 36.42 1.65 -13.35
CA ASN A 125 36.27 2.81 -14.25
C ASN A 125 37.63 2.98 -14.93
N PRO A 126 38.12 1.90 -15.57
CA PRO A 126 39.41 1.86 -16.27
C PRO A 126 39.63 2.83 -17.41
N GLU A 127 38.57 3.48 -17.89
CA GLU A 127 38.72 4.40 -19.01
C GLU A 127 38.51 5.87 -18.68
N ASP A 128 38.38 6.20 -17.40
CA ASP A 128 38.17 7.58 -17.02
C ASP A 128 39.30 8.45 -17.52
N LYS A 129 38.94 9.64 -18.01
CA LYS A 129 39.92 10.59 -18.53
C LYS A 129 40.92 11.11 -17.48
N LEU A 130 40.63 10.93 -16.20
CA LEU A 130 41.52 11.40 -15.16
C LEU A 130 42.76 10.52 -15.06
N ILE A 131 42.59 9.24 -15.41
CA ILE A 131 43.68 8.28 -15.32
C ILE A 131 44.93 8.71 -16.08
N GLY A 132 46.08 8.62 -15.43
CA GLY A 132 47.34 8.98 -16.05
C GLY A 132 47.63 10.48 -16.10
N THR A 133 46.67 11.31 -15.72
CA THR A 133 46.87 12.75 -15.75
C THR A 133 47.34 13.33 -14.41
N THR A 134 47.52 12.47 -13.41
CA THR A 134 47.96 12.91 -12.10
C THR A 134 48.39 11.70 -11.26
N GLY A 135 48.70 11.95 -9.98
CA GLY A 135 49.13 10.89 -9.09
C GLY A 135 49.44 11.43 -7.70
N VAL A 136 49.92 10.58 -6.80
CA VAL A 136 50.27 11.02 -5.46
C VAL A 136 51.79 11.14 -5.33
N THR A 137 52.23 11.96 -4.40
CA THR A 137 53.67 12.16 -4.20
C THR A 137 54.37 10.87 -3.75
N THR A 138 55.62 10.71 -4.16
CA THR A 138 56.41 9.54 -3.77
C THR A 138 57.52 10.07 -2.88
N TYR A 139 58.01 9.23 -1.97
CA TYR A 139 59.07 9.63 -1.07
C TYR A 139 60.25 8.67 -1.16
N PRO A 140 61.45 9.18 -1.43
CA PRO A 140 62.63 8.31 -1.52
C PRO A 140 62.80 7.51 -0.23
N VAL A 141 63.26 6.27 -0.36
CA VAL A 141 63.47 5.40 0.80
C VAL A 141 64.91 4.89 0.83
N HIS A 142 65.46 4.74 2.02
CA HIS A 142 66.82 4.24 2.18
C HIS A 142 66.78 3.35 3.42
N GLU A 143 66.71 2.04 3.20
CA GLU A 143 66.71 1.09 4.31
C GLU A 143 68.13 0.60 4.53
N VAL A 144 68.56 0.57 5.79
CA VAL A 144 69.92 0.13 6.11
C VAL A 144 70.05 -0.34 7.56
N ASN A 145 70.70 -1.48 7.74
CA ASN A 145 70.92 -2.07 9.04
C ASN A 145 69.75 -2.04 10.02
N GLY A 146 68.57 -2.42 9.54
CA GLY A 146 67.40 -2.46 10.40
C GLY A 146 66.55 -1.21 10.51
N MET A 147 66.91 -0.18 9.75
CA MET A 147 66.15 1.06 9.79
C MET A 147 65.72 1.51 8.41
N ILE A 148 64.46 1.95 8.33
CA ILE A 148 63.89 2.43 7.08
C ILE A 148 63.81 3.95 7.17
N PHE A 149 64.64 4.64 6.38
CA PHE A 149 64.63 6.08 6.35
C PHE A 149 63.81 6.54 5.14
N VAL A 150 63.11 7.65 5.31
CA VAL A 150 62.31 8.19 4.24
C VAL A 150 62.65 9.66 4.10
N PHE A 151 62.73 10.13 2.85
CA PHE A 151 63.03 11.53 2.59
C PHE A 151 61.70 12.21 2.46
N VAL A 152 61.29 12.92 3.52
CA VAL A 152 60.01 13.62 3.52
C VAL A 152 60.19 14.96 2.82
N ARG A 153 59.52 15.11 1.68
CA ARG A 153 59.66 16.31 0.87
C ARG A 153 58.34 16.92 0.45
N GLU A 154 58.41 18.17 0.00
CA GLU A 154 57.25 18.89 -0.50
C GLU A 154 56.92 18.26 -1.84
N ASP A 155 55.67 18.40 -2.25
CA ASP A 155 55.21 17.85 -3.52
C ASP A 155 56.03 18.24 -4.75
N ASP A 156 56.61 19.43 -4.74
CA ASP A 156 57.39 19.88 -5.90
C ASP A 156 58.92 19.76 -5.78
N PHE A 157 59.41 19.11 -4.73
CA PHE A 157 60.86 18.95 -4.58
C PHE A 157 61.33 17.94 -5.63
N PRO A 158 62.27 18.33 -6.51
CA PRO A 158 62.81 17.48 -7.58
C PRO A 158 63.54 16.22 -7.12
N ASP A 159 63.30 15.12 -7.82
CA ASP A 159 63.97 13.87 -7.52
C ASP A 159 65.48 14.07 -7.58
N GLU A 160 65.93 14.73 -8.65
CA GLU A 160 67.35 14.98 -8.85
C GLU A 160 68.01 15.82 -7.77
N ASP A 161 67.21 16.43 -6.90
CA ASP A 161 67.77 17.26 -5.82
C ASP A 161 67.82 16.51 -4.49
N VAL A 162 67.30 15.29 -4.45
CA VAL A 162 67.33 14.52 -3.22
C VAL A 162 68.78 14.22 -2.85
N PRO A 163 69.20 14.63 -1.65
CA PRO A 163 70.58 14.40 -1.19
C PRO A 163 70.79 13.02 -0.58
N PRO A 164 72.05 12.61 -0.42
CA PRO A 164 72.28 11.29 0.18
C PRO A 164 71.91 11.30 1.67
N LEU A 165 71.45 10.15 2.15
CA LEU A 165 71.05 10.00 3.54
C LEU A 165 72.11 10.51 4.51
N ALA A 166 73.38 10.27 4.20
CA ALA A 166 74.48 10.67 5.06
C ALA A 166 74.50 12.16 5.38
N HIS A 167 73.95 12.98 4.49
CA HIS A 167 73.92 14.42 4.74
C HIS A 167 73.00 14.78 5.88
N ASP A 168 72.04 13.91 6.17
CA ASP A 168 71.09 14.13 7.26
C ASP A 168 71.29 13.17 8.43
N LEU A 169 72.52 12.66 8.56
CA LEU A 169 72.90 11.76 9.66
C LEU A 169 74.12 12.37 10.35
N PRO A 170 74.34 12.06 11.64
CA PRO A 170 75.48 12.61 12.38
C PRO A 170 76.83 12.36 11.72
N PHE A 171 77.82 13.19 12.08
CA PHE A 171 79.18 13.07 11.56
C PHE A 171 79.71 11.65 11.77
N ARG A 172 80.48 11.14 10.81
CA ARG A 172 80.99 9.79 10.91
C ARG A 172 82.44 9.68 11.35
N PHE A 173 82.74 8.60 12.05
CA PHE A 173 84.09 8.30 12.50
C PHE A 173 84.39 6.87 12.02
N PRO A 174 85.67 6.56 11.80
CA PRO A 174 86.84 7.43 11.97
C PRO A 174 87.02 8.52 10.91
N GLU A 175 86.14 8.52 9.91
CA GLU A 175 86.23 9.52 8.84
C GLU A 175 86.57 10.92 9.33
N ARG A 176 85.91 11.35 10.40
CA ARG A 176 86.14 12.70 10.93
C ARG A 176 86.88 12.75 12.25
N SER A 177 87.63 11.70 12.57
CA SER A 177 88.39 11.67 13.81
C SER A 177 89.42 12.78 13.88
N GLU A 178 89.96 13.18 12.71
CA GLU A 178 90.95 14.25 12.68
C GLU A 178 90.29 15.59 12.93
N GLN A 179 89.09 15.77 12.34
CA GLN A 179 88.34 17.02 12.49
C GLN A 179 87.82 17.16 13.92
N PHE A 180 87.35 16.06 14.48
CA PHE A 180 86.83 16.06 15.85
C PHE A 180 87.60 15.05 16.71
N PRO A 181 88.84 15.40 17.08
CA PRO A 181 89.70 14.53 17.90
C PRO A 181 89.00 13.97 19.15
N HIS A 182 89.19 12.67 19.41
CA HIS A 182 88.59 12.01 20.56
C HIS A 182 89.57 11.02 21.18
N PRO A 183 90.68 11.53 21.76
CA PRO A 183 91.70 10.68 22.38
C PRO A 183 91.20 9.79 23.53
N LEU A 184 90.09 10.18 24.16
CA LEU A 184 89.58 9.44 25.30
C LEU A 184 88.63 8.27 25.02
N TRP A 185 88.38 7.98 23.74
CA TRP A 185 87.50 6.87 23.39
C TRP A 185 87.56 6.45 21.92
N PRO A 186 87.31 5.16 21.64
CA PRO A 186 87.35 4.67 20.26
C PRO A 186 86.22 5.28 19.43
N SER A 187 86.37 5.25 18.11
CA SER A 187 85.38 5.82 17.21
C SER A 187 83.97 5.22 17.29
N SER A 188 82.98 6.10 17.30
CA SER A 188 81.58 5.67 17.36
C SER A 188 81.15 5.23 15.97
N PRO A 189 80.47 4.08 15.87
CA PRO A 189 80.01 3.58 14.58
C PRO A 189 78.79 4.34 14.08
N SER A 190 78.51 4.21 12.79
CA SER A 190 77.36 4.87 12.18
C SER A 190 76.35 3.81 11.78
N VAL A 191 75.11 4.21 11.59
CA VAL A 191 74.08 3.28 11.18
C VAL A 191 74.43 2.81 9.76
N LEU A 192 75.24 3.61 9.08
CA LEU A 192 75.65 3.32 7.70
C LEU A 192 76.77 2.30 7.62
N ASP A 193 77.52 2.12 8.69
CA ASP A 193 78.64 1.17 8.72
C ASP A 193 78.23 -0.29 8.48
N ASP A 194 79.11 -1.04 7.82
CA ASP A 194 78.84 -2.45 7.56
C ASP A 194 78.83 -3.19 8.90
N ASN A 195 77.91 -4.14 9.05
CA ASN A 195 77.81 -4.92 10.28
C ASN A 195 77.39 -4.11 11.50
N ALA A 196 76.91 -2.89 11.28
CA ALA A 196 76.45 -2.08 12.40
C ALA A 196 75.09 -2.65 12.81
N VAL A 197 74.93 -2.92 14.09
CA VAL A 197 73.67 -3.46 14.60
C VAL A 197 72.94 -2.41 15.41
N VAL A 198 71.63 -2.29 15.16
CA VAL A 198 70.81 -1.32 15.85
C VAL A 198 69.82 -1.96 16.83
N HIS A 199 69.73 -1.39 18.02
CA HIS A 199 68.81 -1.85 19.04
C HIS A 199 68.19 -0.60 19.65
N GLY A 200 66.87 -0.55 19.73
CA GLY A 200 66.22 0.61 20.29
C GLY A 200 64.73 0.60 20.07
N MET A 201 64.13 1.78 20.16
CA MET A 201 62.70 1.89 20.01
C MET A 201 62.31 3.32 19.69
N HIS A 202 61.07 3.49 19.27
CA HIS A 202 60.56 4.82 19.02
C HIS A 202 59.15 4.84 19.61
N ARG A 203 58.77 5.96 20.20
CA ARG A 203 57.44 6.09 20.79
C ARG A 203 56.99 7.52 20.55
N THR A 204 55.68 7.73 20.55
CA THR A 204 55.14 9.06 20.34
C THR A 204 55.36 9.97 21.55
N GLY A 205 55.85 11.17 21.27
CA GLY A 205 56.10 12.14 22.31
C GLY A 205 55.01 13.19 22.28
N PHE A 206 54.62 13.67 23.45
CA PHE A 206 53.55 14.65 23.51
C PHE A 206 54.10 16.05 23.72
N GLY A 207 54.08 16.82 22.63
CA GLY A 207 54.58 18.18 22.63
C GLY A 207 55.38 18.38 21.34
N ASN A 208 55.70 19.63 21.05
CA ASN A 208 56.45 19.99 19.84
C ASN A 208 57.84 19.35 19.77
N TRP A 209 58.28 19.03 18.55
CA TRP A 209 59.57 18.41 18.33
C TRP A 209 60.80 19.21 18.74
N ARG A 210 60.77 20.52 18.53
CA ARG A 210 61.91 21.38 18.87
C ARG A 210 62.28 21.34 20.34
N ILE A 211 61.28 21.49 21.21
CA ILE A 211 61.50 21.46 22.63
C ILE A 211 62.03 20.10 23.10
N ALA A 212 61.64 19.03 22.41
CA ALA A 212 62.10 17.70 22.77
C ALA A 212 63.55 17.53 22.35
N CYS A 213 63.85 18.00 21.15
CA CYS A 213 65.19 17.93 20.57
C CYS A 213 66.30 18.66 21.34
N GLU A 214 66.02 19.88 21.79
CA GLU A 214 67.04 20.68 22.49
C GLU A 214 67.54 20.11 23.82
N ASN A 215 66.76 19.23 24.42
CA ASN A 215 67.12 18.61 25.69
C ASN A 215 68.40 17.78 25.65
N GLY A 216 68.51 16.89 24.67
CA GLY A 216 69.64 15.99 24.56
C GLY A 216 71.07 16.50 24.58
N PHE A 217 71.32 17.66 23.98
CA PHE A 217 72.68 18.19 23.95
C PHE A 217 72.88 19.41 24.86
N ASP A 218 72.00 19.55 25.85
CA ASP A 218 72.08 20.65 26.80
C ASP A 218 72.89 20.16 27.99
N ASN A 219 74.04 20.77 28.24
CA ASN A 219 74.91 20.35 29.32
C ASN A 219 74.55 20.80 30.71
N ALA A 220 73.42 21.48 30.85
CA ALA A 220 72.97 21.95 32.15
C ALA A 220 71.82 21.05 32.61
N HIS A 221 71.24 20.31 31.66
CA HIS A 221 70.11 19.45 31.96
C HIS A 221 70.46 18.13 32.63
N ILE A 222 71.73 17.74 32.60
CA ILE A 222 72.12 16.46 33.21
C ILE A 222 71.76 16.36 34.69
N LEU A 223 71.35 17.49 35.28
CA LEU A 223 70.94 17.49 36.67
C LEU A 223 69.73 16.54 36.82
N VAL A 224 68.96 16.42 35.74
CA VAL A 224 67.76 15.58 35.70
C VAL A 224 68.08 14.10 36.00
N HIS A 225 69.32 13.70 35.74
CA HIS A 225 69.74 12.32 35.95
C HIS A 225 70.46 12.04 37.27
N LYS A 226 70.59 13.05 38.12
CA LYS A 226 71.29 12.90 39.39
C LYS A 226 70.87 11.65 40.18
N ASP A 227 69.59 11.28 40.10
CA ASP A 227 69.09 10.14 40.85
C ASP A 227 68.86 8.84 40.06
N ASN A 228 69.20 8.82 38.77
CA ASN A 228 68.99 7.61 37.98
C ASN A 228 69.74 6.43 38.57
N THR A 229 69.10 5.27 38.54
CA THR A 229 69.68 4.06 39.10
C THR A 229 71.01 3.66 38.50
N ILE A 230 71.15 3.76 37.18
CA ILE A 230 72.40 3.38 36.53
C ILE A 230 73.58 4.22 37.02
N VAL A 231 73.33 5.50 37.29
CA VAL A 231 74.38 6.37 37.76
C VAL A 231 74.99 5.85 39.07
N HIS A 232 74.15 5.39 39.99
CA HIS A 232 74.64 4.90 41.26
C HIS A 232 75.07 3.44 41.26
N ALA A 233 74.54 2.67 40.30
CA ALA A 233 74.91 1.26 40.20
C ALA A 233 76.30 1.17 39.57
N MET A 234 76.57 2.06 38.62
CA MET A 234 77.85 2.09 37.93
C MET A 234 78.80 3.00 38.68
N ASP A 235 78.28 3.69 39.69
CA ASP A 235 79.08 4.62 40.49
C ASP A 235 79.80 5.55 39.54
N TRP A 236 79.09 5.98 38.49
CA TRP A 236 79.68 6.87 37.52
C TRP A 236 80.12 8.16 38.17
N VAL A 237 80.49 9.10 37.29
CA VAL A 237 80.89 10.44 37.65
C VAL A 237 80.11 11.44 36.78
N LEU A 238 78.82 11.56 37.07
CA LEU A 238 77.96 12.49 36.34
C LEU A 238 77.92 13.83 37.07
N PRO A 239 78.62 14.85 36.54
CA PRO A 239 78.63 16.16 37.18
C PRO A 239 77.26 16.81 37.20
N LEU A 240 77.10 17.81 38.08
CA LEU A 240 75.85 18.54 38.21
C LEU A 240 75.53 19.21 36.87
N GLY A 241 76.58 19.56 36.13
CA GLY A 241 76.43 20.20 34.84
C GLY A 241 77.80 20.59 34.30
N LEU A 242 77.84 21.06 33.06
CA LEU A 242 79.09 21.49 32.43
C LEU A 242 78.96 22.97 32.08
N LEU A 243 80.08 23.68 32.06
CA LEU A 243 80.08 25.11 31.74
C LEU A 243 81.03 25.44 30.61
N PRO A 244 80.59 26.28 29.66
CA PRO A 244 81.43 26.66 28.52
C PRO A 244 82.50 27.63 29.04
N THR A 245 83.75 27.47 28.60
CA THR A 245 84.83 28.34 29.07
C THR A 245 85.36 29.26 27.96
N SER A 246 84.98 28.98 26.72
CA SER A 246 85.45 29.79 25.59
C SER A 246 84.36 29.91 24.54
N ASP A 247 84.54 30.86 23.63
CA ASP A 247 83.56 31.10 22.57
C ASP A 247 83.53 29.99 21.53
N ASP A 248 84.61 29.23 21.44
CA ASP A 248 84.68 28.16 20.47
C ASP A 248 84.43 26.78 21.06
N CYS A 249 83.70 26.74 22.18
CA CYS A 249 83.39 25.47 22.85
C CYS A 249 82.55 24.57 21.96
N ILE A 250 81.97 25.16 20.91
CA ILE A 250 81.15 24.40 19.96
C ILE A 250 81.64 24.70 18.55
N ALA A 251 81.84 23.65 17.76
CA ALA A 251 82.28 23.82 16.39
C ALA A 251 81.08 23.65 15.47
N VAL A 252 80.78 24.69 14.68
CA VAL A 252 79.66 24.64 13.75
C VAL A 252 80.16 24.19 12.38
N VAL A 253 79.61 23.10 11.87
CA VAL A 253 80.02 22.58 10.57
C VAL A 253 78.92 22.77 9.54
N GLU A 254 79.27 23.37 8.41
CA GLU A 254 78.29 23.63 7.37
C GLU A 254 78.86 23.54 5.96
N ASP A 255 79.62 22.49 5.70
CA ASP A 255 80.21 22.27 4.39
C ASP A 255 79.21 21.58 3.48
N ASP A 256 79.11 22.05 2.24
CA ASP A 256 78.17 21.51 1.26
C ASP A 256 78.06 19.99 1.27
N ASP A 257 79.18 19.30 1.09
CA ASP A 257 79.15 17.84 1.10
C ASP A 257 79.33 17.36 2.52
N GLY A 258 78.22 16.99 3.16
CA GLY A 258 78.28 16.51 4.52
C GLY A 258 77.16 17.08 5.38
N PRO A 259 77.00 16.57 6.61
CA PRO A 259 75.97 17.03 7.55
C PRO A 259 76.13 18.47 7.95
N LYS A 260 75.02 19.11 8.30
CA LYS A 260 75.03 20.48 8.77
C LYS A 260 74.69 20.41 10.26
N GLY A 261 75.63 20.76 11.11
CA GLY A 261 75.37 20.70 12.54
C GLY A 261 76.47 21.30 13.38
N MET A 262 76.59 20.81 14.61
CA MET A 262 77.59 21.31 15.53
C MET A 262 78.15 20.18 16.41
N MET A 263 79.41 20.32 16.79
CA MET A 263 80.09 19.36 17.64
C MET A 263 80.51 20.07 18.93
N GLN A 264 80.12 19.53 20.07
CA GLN A 264 80.48 20.14 21.34
C GLN A 264 81.77 19.49 21.84
N TRP A 265 82.76 20.33 22.17
CA TRP A 265 84.05 19.83 22.63
C TRP A 265 84.04 19.40 24.09
N LEU A 266 83.22 18.40 24.40
CA LEU A 266 83.14 17.90 25.76
C LEU A 266 84.46 17.20 26.12
N PHE A 267 84.80 17.25 27.40
CA PHE A 267 86.02 16.63 27.90
C PHE A 267 87.30 17.23 27.33
N THR A 268 87.32 18.56 27.28
CA THR A 268 88.47 19.38 26.87
C THR A 268 88.25 20.58 27.80
N ASP A 269 89.18 21.54 27.83
CA ASP A 269 88.96 22.68 28.72
C ASP A 269 87.85 23.62 28.28
N LYS A 270 87.33 23.41 27.08
CA LYS A 270 86.26 24.28 26.60
C LYS A 270 84.96 24.05 27.35
N TRP A 271 84.87 22.93 28.04
CA TRP A 271 83.70 22.59 28.86
C TRP A 271 84.17 22.07 30.22
N ALA A 272 84.00 22.91 31.24
CA ALA A 272 84.42 22.56 32.59
C ALA A 272 83.30 21.92 33.39
N PRO A 273 83.53 20.71 33.92
CA PRO A 273 82.51 20.02 34.70
C PRO A 273 82.33 20.61 36.09
N VAL A 274 81.10 20.57 36.57
CA VAL A 274 80.76 21.07 37.91
C VAL A 274 80.30 19.85 38.71
N LEU A 275 81.17 19.35 39.60
CA LEU A 275 80.84 18.18 40.40
C LEU A 275 80.35 18.49 41.81
N GLU A 276 80.18 19.77 42.14
CA GLU A 276 79.75 20.10 43.49
C GLU A 276 79.19 21.50 43.69
N ASN A 277 78.33 21.62 44.70
CA ASN A 277 77.75 22.88 45.12
C ASN A 277 77.52 22.75 46.61
N GLN A 278 78.56 23.10 47.37
CA GLN A 278 78.55 23.05 48.83
C GLN A 278 77.39 23.84 49.41
N GLU A 279 77.12 24.99 48.81
CA GLU A 279 76.05 25.88 49.26
C GLU A 279 74.68 25.21 49.31
N LEU A 280 74.46 24.27 48.41
CA LEU A 280 73.19 23.56 48.34
C LEU A 280 73.37 22.12 48.84
N GLY A 281 74.58 21.82 49.32
CA GLY A 281 74.87 20.49 49.82
C GLY A 281 74.90 19.39 48.78
N LEU A 282 75.37 19.71 47.58
CA LEU A 282 75.44 18.72 46.51
C LEU A 282 76.88 18.36 46.20
N LYS A 283 77.12 17.08 45.90
CA LYS A 283 78.47 16.60 45.58
C LYS A 283 78.41 15.26 44.84
N VAL A 284 78.91 15.24 43.61
CA VAL A 284 78.92 14.03 42.79
C VAL A 284 80.02 13.10 43.32
N GLU A 285 79.63 12.01 43.98
CA GLU A 285 80.57 11.03 44.55
C GLU A 285 80.65 9.82 43.62
N GLY A 286 81.58 9.88 42.68
CA GLY A 286 81.72 8.79 41.73
C GLY A 286 83.15 8.67 41.32
N LEU A 287 83.61 7.44 41.09
CA LEU A 287 85.00 7.23 40.73
C LEU A 287 85.13 6.59 39.35
N LYS A 288 84.03 6.06 38.83
CA LYS A 288 84.03 5.45 37.52
C LYS A 288 83.90 6.56 36.46
N GLY A 289 84.97 6.78 35.73
CA GLY A 289 84.95 7.81 34.71
C GLY A 289 83.95 7.48 33.62
N ARG A 290 83.26 8.49 33.13
CA ARG A 290 82.26 8.32 32.08
C ARG A 290 82.51 9.40 31.01
N HIS A 291 83.21 9.02 29.94
CA HIS A 291 83.53 9.94 28.86
C HIS A 291 82.56 9.79 27.69
N TYR A 292 82.07 10.92 27.20
CA TYR A 292 81.12 10.91 26.09
C TYR A 292 81.12 12.29 25.44
N ARG A 293 80.49 12.40 24.28
CA ARG A 293 80.44 13.66 23.57
C ARG A 293 79.16 13.77 22.73
N THR A 294 78.50 14.93 22.81
CA THR A 294 77.27 15.14 22.07
C THR A 294 77.41 16.11 20.90
N SER A 295 76.65 15.84 19.85
CA SER A 295 76.62 16.65 18.64
C SER A 295 75.22 16.54 18.08
N VAL A 296 74.80 17.52 17.29
CA VAL A 296 73.48 17.49 16.68
C VAL A 296 73.55 18.04 15.26
N VAL A 297 72.81 17.42 14.35
CA VAL A 297 72.77 17.83 12.95
C VAL A 297 71.32 17.89 12.45
N LEU A 298 71.08 18.69 11.41
CA LEU A 298 69.75 18.77 10.83
C LEU A 298 69.37 17.39 10.30
N PRO A 299 68.08 17.03 10.33
CA PRO A 299 66.93 17.81 10.82
C PRO A 299 66.74 17.84 12.34
N GLY A 300 67.74 17.36 13.07
CA GLY A 300 67.66 17.33 14.52
C GLY A 300 67.99 15.93 15.02
N VAL A 301 69.20 15.49 14.71
CA VAL A 301 69.67 14.17 15.11
C VAL A 301 70.81 14.29 16.10
N LEU A 302 70.62 13.67 17.26
CA LEU A 302 71.63 13.69 18.32
C LEU A 302 72.52 12.47 18.28
N MET A 303 73.79 12.67 18.54
CA MET A 303 74.75 11.58 18.60
C MET A 303 75.47 11.71 19.94
N VAL A 304 75.53 10.61 20.68
CA VAL A 304 76.20 10.61 21.96
C VAL A 304 77.32 9.57 21.86
N GLU A 305 78.51 10.03 21.50
CA GLU A 305 79.66 9.14 21.34
C GLU A 305 80.05 8.49 22.66
N ASN A 306 80.51 7.24 22.57
CA ASN A 306 80.96 6.47 23.71
C ASN A 306 79.88 6.35 24.80
N TRP A 307 78.66 6.05 24.38
CA TRP A 307 77.55 5.89 25.33
C TRP A 307 76.68 4.69 24.99
N PRO A 308 76.35 3.86 25.98
CA PRO A 308 76.75 4.00 27.39
C PRO A 308 78.12 3.41 27.73
N GLU A 309 78.76 2.77 26.75
CA GLU A 309 80.06 2.15 26.93
C GLU A 309 80.90 2.29 25.66
N GLU A 310 82.16 1.89 25.74
CA GLU A 310 83.05 1.97 24.58
C GLU A 310 82.53 1.15 23.42
N HIS A 311 82.71 1.68 22.21
CA HIS A 311 82.29 1.02 20.98
C HIS A 311 80.77 1.08 20.76
N VAL A 312 80.04 1.64 21.72
CA VAL A 312 78.60 1.77 21.57
C VAL A 312 78.26 3.25 21.47
N VAL A 313 77.29 3.60 20.63
CA VAL A 313 76.89 4.99 20.46
C VAL A 313 75.37 5.11 20.52
N GLN A 314 74.88 6.24 21.03
CA GLN A 314 73.44 6.45 21.11
C GLN A 314 72.99 7.55 20.15
N TYR A 315 71.94 7.27 19.38
CA TYR A 315 71.40 8.24 18.44
C TYR A 315 69.94 8.49 18.81
N GLU A 316 69.50 9.74 18.70
CA GLU A 316 68.11 10.06 18.99
C GLU A 316 67.56 10.97 17.91
N TRP A 317 66.28 10.79 17.60
CA TRP A 317 65.58 11.62 16.61
C TRP A 317 64.34 12.10 17.31
N TYR A 318 63.79 13.21 16.84
CA TYR A 318 62.58 13.81 17.40
C TYR A 318 61.85 14.23 16.14
N VAL A 319 61.25 13.24 15.48
CA VAL A 319 60.55 13.43 14.23
C VAL A 319 59.20 14.12 14.38
N PRO A 320 59.03 15.27 13.74
CA PRO A 320 57.74 15.93 13.89
C PRO A 320 56.63 15.12 13.22
N ILE A 321 55.51 15.00 13.93
CA ILE A 321 54.35 14.30 13.39
C ILE A 321 53.37 15.42 13.01
N THR A 322 52.97 16.20 14.01
CA THR A 322 52.12 17.37 13.79
C THR A 322 52.93 18.46 14.48
N ASP A 323 52.33 19.62 14.73
CA ASP A 323 53.07 20.68 15.37
C ASP A 323 53.11 20.53 16.90
N ASP A 324 52.42 19.53 17.43
CA ASP A 324 52.48 19.33 18.88
C ASP A 324 52.71 17.89 19.32
N THR A 325 53.15 17.04 18.38
CA THR A 325 53.50 15.65 18.68
C THR A 325 54.72 15.31 17.82
N HIS A 326 55.53 14.38 18.30
CA HIS A 326 56.71 13.96 17.56
C HIS A 326 56.98 12.50 17.87
N GLU A 327 57.74 11.83 17.02
CA GLU A 327 58.07 10.45 17.28
C GLU A 327 59.51 10.45 17.77
N TYR A 328 59.68 10.09 19.04
CA TYR A 328 61.00 10.05 19.68
C TYR A 328 61.70 8.72 19.44
N TRP A 329 62.85 8.75 18.78
CA TRP A 329 63.64 7.55 18.49
C TRP A 329 64.84 7.49 19.41
N GLU A 330 65.13 6.30 19.89
CA GLU A 330 66.23 6.08 20.82
C GLU A 330 66.91 4.76 20.44
N ILE A 331 68.11 4.83 19.87
CA ILE A 331 68.81 3.61 19.48
C ILE A 331 70.28 3.57 19.91
N LEU A 332 70.80 2.35 20.05
CA LEU A 332 72.19 2.13 20.42
C LEU A 332 72.77 1.35 19.26
N VAL A 333 73.96 1.73 18.82
CA VAL A 333 74.59 1.06 17.69
C VAL A 333 75.96 0.52 18.09
N ARG A 334 76.30 -0.61 17.51
CA ARG A 334 77.60 -1.26 17.73
C ARG A 334 77.87 -2.14 16.53
N VAL A 335 79.11 -2.12 16.05
CA VAL A 335 79.46 -2.95 14.91
C VAL A 335 79.71 -4.37 15.44
N CYS A 336 78.96 -5.32 14.89
CA CYS A 336 79.06 -6.72 15.29
C CYS A 336 79.32 -7.56 14.03
N PRO A 337 80.60 -7.87 13.77
CA PRO A 337 81.05 -8.65 12.60
C PRO A 337 80.61 -10.11 12.60
N THR A 338 80.60 -10.73 13.77
CA THR A 338 80.23 -12.14 13.88
C THR A 338 78.92 -12.40 14.62
N ASP A 339 78.37 -13.59 14.37
CA ASP A 339 77.13 -14.03 15.00
C ASP A 339 77.32 -13.96 16.51
N GLU A 340 78.53 -14.28 16.96
CA GLU A 340 78.89 -14.26 18.37
C GLU A 340 78.80 -12.84 18.93
N ASP A 341 79.28 -11.88 18.12
CA ASP A 341 79.27 -10.48 18.51
C ASP A 341 77.84 -9.98 18.65
N ARG A 342 76.99 -10.36 17.70
CA ARG A 342 75.59 -9.94 17.72
C ARG A 342 74.87 -10.44 18.97
N LYS A 343 75.13 -11.68 19.35
CA LYS A 343 74.47 -12.25 20.53
C LYS A 343 74.89 -11.51 21.79
N LYS A 344 76.17 -11.15 21.88
CA LYS A 344 76.68 -10.43 23.04
C LYS A 344 76.00 -9.07 23.15
N PHE A 345 75.87 -8.38 22.00
CA PHE A 345 75.25 -7.06 21.97
C PHE A 345 73.77 -7.16 22.33
N GLN A 346 73.10 -8.15 21.77
CA GLN A 346 71.69 -8.38 22.03
C GLN A 346 71.47 -8.64 23.52
N TYR A 347 72.33 -9.48 24.09
CA TYR A 347 72.24 -9.83 25.50
C TYR A 347 72.43 -8.63 26.42
N ARG A 348 73.46 -7.84 26.14
CA ARG A 348 73.75 -6.68 26.96
C ARG A 348 72.67 -5.61 26.81
N TYR A 349 72.03 -5.57 25.64
CA TYR A 349 70.97 -4.61 25.41
C TYR A 349 69.77 -5.04 26.26
N ASP A 350 69.39 -6.30 26.11
CA ASP A 350 68.26 -6.88 26.82
C ASP A 350 68.32 -6.79 28.33
N HIS A 351 69.48 -7.14 28.90
CA HIS A 351 69.61 -7.16 30.35
C HIS A 351 70.37 -6.00 30.97
N MET A 352 70.67 -4.98 30.18
CA MET A 352 71.41 -3.86 30.73
C MET A 352 71.01 -2.53 30.11
N TYR A 353 71.36 -2.32 28.84
CA TYR A 353 71.06 -1.06 28.17
C TYR A 353 69.58 -0.68 28.14
N LYS A 354 68.73 -1.59 27.71
CA LYS A 354 67.31 -1.28 27.64
C LYS A 354 66.68 -0.89 28.97
N PRO A 355 66.81 -1.75 30.00
CA PRO A 355 66.20 -1.41 31.28
C PRO A 355 66.81 -0.26 32.07
N LEU A 356 68.14 -0.12 32.02
CA LEU A 356 68.80 0.95 32.77
C LEU A 356 69.14 2.23 32.00
N CYS A 357 69.30 2.10 30.67
CA CYS A 357 69.65 3.27 29.86
C CYS A 357 68.50 3.87 29.05
N LEU A 358 67.94 3.10 28.12
CA LEU A 358 66.84 3.63 27.30
C LEU A 358 65.65 3.90 28.20
N HIS A 359 65.46 3.03 29.19
CA HIS A 359 64.40 3.21 30.18
C HIS A 359 65.19 3.55 31.44
N GLY A 360 64.63 4.35 32.33
CA GLY A 360 65.37 4.69 33.52
C GLY A 360 66.11 5.99 33.30
N PHE A 361 67.27 5.92 32.65
CA PHE A 361 68.04 7.13 32.39
C PHE A 361 67.27 8.10 31.49
N ASN A 362 66.91 7.65 30.29
CA ASN A 362 66.20 8.52 29.36
C ASN A 362 64.73 8.79 29.66
N ASP A 363 64.11 7.97 30.50
CA ASP A 363 62.71 8.20 30.83
C ASP A 363 62.59 9.56 31.53
N SER A 364 63.63 9.94 32.27
CA SER A 364 63.64 11.23 32.97
C SER A 364 63.53 12.37 31.97
N ASP A 365 64.14 12.21 30.80
CA ASP A 365 64.10 13.22 29.74
C ASP A 365 62.70 13.33 29.14
N LEU A 366 62.01 12.20 29.09
CA LEU A 366 60.66 12.14 28.55
C LEU A 366 59.77 13.18 29.23
N TYR A 367 59.74 13.12 30.56
CA TYR A 367 58.92 14.03 31.34
C TYR A 367 59.46 15.45 31.41
N ALA A 368 60.79 15.59 31.38
CA ALA A 368 61.40 16.92 31.41
C ALA A 368 60.97 17.70 30.18
N ARG A 369 61.02 17.06 29.01
CA ARG A 369 60.64 17.69 27.74
C ARG A 369 59.17 18.07 27.76
N GLU A 370 58.34 17.17 28.26
CA GLU A 370 56.91 17.42 28.33
C GLU A 370 56.58 18.62 29.21
N ALA A 371 57.22 18.71 30.37
CA ALA A 371 56.95 19.80 31.31
C ALA A 371 57.28 21.20 30.80
N MET A 372 58.03 21.28 29.69
CA MET A 372 58.44 22.55 29.12
C MET A 372 57.54 23.00 27.96
N GLN A 373 56.76 22.07 27.42
CA GLN A 373 55.91 22.35 26.27
C GLN A 373 54.85 23.44 26.40
N ASN A 374 54.17 23.52 27.54
CA ASN A 374 53.13 24.55 27.75
C ASN A 374 53.64 25.99 27.65
N PHE A 375 54.89 26.20 28.05
CA PHE A 375 55.49 27.53 28.00
C PHE A 375 55.68 28.02 26.56
N TYR A 376 55.96 27.08 25.66
CA TYR A 376 56.23 27.41 24.27
C TYR A 376 55.12 27.28 23.23
N TYR A 377 54.19 26.35 23.41
CA TYR A 377 53.18 26.16 22.38
C TYR A 377 52.46 27.37 21.84
N ASP A 378 51.95 28.24 22.72
CA ASP A 378 51.25 29.42 22.25
C ASP A 378 52.19 30.55 21.84
N GLY A 379 53.49 30.24 21.82
CA GLY A 379 54.49 31.21 21.40
C GLY A 379 55.20 31.99 22.50
N THR A 380 54.63 31.98 23.70
CA THR A 380 55.19 32.73 24.83
C THR A 380 56.67 32.43 25.08
N GLY A 381 57.00 31.15 25.26
CA GLY A 381 58.36 30.76 25.55
C GLY A 381 59.42 31.18 24.56
N TRP A 382 59.08 31.17 23.27
CA TRP A 382 60.06 31.55 22.24
C TRP A 382 60.55 33.00 22.38
N ASP A 383 59.77 33.83 23.08
CA ASP A 383 60.12 35.22 23.31
C ASP A 383 60.52 35.50 24.76
N ASP A 384 59.76 34.92 25.70
CA ASP A 384 59.98 35.16 27.13
C ASP A 384 60.96 34.30 27.90
N GLU A 385 61.45 33.21 27.29
CA GLU A 385 62.42 32.37 27.97
C GLU A 385 63.62 33.25 28.36
N GLN A 386 64.27 32.93 29.48
CA GLN A 386 65.44 33.70 29.90
C GLN A 386 66.64 32.78 29.96
N LEU A 387 67.29 32.64 28.81
CA LEU A 387 68.45 31.77 28.64
C LEU A 387 69.71 32.32 29.29
N VAL A 388 70.62 31.40 29.62
CA VAL A 388 71.87 31.75 30.25
C VAL A 388 73.08 31.18 29.51
N ALA A 389 74.26 31.27 30.13
CA ALA A 389 75.49 30.81 29.51
C ALA A 389 75.48 29.41 28.91
N THR A 390 74.93 28.45 29.65
CA THR A 390 74.88 27.08 29.16
C THR A 390 73.97 26.92 27.94
N ASP A 391 73.13 27.92 27.69
CA ASP A 391 72.22 27.84 26.56
C ASP A 391 72.87 28.16 25.23
N ILE A 392 74.19 28.29 25.25
CA ILE A 392 74.95 28.54 24.02
C ILE A 392 74.68 27.35 23.11
N SER A 393 74.40 26.20 23.73
CA SER A 393 74.13 24.97 22.97
C SER A 393 72.83 25.05 22.17
N PRO A 394 71.69 25.27 22.85
CA PRO A 394 70.46 25.35 22.06
C PRO A 394 70.46 26.54 21.10
N ILE A 395 71.05 27.66 21.53
CA ILE A 395 71.09 28.86 20.69
C ILE A 395 71.89 28.62 19.39
N THR A 396 73.03 27.96 19.51
CA THR A 396 73.87 27.70 18.34
C THR A 396 73.14 26.77 17.36
N TRP A 397 72.42 25.81 17.93
CA TRP A 397 71.66 24.86 17.12
C TRP A 397 70.55 25.59 16.36
N ARG A 398 69.80 26.44 17.06
CA ARG A 398 68.71 27.18 16.45
C ARG A 398 69.18 28.04 15.28
N LYS A 399 70.36 28.66 15.41
CA LYS A 399 70.90 29.51 14.35
C LYS A 399 71.30 28.68 13.13
N LEU A 400 72.03 27.61 13.34
CA LEU A 400 72.45 26.79 12.21
C LEU A 400 71.26 26.12 11.53
N ALA A 401 70.26 25.73 12.32
CA ALA A 401 69.06 25.10 11.76
C ALA A 401 68.32 26.11 10.90
N SER A 402 68.26 27.35 11.38
CA SER A 402 67.58 28.42 10.65
C SER A 402 68.27 28.66 9.31
N ARG A 403 69.59 28.59 9.32
CA ARG A 403 70.36 28.84 8.12
C ARG A 403 70.41 27.72 7.10
N TRP A 404 70.50 26.48 7.57
CA TRP A 404 70.63 25.35 6.67
C TRP A 404 69.49 24.38 6.42
N ASN A 405 68.32 24.59 7.02
CA ASN A 405 67.19 23.70 6.79
C ASN A 405 66.78 23.78 5.32
N ARG A 406 66.35 22.66 4.75
CA ARG A 406 65.95 22.62 3.34
C ARG A 406 64.50 23.01 3.11
N GLY A 407 63.85 23.56 4.13
CA GLY A 407 62.47 23.96 3.97
C GLY A 407 61.69 23.90 5.26
N ILE A 408 60.69 24.76 5.37
CA ILE A 408 59.83 24.81 6.54
C ILE A 408 58.48 24.20 6.17
N ALA A 409 58.13 23.10 6.83
CA ALA A 409 56.87 22.43 6.55
C ALA A 409 55.68 23.33 6.83
N LYS A 410 54.70 23.27 5.93
CA LYS A 410 53.49 24.07 6.11
C LYS A 410 52.50 23.26 6.92
N PRO A 411 51.60 23.92 7.65
CA PRO A 411 50.61 23.23 8.46
C PRO A 411 49.79 22.25 7.63
N GLY A 412 49.41 21.13 8.23
CA GLY A 412 48.61 20.15 7.52
C GLY A 412 47.25 20.72 7.18
N ARG A 413 46.71 20.32 6.03
CA ARG A 413 45.40 20.77 5.56
C ARG A 413 44.68 19.57 4.97
N GLY A 414 43.50 19.27 5.48
CA GLY A 414 42.75 18.15 4.93
C GLY A 414 43.35 16.80 5.27
N VAL A 415 44.17 16.75 6.31
CA VAL A 415 44.79 15.50 6.75
C VAL A 415 44.61 15.39 8.26
N ALA A 416 44.82 14.20 8.82
CA ALA A 416 44.69 14.04 10.27
C ALA A 416 45.64 15.02 10.93
N GLY A 417 45.20 15.70 11.99
CA GLY A 417 46.07 16.65 12.65
C GLY A 417 45.94 18.08 12.14
N ALA A 418 45.23 18.27 11.03
CA ALA A 418 45.02 19.61 10.51
C ALA A 418 44.14 20.34 11.51
N VAL A 419 43.22 19.60 12.11
CA VAL A 419 42.29 20.14 13.10
C VAL A 419 42.44 19.26 14.35
N LYS A 420 42.68 19.92 15.48
CA LYS A 420 42.92 19.22 16.74
C LYS A 420 41.76 18.76 17.60
N ASP A 421 40.59 19.37 17.41
CA ASP A 421 39.42 19.04 18.22
C ASP A 421 38.23 18.45 17.46
N THR A 422 38.50 17.56 16.52
CA THR A 422 37.46 16.92 15.74
C THR A 422 36.73 15.87 16.58
N SER A 423 35.50 15.55 16.19
CA SER A 423 34.74 14.55 16.93
C SER A 423 35.41 13.18 16.81
N LEU A 424 36.14 12.95 15.73
CA LEU A 424 36.86 11.67 15.57
C LEU A 424 37.93 11.57 16.65
N ILE A 425 38.61 12.69 16.91
CA ILE A 425 39.65 12.70 17.94
C ILE A 425 39.05 12.51 19.33
N PHE A 426 37.90 13.14 19.61
CA PHE A 426 37.28 12.94 20.92
C PHE A 426 36.79 11.48 21.07
N LYS A 427 36.33 10.89 19.96
CA LYS A 427 35.88 9.50 19.97
C LYS A 427 37.04 8.59 20.37
N GLN A 428 38.19 8.76 19.71
CA GLN A 428 39.36 7.96 20.00
C GLN A 428 39.85 8.18 21.42
N THR A 429 39.85 9.44 21.85
CA THR A 429 40.29 9.79 23.20
C THR A 429 39.38 9.15 24.25
N ALA A 430 38.07 9.22 24.02
CA ALA A 430 37.10 8.63 24.93
C ALA A 430 37.38 7.14 25.03
N ASP A 431 37.77 6.55 23.90
CA ASP A 431 38.07 5.12 23.84
C ASP A 431 39.38 4.74 24.55
N GLY A 432 40.10 5.76 25.03
CA GLY A 432 41.35 5.54 25.73
C GLY A 432 42.60 5.61 24.87
N LYS A 433 42.44 6.00 23.60
CA LYS A 433 43.59 6.10 22.68
C LYS A 433 44.30 7.45 22.66
N ARG A 434 45.58 7.43 22.99
CA ARG A 434 46.39 8.65 23.00
C ARG A 434 46.77 9.07 21.58
N PRO A 435 47.21 10.34 21.42
CA PRO A 435 47.61 10.83 20.10
C PRO A 435 48.71 9.82 19.68
N GLY A 436 48.82 9.53 18.40
CA GLY A 436 49.82 8.55 17.98
C GLY A 436 50.63 8.85 16.74
N TYR A 437 51.12 7.77 16.11
CA TYR A 437 51.97 7.84 14.94
C TYR A 437 51.59 6.82 13.85
N LYS A 438 51.60 5.53 14.21
CA LYS A 438 51.24 4.48 13.26
C LYS A 438 49.73 4.39 13.10
N VAL A 439 49.26 4.50 11.86
CA VAL A 439 47.84 4.43 11.56
C VAL A 439 47.26 3.06 11.87
N GLU A 440 46.18 3.06 12.66
CA GLU A 440 45.49 1.83 13.05
C GLU A 440 44.67 1.36 11.83
N GLN A 441 44.69 0.06 11.55
CA GLN A 441 43.98 -0.46 10.38
C GLN A 441 42.63 -1.14 10.61
N ILE A 442 42.03 -1.61 9.50
CA ILE A 442 40.74 -2.31 9.44
C ILE A 442 39.47 -1.48 9.28
N ILE B 16 46.27 19.01 -8.81
CA ILE B 16 44.85 18.98 -9.22
C ILE B 16 44.69 19.03 -10.75
N SER B 17 44.19 17.93 -11.31
CA SER B 17 43.99 17.79 -12.76
C SER B 17 42.74 18.46 -13.34
N ASP B 18 42.86 18.95 -14.56
CA ASP B 18 41.77 19.62 -15.26
C ASP B 18 40.78 18.61 -15.84
N ALA B 19 41.07 17.33 -15.68
CA ALA B 19 40.20 16.26 -16.18
C ALA B 19 39.17 15.82 -15.14
N ARG B 20 39.23 16.39 -13.94
CA ARG B 20 38.28 16.06 -12.88
C ARG B 20 36.90 16.62 -13.23
N ALA B 21 35.85 15.90 -12.85
CA ALA B 21 34.48 16.33 -13.14
C ALA B 21 34.05 17.60 -12.40
N ASN B 22 34.53 17.80 -11.18
CA ASN B 22 34.14 18.99 -10.40
C ASN B 22 34.97 20.23 -10.73
N ASN B 23 34.77 20.75 -11.94
CA ASN B 23 35.47 21.95 -12.38
C ASN B 23 34.85 23.17 -11.70
N ALA B 24 35.46 24.33 -11.91
CA ALA B 24 35.00 25.57 -11.30
C ALA B 24 33.50 25.86 -11.50
N LYS B 25 33.02 25.71 -12.74
CA LYS B 25 31.62 25.97 -13.05
C LYS B 25 30.73 25.03 -12.24
N THR B 26 31.10 23.75 -12.19
CA THR B 26 30.33 22.76 -11.46
C THR B 26 30.28 23.09 -9.97
N GLN B 27 31.43 23.36 -9.37
CA GLN B 27 31.48 23.68 -7.94
C GLN B 27 30.66 24.91 -7.54
N SER B 28 30.58 25.88 -8.45
CA SER B 28 29.82 27.10 -8.18
C SER B 28 28.34 26.82 -8.08
N GLN B 29 27.93 25.64 -8.57
CA GLN B 29 26.53 25.27 -8.55
C GLN B 29 26.03 24.63 -7.25
N TYR B 30 26.94 24.32 -6.33
CA TYR B 30 26.52 23.76 -5.06
C TYR B 30 27.17 24.43 -3.87
N GLN B 31 27.22 25.76 -3.92
CA GLN B 31 27.81 26.54 -2.84
C GLN B 31 26.95 26.48 -1.59
N PRO B 32 25.62 26.53 -1.73
CA PRO B 32 24.78 26.45 -0.53
C PRO B 32 25.03 25.16 0.24
N TYR B 33 25.33 24.09 -0.49
CA TYR B 33 25.60 22.78 0.11
C TYR B 33 26.89 22.84 0.90
N LYS B 34 27.91 23.48 0.33
CA LYS B 34 29.20 23.63 1.00
C LYS B 34 29.00 24.43 2.29
N ASP B 35 28.02 25.32 2.29
CA ASP B 35 27.73 26.17 3.45
C ASP B 35 26.82 25.51 4.48
N ALA B 36 26.34 24.31 4.20
CA ALA B 36 25.41 23.65 5.13
C ALA B 36 26.02 22.61 6.06
N ALA B 37 27.18 22.91 6.65
CA ALA B 37 27.82 21.95 7.54
C ALA B 37 26.91 21.55 8.70
N TRP B 38 26.15 22.51 9.23
CA TRP B 38 25.25 22.25 10.34
C TRP B 38 23.91 21.64 9.92
N GLY B 39 23.71 21.48 8.62
CA GLY B 39 22.50 20.87 8.09
C GLY B 39 21.49 21.80 7.43
N PHE B 40 20.47 21.21 6.82
CA PHE B 40 19.40 21.98 6.18
C PHE B 40 18.28 22.02 7.20
N ILE B 41 17.87 23.21 7.58
CA ILE B 41 16.84 23.38 8.59
C ILE B 41 15.47 23.55 7.92
N ASN B 42 14.41 23.41 8.70
CA ASN B 42 13.05 23.52 8.18
C ASN B 42 12.78 22.27 7.35
N HIS B 43 13.13 21.12 7.91
CA HIS B 43 12.93 19.82 7.25
C HIS B 43 12.53 18.79 8.30
N TRP B 44 11.91 17.70 7.83
CA TRP B 44 11.49 16.62 8.73
C TRP B 44 12.66 15.65 8.89
N TYR B 45 12.89 15.23 10.13
CA TYR B 45 13.95 14.26 10.42
C TYR B 45 13.47 13.25 11.44
N PRO B 46 13.97 12.02 11.38
CA PRO B 46 13.55 11.01 12.36
C PRO B 46 14.23 11.42 13.68
N ALA B 47 13.48 11.44 14.78
CA ALA B 47 14.04 11.83 16.08
C ALA B 47 14.36 10.64 16.99
N LEU B 48 13.36 9.78 17.17
CA LEU B 48 13.50 8.59 18.01
C LEU B 48 12.56 7.52 17.51
N PHE B 49 12.81 6.29 17.90
CA PHE B 49 11.93 5.19 17.56
C PHE B 49 10.83 5.30 18.62
N THR B 50 9.64 4.81 18.32
CA THR B 50 8.55 4.87 19.28
C THR B 50 8.94 4.22 20.61
N HIS B 51 9.63 3.08 20.54
CA HIS B 51 10.03 2.38 21.77
C HIS B 51 10.99 3.18 22.66
N GLU B 52 11.53 4.28 22.15
CA GLU B 52 12.45 5.11 22.93
C GLU B 52 11.75 6.19 23.74
N LEU B 53 10.44 6.32 23.55
CA LEU B 53 9.69 7.33 24.29
C LEU B 53 8.34 6.77 24.73
N GLU B 54 8.30 6.25 25.95
CA GLU B 54 7.08 5.68 26.50
C GLU B 54 6.21 6.75 27.14
N GLU B 55 5.01 6.35 27.57
CA GLU B 55 4.09 7.28 28.20
C GLU B 55 4.79 7.99 29.36
N ASP B 56 4.71 9.31 29.36
CA ASP B 56 5.30 10.16 30.38
C ASP B 56 6.83 10.20 30.38
N GLN B 57 7.45 9.64 29.34
CA GLN B 57 8.90 9.66 29.27
C GLN B 57 9.35 10.96 28.61
N VAL B 58 10.47 11.49 29.07
CA VAL B 58 11.05 12.72 28.54
C VAL B 58 12.45 12.42 28.02
N GLN B 59 12.73 12.85 26.79
CA GLN B 59 14.03 12.60 26.19
C GLN B 59 14.58 13.82 25.46
N GLY B 60 15.87 14.09 25.65
CA GLY B 60 16.52 15.21 25.00
C GLY B 60 17.41 14.72 23.86
N ILE B 61 17.43 15.48 22.76
CA ILE B 61 18.26 15.15 21.59
C ILE B 61 18.75 16.46 20.96
N GLN B 62 19.48 16.33 19.86
CA GLN B 62 19.96 17.53 19.16
C GLN B 62 20.01 17.24 17.66
N ILE B 63 19.39 18.11 16.86
CA ILE B 63 19.34 17.98 15.40
C ILE B 63 19.60 19.34 14.75
N CYS B 64 20.51 19.38 13.78
CA CYS B 64 20.87 20.63 13.11
C CYS B 64 21.34 21.66 14.14
N GLY B 65 22.01 21.16 15.19
CA GLY B 65 22.52 22.02 16.24
C GLY B 65 21.45 22.52 17.20
N VAL B 66 20.20 22.16 16.93
CA VAL B 66 19.08 22.56 17.76
C VAL B 66 18.78 21.55 18.86
N PRO B 67 18.81 21.98 20.13
CA PRO B 67 18.53 21.07 21.24
C PRO B 67 17.01 20.89 21.30
N ILE B 68 16.55 19.64 21.32
CA ILE B 68 15.12 19.36 21.36
C ILE B 68 14.77 18.37 22.48
N VAL B 69 13.65 18.62 23.14
CA VAL B 69 13.18 17.74 24.19
C VAL B 69 11.80 17.21 23.82
N LEU B 70 11.58 15.91 23.96
CA LEU B 70 10.30 15.30 23.63
C LEU B 70 9.66 14.63 24.85
N ARG B 71 8.33 14.67 24.90
CA ARG B 71 7.56 14.06 25.97
C ARG B 71 6.30 13.44 25.39
N ARG B 72 5.95 12.24 25.86
CA ARG B 72 4.71 11.61 25.39
C ARG B 72 3.69 11.75 26.51
N VAL B 73 2.55 12.37 26.20
CA VAL B 73 1.49 12.56 27.19
C VAL B 73 0.19 12.05 26.59
N ASN B 74 -0.44 11.11 27.28
CA ASN B 74 -1.69 10.49 26.82
C ASN B 74 -1.52 9.94 25.42
N GLY B 75 -0.36 9.35 25.18
CA GLY B 75 -0.08 8.75 23.88
C GLY B 75 0.47 9.68 22.82
N LYS B 76 0.31 10.99 23.00
CA LYS B 76 0.79 11.97 22.03
C LYS B 76 2.17 12.55 22.35
N VAL B 77 3.01 12.66 21.32
CA VAL B 77 4.35 13.19 21.49
C VAL B 77 4.46 14.68 21.18
N PHE B 78 5.12 15.41 22.07
CA PHE B 78 5.34 16.85 21.90
C PHE B 78 6.85 17.14 21.85
N ALA B 79 7.25 18.15 21.09
CA ALA B 79 8.66 18.51 20.99
C ALA B 79 8.82 20.02 21.17
N LEU B 80 9.74 20.41 22.05
CA LEU B 80 10.04 21.81 22.32
C LEU B 80 11.56 21.97 22.32
N LYS B 81 12.04 23.21 22.28
CA LYS B 81 13.48 23.44 22.28
C LYS B 81 13.96 23.08 23.68
N ASP B 82 15.02 22.26 23.73
CA ASP B 82 15.58 21.81 25.00
C ASP B 82 16.48 22.90 25.56
N GLN B 83 15.89 24.06 25.82
CA GLN B 83 16.65 25.19 26.36
C GLN B 83 15.74 26.12 27.15
N CYS B 84 15.87 26.12 28.47
CA CYS B 84 15.07 27.00 29.29
C CYS B 84 15.46 28.43 28.92
N LEU B 85 14.47 29.27 28.66
CA LEU B 85 14.74 30.65 28.27
C LEU B 85 15.23 31.54 29.40
N HIS B 86 15.18 31.02 30.63
CA HIS B 86 15.65 31.80 31.77
C HIS B 86 17.16 31.84 31.73
N ARG B 87 17.80 30.71 32.06
CA ARG B 87 19.26 30.66 32.04
C ARG B 87 19.90 29.56 31.21
N GLY B 88 19.17 29.11 30.20
CA GLY B 88 19.66 28.15 29.23
C GLY B 88 20.01 26.72 29.53
N VAL B 89 19.49 26.16 30.63
CA VAL B 89 19.81 24.77 30.95
C VAL B 89 18.90 23.89 30.09
N ARG B 90 19.26 22.62 29.94
CA ARG B 90 18.43 21.70 29.17
C ARG B 90 17.34 21.16 30.08
N LEU B 91 16.10 21.31 29.62
CA LEU B 91 14.94 20.85 30.37
C LEU B 91 14.93 19.33 30.53
N SER B 92 15.55 18.62 29.59
CA SER B 92 15.60 17.16 29.56
C SER B 92 16.58 16.48 30.50
N GLU B 93 17.48 17.24 31.10
CA GLU B 93 18.47 16.65 32.00
C GLU B 93 17.87 16.08 33.27
N LYS B 94 16.85 16.75 33.79
CA LYS B 94 16.17 16.26 34.98
C LYS B 94 14.69 16.50 34.73
N PRO B 95 14.04 15.60 33.96
CA PRO B 95 12.62 15.69 33.63
C PRO B 95 11.74 16.07 34.81
N THR B 96 11.07 17.20 34.67
CA THR B 96 10.20 17.73 35.70
C THR B 96 8.90 18.27 35.11
N CYS B 97 7.84 17.49 35.23
CA CYS B 97 6.53 17.87 34.70
C CYS B 97 5.48 17.74 35.80
N PHE B 98 4.84 18.85 36.12
CA PHE B 98 3.82 18.85 37.16
C PHE B 98 2.40 18.63 36.66
N THR B 99 2.17 18.84 35.37
CA THR B 99 0.85 18.62 34.81
C THR B 99 0.95 17.95 33.44
N LYS B 100 -0.16 17.41 32.96
CA LYS B 100 -0.21 16.73 31.66
C LYS B 100 -0.01 17.66 30.47
N SER B 101 -0.16 18.96 30.68
CA SER B 101 -0.03 19.91 29.57
C SER B 101 1.21 20.80 29.61
N THR B 102 2.14 20.52 30.52
CA THR B 102 3.33 21.35 30.63
C THR B 102 4.61 20.60 30.94
N ILE B 103 5.72 21.33 30.85
CA ILE B 103 7.03 20.79 31.20
C ILE B 103 7.71 21.96 31.90
N SER B 104 8.38 21.66 33.01
CA SER B 104 9.03 22.70 33.77
C SER B 104 10.53 22.54 33.82
N CYS B 105 11.21 23.64 34.10
CA CYS B 105 12.65 23.60 34.24
C CYS B 105 12.90 23.27 35.71
N TRP B 106 13.69 22.23 35.95
CA TRP B 106 14.02 21.77 37.29
C TRP B 106 14.88 22.73 38.12
N TYR B 107 15.36 23.80 37.50
CA TYR B 107 16.22 24.74 38.20
C TYR B 107 15.48 25.84 38.95
N HIS B 108 14.88 26.78 38.23
CA HIS B 108 14.15 27.87 38.90
C HIS B 108 12.64 27.83 38.63
N GLY B 109 12.15 26.72 38.11
CA GLY B 109 10.72 26.58 37.89
C GLY B 109 9.98 27.14 36.69
N PHE B 110 10.68 27.68 35.69
CA PHE B 110 9.97 28.19 34.52
C PHE B 110 9.17 27.03 33.92
N THR B 111 7.87 27.27 33.69
CA THR B 111 6.99 26.24 33.15
C THR B 111 6.41 26.61 31.79
N PHE B 112 6.52 25.68 30.85
CA PHE B 112 6.07 25.90 29.48
C PHE B 112 4.94 24.99 29.04
N ASP B 113 4.07 25.52 28.18
CA ASP B 113 2.94 24.79 27.63
C ASP B 113 3.47 23.86 26.54
N LEU B 114 3.19 22.56 26.66
CA LEU B 114 3.66 21.58 25.67
C LEU B 114 3.20 21.87 24.25
N GLU B 115 1.97 22.35 24.13
CA GLU B 115 1.36 22.64 22.83
C GLU B 115 1.87 23.90 22.13
N THR B 116 2.01 24.99 22.88
CA THR B 116 2.45 26.25 22.31
C THR B 116 3.86 26.68 22.70
N GLY B 117 4.40 26.10 23.77
CA GLY B 117 5.74 26.46 24.20
C GLY B 117 5.76 27.75 25.00
N LYS B 118 4.59 28.36 25.21
CA LYS B 118 4.50 29.61 25.96
C LYS B 118 4.85 29.45 27.43
N LEU B 119 5.49 30.48 27.99
CA LEU B 119 5.84 30.49 29.41
C LEU B 119 4.52 30.79 30.15
N VAL B 120 3.91 29.74 30.69
CA VAL B 120 2.63 29.87 31.37
C VAL B 120 2.75 30.26 32.83
N THR B 121 3.89 29.95 33.45
CA THR B 121 4.08 30.31 34.85
C THR B 121 5.49 29.97 35.33
N ILE B 122 5.77 30.34 36.58
CA ILE B 122 7.04 30.06 37.24
C ILE B 122 6.62 29.51 38.60
N VAL B 123 7.04 28.28 38.90
CA VAL B 123 6.68 27.62 40.15
C VAL B 123 6.55 28.51 41.38
N ALA B 124 7.62 29.22 41.75
CA ALA B 124 7.58 30.06 42.94
C ALA B 124 7.61 31.57 42.66
N ASN B 125 7.07 31.96 41.50
CA ASN B 125 7.03 33.36 41.12
C ASN B 125 5.95 33.49 40.06
N PRO B 126 4.73 33.00 40.37
CA PRO B 126 3.54 33.01 39.50
C PRO B 126 3.08 34.35 38.96
N GLU B 127 3.56 35.44 39.53
CA GLU B 127 3.11 36.74 39.07
C GLU B 127 4.15 37.57 38.32
N ASP B 128 5.31 36.99 38.01
CA ASP B 128 6.34 37.74 37.32
C ASP B 128 5.80 38.30 36.00
N LYS B 129 6.21 39.51 35.67
CA LYS B 129 5.75 40.15 34.45
C LYS B 129 6.27 39.47 33.19
N LEU B 130 7.28 38.63 33.32
CA LEU B 130 7.82 37.95 32.14
C LEU B 130 6.85 36.89 31.67
N ILE B 131 6.09 36.33 32.61
CA ILE B 131 5.14 35.27 32.27
C ILE B 131 4.19 35.65 31.13
N GLY B 132 3.99 34.70 30.22
CA GLY B 132 3.09 34.92 29.10
C GLY B 132 3.61 35.85 28.01
N THR B 133 4.75 36.48 28.23
CA THR B 133 5.28 37.41 27.22
C THR B 133 6.25 36.76 26.25
N THR B 134 6.57 35.49 26.47
CA THR B 134 7.49 34.76 25.61
C THR B 134 7.32 33.25 25.79
N GLY B 135 8.21 32.47 25.16
CA GLY B 135 8.13 31.02 25.29
C GLY B 135 9.24 30.37 24.50
N VAL B 136 9.30 29.04 24.49
CA VAL B 136 10.33 28.33 23.74
C VAL B 136 9.74 27.80 22.44
N THR B 137 10.59 27.60 21.44
CA THR B 137 10.14 27.11 20.14
C THR B 137 9.51 25.71 20.22
N THR B 138 8.48 25.47 19.42
CA THR B 138 7.83 24.16 19.37
C THR B 138 8.18 23.53 18.04
N TYR B 139 8.19 22.20 17.99
CA TYR B 139 8.50 21.49 16.76
C TYR B 139 7.44 20.46 16.39
N PRO B 140 6.85 20.57 15.20
CA PRO B 140 5.82 19.63 14.74
C PRO B 140 6.30 18.20 14.86
N VAL B 141 5.40 17.31 15.26
CA VAL B 141 5.74 15.91 15.41
C VAL B 141 4.80 15.06 14.56
N HIS B 142 5.35 14.01 13.96
CA HIS B 142 4.56 13.10 13.15
C HIS B 142 5.08 11.70 13.47
N GLU B 143 4.33 10.96 14.29
CA GLU B 143 4.72 9.61 14.67
C GLU B 143 3.96 8.62 13.79
N VAL B 144 4.66 7.65 13.25
CA VAL B 144 4.02 6.68 12.37
C VAL B 144 4.80 5.37 12.29
N ASN B 145 4.07 4.27 12.42
CA ASN B 145 4.65 2.93 12.34
C ASN B 145 6.00 2.73 13.06
N GLY B 146 6.05 3.13 14.32
CA GLY B 146 7.27 2.94 15.10
C GLY B 146 8.31 4.05 15.07
N MET B 147 8.08 5.08 14.26
CA MET B 147 9.03 6.17 14.17
C MET B 147 8.46 7.53 14.49
N ILE B 148 9.21 8.30 15.26
CA ILE B 148 8.83 9.65 15.64
C ILE B 148 9.62 10.66 14.80
N PHE B 149 8.91 11.36 13.92
CA PHE B 149 9.55 12.36 13.07
C PHE B 149 9.30 13.75 13.65
N VAL B 150 10.30 14.61 13.52
CA VAL B 150 10.18 15.96 14.04
C VAL B 150 10.56 16.95 12.94
N PHE B 151 9.78 18.02 12.81
CA PHE B 151 10.09 19.02 11.81
C PHE B 151 10.98 20.04 12.51
N VAL B 152 12.30 19.91 12.31
CA VAL B 152 13.28 20.81 12.92
C VAL B 152 13.29 22.11 12.11
N ARG B 153 12.88 23.21 12.74
CA ARG B 153 12.75 24.49 12.07
C ARG B 153 13.37 25.67 12.81
N GLU B 154 13.52 26.78 12.08
CA GLU B 154 14.04 28.01 12.65
C GLU B 154 12.97 28.57 13.56
N ASP B 155 13.38 29.40 14.52
CA ASP B 155 12.45 29.99 15.46
C ASP B 155 11.29 30.75 14.81
N ASP B 156 11.53 31.38 13.66
CA ASP B 156 10.50 32.16 13.00
C ASP B 156 9.76 31.48 11.84
N PHE B 157 10.07 30.21 11.57
CA PHE B 157 9.39 29.50 10.50
C PHE B 157 7.94 29.32 10.94
N PRO B 158 6.98 29.86 10.18
CA PRO B 158 5.55 29.75 10.51
C PRO B 158 4.92 28.36 10.49
N ASP B 159 3.98 28.14 11.41
CA ASP B 159 3.28 26.87 11.51
C ASP B 159 2.56 26.58 10.20
N GLU B 160 1.94 27.61 9.64
CA GLU B 160 1.19 27.53 8.39
C GLU B 160 2.00 27.00 7.23
N ASP B 161 3.32 27.13 7.33
CA ASP B 161 4.21 26.69 6.26
C ASP B 161 4.80 25.29 6.42
N VAL B 162 4.50 24.63 7.53
CA VAL B 162 5.02 23.28 7.75
C VAL B 162 4.42 22.35 6.71
N PRO B 163 5.27 21.73 5.89
CA PRO B 163 4.82 20.81 4.85
C PRO B 163 4.52 19.40 5.38
N PRO B 164 3.85 18.58 4.57
CA PRO B 164 3.55 17.22 5.02
C PRO B 164 4.81 16.37 5.05
N LEU B 165 4.91 15.48 6.05
CA LEU B 165 6.08 14.61 6.19
C LEU B 165 6.50 13.96 4.89
N ALA B 166 5.53 13.52 4.11
CA ALA B 166 5.81 12.85 2.83
C ALA B 166 6.74 13.65 1.91
N HIS B 167 6.72 14.98 2.01
CA HIS B 167 7.57 15.82 1.16
C HIS B 167 9.05 15.64 1.49
N ASP B 168 9.32 15.13 2.68
CA ASP B 168 10.69 14.91 3.12
C ASP B 168 11.01 13.41 3.28
N LEU B 169 10.27 12.57 2.55
CA LEU B 169 10.49 11.13 2.57
C LEU B 169 10.65 10.66 1.13
N PRO B 170 11.32 9.52 0.91
CA PRO B 170 11.53 9.01 -0.45
C PRO B 170 10.25 8.84 -1.27
N PHE B 171 10.43 8.74 -2.59
CA PHE B 171 9.32 8.57 -3.52
C PHE B 171 8.55 7.31 -3.15
N ARG B 172 7.24 7.37 -3.26
CA ARG B 172 6.40 6.24 -2.90
C ARG B 172 5.95 5.39 -4.09
N PHE B 173 5.82 4.09 -3.84
CA PHE B 173 5.37 3.13 -4.84
C PHE B 173 4.20 2.37 -4.20
N PRO B 174 3.23 1.90 -5.02
CA PRO B 174 3.12 1.99 -6.48
C PRO B 174 2.74 3.37 -7.03
N GLU B 175 2.45 4.31 -6.15
CA GLU B 175 2.09 5.65 -6.57
C GLU B 175 2.94 6.15 -7.74
N ARG B 176 4.25 6.00 -7.63
CA ARG B 176 5.15 6.47 -8.69
C ARG B 176 5.79 5.38 -9.54
N SER B 177 5.14 4.21 -9.61
CA SER B 177 5.69 3.13 -10.42
C SER B 177 5.75 3.54 -11.89
N GLU B 178 4.78 4.33 -12.34
CA GLU B 178 4.75 4.77 -13.73
C GLU B 178 5.87 5.75 -14.02
N GLN B 179 6.17 6.61 -13.05
CA GLN B 179 7.22 7.60 -13.21
C GLN B 179 8.60 6.94 -13.13
N PHE B 180 8.75 5.97 -12.23
CA PHE B 180 10.02 5.24 -12.08
C PHE B 180 9.75 3.76 -12.26
N PRO B 181 9.60 3.30 -13.51
CA PRO B 181 9.35 1.90 -13.83
C PRO B 181 10.35 0.93 -13.18
N HIS B 182 9.83 -0.16 -12.61
CA HIS B 182 10.65 -1.16 -11.96
C HIS B 182 10.14 -2.57 -12.27
N PRO B 183 10.28 -2.99 -13.53
CA PRO B 183 9.84 -4.31 -14.00
C PRO B 183 10.51 -5.52 -13.34
N LEU B 184 11.69 -5.32 -12.78
CA LEU B 184 12.43 -6.43 -12.17
C LEU B 184 12.17 -6.70 -10.69
N TRP B 185 11.26 -5.95 -10.07
CA TRP B 185 10.97 -6.17 -8.65
C TRP B 185 9.68 -5.54 -8.20
N PRO B 186 9.04 -6.11 -7.16
CA PRO B 186 7.79 -5.54 -6.65
C PRO B 186 8.04 -4.19 -5.98
N SER B 187 6.97 -3.40 -5.85
CA SER B 187 7.06 -2.07 -5.25
C SER B 187 7.54 -2.04 -3.79
N SER B 188 8.48 -1.15 -3.51
CA SER B 188 8.99 -0.98 -2.16
C SER B 188 7.97 -0.21 -1.33
N PRO B 189 7.73 -0.66 -0.08
CA PRO B 189 6.78 0.01 0.80
C PRO B 189 7.37 1.28 1.42
N SER B 190 6.50 2.12 1.97
CA SER B 190 6.92 3.36 2.61
C SER B 190 6.60 3.27 4.09
N VAL B 191 7.33 4.03 4.89
CA VAL B 191 7.11 4.06 6.33
C VAL B 191 5.69 4.58 6.59
N LEU B 192 5.11 5.20 5.57
CA LEU B 192 3.77 5.78 5.66
C LEU B 192 2.66 4.78 5.32
N ASP B 193 3.03 3.67 4.70
CA ASP B 193 2.05 2.66 4.32
C ASP B 193 1.40 1.99 5.51
N ASP B 194 0.12 1.63 5.39
CA ASP B 194 -0.57 0.94 6.46
C ASP B 194 0.06 -0.43 6.66
N ASN B 195 0.25 -0.83 7.91
CA ASN B 195 0.83 -2.12 8.25
C ASN B 195 2.31 -2.23 7.94
N ALA B 196 2.93 -1.10 7.62
CA ALA B 196 4.36 -1.11 7.34
C ALA B 196 5.08 -1.32 8.69
N VAL B 197 6.00 -2.27 8.74
CA VAL B 197 6.72 -2.53 9.98
C VAL B 197 8.17 -2.10 9.79
N VAL B 198 8.73 -1.45 10.82
CA VAL B 198 10.09 -0.97 10.78
C VAL B 198 11.02 -1.70 11.75
N HIS B 199 12.18 -2.11 11.26
CA HIS B 199 13.20 -2.76 12.09
C HIS B 199 14.53 -2.10 11.75
N GLY B 200 15.26 -1.65 12.76
CA GLY B 200 16.53 -1.00 12.50
C GLY B 200 17.12 -0.36 13.72
N MET B 201 18.02 0.59 13.50
CA MET B 201 18.68 1.26 14.60
C MET B 201 19.26 2.58 14.14
N HIS B 202 19.69 3.38 15.10
CA HIS B 202 20.37 4.63 14.78
C HIS B 202 21.49 4.77 15.80
N ARG B 203 22.63 5.24 15.34
CA ARG B 203 23.78 5.41 16.21
C ARG B 203 24.50 6.66 15.76
N THR B 204 25.23 7.27 16.67
CA THR B 204 25.95 8.48 16.36
C THR B 204 27.15 8.20 15.44
N GLY B 205 27.27 9.01 14.39
CA GLY B 205 28.35 8.87 13.46
C GLY B 205 29.33 10.00 13.72
N PHE B 206 30.62 9.71 13.61
CA PHE B 206 31.63 10.73 13.85
C PHE B 206 32.10 11.32 12.53
N GLY B 207 31.73 12.59 12.33
CA GLY B 207 32.06 13.28 11.10
C GLY B 207 30.81 13.99 10.60
N ASN B 208 31.00 14.94 9.68
CA ASN B 208 29.92 15.73 9.11
C ASN B 208 28.87 14.88 8.37
N TRP B 209 27.61 15.29 8.47
CA TRP B 209 26.50 14.56 7.82
C TRP B 209 26.59 14.42 6.30
N ARG B 210 27.04 15.47 5.62
CA ARG B 210 27.14 15.46 4.16
C ARG B 210 28.03 14.34 3.62
N ILE B 211 29.21 14.20 4.19
CA ILE B 211 30.15 13.17 3.76
C ILE B 211 29.59 11.78 4.01
N ALA B 212 28.80 11.63 5.07
CA ALA B 212 28.22 10.34 5.39
C ALA B 212 27.11 10.03 4.40
N CYS B 213 26.32 11.06 4.08
CA CYS B 213 25.19 10.92 3.16
C CYS B 213 25.57 10.53 1.74
N GLU B 214 26.60 11.15 1.19
CA GLU B 214 26.99 10.89 -0.19
C GLU B 214 27.44 9.47 -0.51
N ASN B 215 27.83 8.72 0.53
CA ASN B 215 28.31 7.36 0.33
C ASN B 215 27.28 6.35 -0.21
N GLY B 216 26.09 6.34 0.38
CA GLY B 216 25.03 5.42 0.02
C GLY B 216 24.56 5.29 -1.42
N PHE B 217 24.50 6.39 -2.17
CA PHE B 217 24.03 6.30 -3.56
C PHE B 217 25.16 6.47 -4.58
N ASP B 218 26.39 6.22 -4.14
CA ASP B 218 27.57 6.31 -5.00
C ASP B 218 27.81 4.91 -5.59
N ASN B 219 27.74 4.79 -6.91
CA ASN B 219 27.88 3.49 -7.55
C ASN B 219 29.30 2.99 -7.79
N ALA B 220 30.28 3.73 -7.31
CA ALA B 220 31.67 3.32 -7.42
C ALA B 220 32.14 2.85 -6.05
N HIS B 221 31.38 3.21 -5.01
CA HIS B 221 31.76 2.83 -3.65
C HIS B 221 31.48 1.38 -3.28
N ILE B 222 30.67 0.68 -4.07
CA ILE B 222 30.35 -0.71 -3.74
C ILE B 222 31.58 -1.62 -3.68
N LEU B 223 32.74 -1.09 -4.06
CA LEU B 223 33.97 -1.88 -3.99
C LEU B 223 34.19 -2.24 -2.51
N VAL B 224 33.79 -1.33 -1.62
CA VAL B 224 33.92 -1.47 -0.16
C VAL B 224 33.27 -2.74 0.40
N HIS B 225 32.33 -3.30 -0.34
CA HIS B 225 31.63 -4.51 0.08
C HIS B 225 32.09 -5.79 -0.61
N LYS B 226 33.17 -5.71 -1.38
CA LYS B 226 33.67 -6.88 -2.09
C LYS B 226 33.90 -8.11 -1.20
N ASP B 227 34.29 -7.87 0.05
CA ASP B 227 34.58 -8.96 0.98
C ASP B 227 33.53 -9.25 2.04
N ASN B 228 32.38 -8.57 1.99
CA ASN B 228 31.34 -8.79 3.00
C ASN B 228 30.86 -10.23 2.99
N THR B 229 30.65 -10.78 4.17
CA THR B 229 30.22 -12.17 4.32
C THR B 229 28.92 -12.51 3.59
N ILE B 230 27.93 -11.63 3.67
CA ILE B 230 26.65 -11.89 3.02
C ILE B 230 26.80 -12.02 1.51
N VAL B 231 27.72 -11.26 0.94
CA VAL B 231 27.94 -11.31 -0.50
C VAL B 231 28.35 -12.71 -0.93
N HIS B 232 29.24 -13.33 -0.17
CA HIS B 232 29.70 -14.68 -0.49
C HIS B 232 28.83 -15.80 0.04
N ALA B 233 28.03 -15.53 1.06
CA ALA B 233 27.15 -16.55 1.61
C ALA B 233 25.94 -16.68 0.69
N MET B 234 25.50 -15.56 0.13
CA MET B 234 24.35 -15.54 -0.78
C MET B 234 24.80 -15.77 -2.21
N ASP B 235 26.11 -15.73 -2.42
CA ASP B 235 26.71 -15.91 -3.73
C ASP B 235 26.15 -14.87 -4.70
N TRP B 236 25.96 -13.65 -4.17
CA TRP B 236 25.44 -12.55 -4.95
C TRP B 236 26.33 -12.16 -6.11
N VAL B 237 25.76 -11.34 -6.98
CA VAL B 237 26.48 -10.83 -8.13
C VAL B 237 26.59 -9.33 -7.86
N LEU B 238 27.57 -8.97 -7.04
CA LEU B 238 27.80 -7.58 -6.69
C LEU B 238 29.00 -7.13 -7.51
N PRO B 239 28.76 -6.31 -8.55
CA PRO B 239 29.83 -5.83 -9.41
C PRO B 239 30.83 -4.93 -8.68
N LEU B 240 32.03 -4.79 -9.27
CA LEU B 240 33.07 -3.96 -8.71
C LEU B 240 32.53 -2.53 -8.61
N GLY B 241 31.69 -2.16 -9.57
CA GLY B 241 31.09 -0.84 -9.60
C GLY B 241 30.15 -0.70 -10.78
N LEU B 242 29.47 0.44 -10.88
CA LEU B 242 28.56 0.71 -12.00
C LEU B 242 29.02 1.97 -12.70
N LEU B 243 28.81 2.05 -14.01
CA LEU B 243 29.23 3.20 -14.77
C LEU B 243 28.06 3.88 -15.48
N PRO B 244 28.03 5.21 -15.48
CA PRO B 244 26.94 5.93 -16.16
C PRO B 244 27.21 5.90 -17.66
N THR B 245 26.20 5.59 -18.45
CA THR B 245 26.38 5.53 -19.90
C THR B 245 25.70 6.66 -20.66
N SER B 246 24.92 7.48 -19.97
CA SER B 246 24.23 8.59 -20.62
C SER B 246 24.03 9.74 -19.63
N ASP B 247 23.74 10.92 -20.17
CA ASP B 247 23.53 12.10 -19.35
C ASP B 247 22.25 12.07 -18.53
N ASP B 248 21.30 11.21 -18.89
CA ASP B 248 20.06 11.11 -18.17
C ASP B 248 20.01 9.86 -17.30
N CYS B 249 21.18 9.37 -16.90
CA CYS B 249 21.27 8.18 -16.07
C CYS B 249 20.62 8.42 -14.71
N ILE B 250 20.38 9.68 -14.39
CA ILE B 250 19.74 10.07 -13.13
C ILE B 250 18.60 11.03 -13.41
N ALA B 251 17.44 10.76 -12.84
CA ALA B 251 16.29 11.65 -13.02
C ALA B 251 16.12 12.55 -11.80
N VAL B 252 16.16 13.87 -12.03
CA VAL B 252 16.00 14.83 -10.95
C VAL B 252 14.53 15.23 -10.88
N VAL B 253 13.95 15.10 -9.69
CA VAL B 253 12.55 15.43 -9.50
C VAL B 253 12.42 16.61 -8.56
N GLU B 254 11.68 17.63 -8.99
CA GLU B 254 11.51 18.82 -8.19
C GLU B 254 10.14 19.46 -8.31
N ASP B 255 9.09 18.65 -8.29
CA ASP B 255 7.74 19.17 -8.38
C ASP B 255 7.29 19.65 -7.01
N ASP B 256 6.64 20.80 -6.97
CA ASP B 256 6.15 21.41 -5.74
C ASP B 256 5.51 20.43 -4.76
N ASP B 257 4.52 19.68 -5.22
CA ASP B 257 3.87 18.72 -4.34
C ASP B 257 4.56 17.37 -4.44
N GLY B 258 5.42 17.10 -3.46
CA GLY B 258 6.15 15.84 -3.44
C GLY B 258 7.60 16.06 -3.08
N PRO B 259 8.38 14.99 -2.88
CA PRO B 259 9.80 15.05 -2.51
C PRO B 259 10.68 15.70 -3.57
N LYS B 260 11.78 16.30 -3.13
CA LYS B 260 12.74 16.93 -4.03
C LYS B 260 13.97 16.04 -3.95
N GLY B 261 14.31 15.38 -5.05
CA GLY B 261 15.47 14.50 -5.05
C GLY B 261 15.78 13.91 -6.41
N MET B 262 16.44 12.76 -6.41
CA MET B 262 16.81 12.11 -7.66
C MET B 262 16.65 10.60 -7.59
N MET B 263 16.43 10.01 -8.76
CA MET B 263 16.27 8.57 -8.90
C MET B 263 17.33 8.11 -9.88
N GLN B 264 18.10 7.09 -9.52
CA GLN B 264 19.13 6.57 -10.40
C GLN B 264 18.56 5.35 -11.12
N TRP B 265 18.65 5.35 -12.45
CA TRP B 265 18.12 4.26 -13.26
C TRP B 265 19.02 3.04 -13.25
N LEU B 266 19.19 2.44 -12.09
CA LEU B 266 20.02 1.25 -11.98
C LEU B 266 19.29 0.10 -12.68
N PHE B 267 20.07 -0.85 -13.19
CA PHE B 267 19.53 -2.00 -13.90
C PHE B 267 18.73 -1.64 -15.16
N THR B 268 19.33 -0.75 -15.96
CA THR B 268 18.85 -0.28 -17.26
C THR B 268 20.17 0.02 -17.95
N ASP B 269 20.18 0.29 -19.26
CA ASP B 269 21.45 0.55 -19.91
C ASP B 269 22.12 1.85 -19.51
N LYS B 270 21.41 2.67 -18.74
CA LYS B 270 21.97 3.96 -18.30
C LYS B 270 23.08 3.76 -17.26
N TRP B 271 23.13 2.58 -16.65
CA TRP B 271 24.16 2.23 -15.68
C TRP B 271 24.70 0.85 -15.99
N ALA B 272 25.90 0.79 -16.54
CA ALA B 272 26.54 -0.47 -16.90
C ALA B 272 27.36 -1.05 -15.76
N PRO B 273 27.12 -2.32 -15.40
CA PRO B 273 27.87 -2.95 -14.31
C PRO B 273 29.26 -3.41 -14.74
N VAL B 274 30.21 -3.31 -13.81
CA VAL B 274 31.59 -3.73 -14.05
C VAL B 274 31.86 -4.90 -13.12
N LEU B 275 31.84 -6.12 -13.68
CA LEU B 275 32.05 -7.32 -12.88
C LEU B 275 33.48 -7.86 -12.91
N GLU B 276 34.39 -7.17 -13.58
CA GLU B 276 35.74 -7.67 -13.66
C GLU B 276 36.81 -6.68 -14.13
N ASN B 277 38.04 -6.94 -13.72
CA ASN B 277 39.21 -6.16 -14.08
C ASN B 277 40.37 -7.15 -14.06
N GLN B 278 40.58 -7.80 -15.21
CA GLN B 278 41.63 -8.79 -15.39
C GLN B 278 43.01 -8.24 -15.05
N GLU B 279 43.24 -6.99 -15.42
CA GLU B 279 44.52 -6.33 -15.18
C GLU B 279 44.93 -6.31 -13.71
N LEU B 280 43.93 -6.32 -12.82
CA LEU B 280 44.19 -6.30 -11.40
C LEU B 280 43.81 -7.64 -10.79
N GLY B 281 43.43 -8.59 -11.65
CA GLY B 281 43.06 -9.91 -11.19
C GLY B 281 41.76 -9.99 -10.41
N LEU B 282 40.81 -9.12 -10.75
CA LEU B 282 39.53 -9.13 -10.06
C LEU B 282 38.42 -9.67 -10.95
N LYS B 283 37.49 -10.40 -10.34
CA LYS B 283 36.36 -10.97 -11.07
C LYS B 283 35.24 -11.35 -10.12
N VAL B 284 34.08 -10.73 -10.30
CA VAL B 284 32.92 -11.00 -9.45
C VAL B 284 32.29 -12.34 -9.83
N GLU B 285 32.55 -13.36 -9.03
CA GLU B 285 32.02 -14.70 -9.26
C GLU B 285 30.75 -14.82 -8.41
N GLY B 286 29.62 -15.05 -9.08
CA GLY B 286 28.37 -15.17 -8.36
C GLY B 286 27.26 -15.36 -9.36
N LEU B 287 26.25 -16.15 -8.99
CA LEU B 287 25.15 -16.40 -9.91
C LEU B 287 23.80 -15.94 -9.38
N LYS B 288 23.74 -15.61 -8.09
CA LYS B 288 22.50 -15.14 -7.50
C LYS B 288 22.28 -13.66 -7.86
N GLY B 289 21.36 -13.41 -8.78
CA GLY B 289 21.10 -12.04 -9.19
C GLY B 289 20.61 -11.18 -8.03
N ARG B 290 21.11 -9.95 -7.95
CA ARG B 290 20.72 -9.04 -6.89
C ARG B 290 20.28 -7.71 -7.52
N HIS B 291 18.97 -7.51 -7.60
CA HIS B 291 18.42 -6.29 -8.19
C HIS B 291 17.98 -5.30 -7.14
N TYR B 292 18.39 -4.05 -7.30
CA TYR B 292 18.05 -2.99 -6.36
C TYR B 292 18.19 -1.64 -7.04
N ARG B 293 17.68 -0.59 -6.41
CA ARG B 293 17.78 0.75 -6.98
C ARG B 293 17.83 1.82 -5.89
N THR B 294 18.77 2.75 -6.02
CA THR B 294 18.93 3.82 -5.04
C THR B 294 18.44 5.17 -5.51
N SER B 295 17.97 5.97 -4.56
CA SER B 295 17.48 7.33 -4.81
C SER B 295 17.69 8.11 -3.52
N VAL B 296 17.78 9.43 -3.62
CA VAL B 296 17.96 10.25 -2.43
C VAL B 296 17.13 11.52 -2.55
N VAL B 297 16.54 11.94 -1.44
CA VAL B 297 15.71 13.15 -1.42
C VAL B 297 16.09 14.00 -0.22
N LEU B 298 15.83 15.30 -0.29
CA LEU B 298 16.11 16.20 0.82
C LEU B 298 15.27 15.71 2.00
N PRO B 299 15.76 15.90 3.24
CA PRO B 299 17.03 16.52 3.62
C PRO B 299 18.26 15.63 3.49
N GLY B 300 18.10 14.48 2.86
CA GLY B 300 19.19 13.55 2.68
C GLY B 300 18.78 12.17 3.13
N VAL B 301 17.75 11.65 2.48
CA VAL B 301 17.22 10.33 2.80
C VAL B 301 17.42 9.37 1.66
N LEU B 302 18.10 8.27 1.95
CA LEU B 302 18.38 7.22 0.96
C LEU B 302 17.32 6.13 0.97
N MET B 303 16.99 5.63 -0.22
CA MET B 303 16.07 4.52 -0.35
C MET B 303 16.75 3.51 -1.25
N VAL B 304 16.77 2.25 -0.80
CA VAL B 304 17.36 1.17 -1.59
C VAL B 304 16.22 0.18 -1.82
N GLU B 305 15.59 0.28 -2.98
CA GLU B 305 14.48 -0.59 -3.35
C GLU B 305 14.93 -2.03 -3.49
N ASN B 306 14.05 -2.95 -3.12
CA ASN B 306 14.34 -4.38 -3.25
C ASN B 306 15.62 -4.81 -2.54
N TRP B 307 15.83 -4.27 -1.35
CA TRP B 307 17.02 -4.61 -0.56
C TRP B 307 16.61 -4.91 0.89
N PRO B 308 17.12 -6.03 1.44
CA PRO B 308 18.02 -7.00 0.80
C PRO B 308 17.31 -8.11 0.00
N GLU B 309 15.98 -8.11 0.05
CA GLU B 309 15.17 -9.10 -0.65
C GLU B 309 13.89 -8.45 -1.14
N GLU B 310 13.15 -9.17 -1.99
CA GLU B 310 11.89 -8.63 -2.52
C GLU B 310 10.92 -8.28 -1.39
N HIS B 311 10.16 -7.21 -1.63
CA HIS B 311 9.16 -6.71 -0.67
C HIS B 311 9.77 -6.01 0.54
N VAL B 312 11.09 -6.01 0.62
CA VAL B 312 11.77 -5.32 1.72
C VAL B 312 12.55 -4.15 1.13
N VAL B 313 12.62 -3.05 1.89
CA VAL B 313 13.34 -1.86 1.43
C VAL B 313 14.18 -1.26 2.56
N GLN B 314 15.33 -0.71 2.21
CA GLN B 314 16.19 -0.08 3.21
C GLN B 314 16.17 1.44 3.06
N TYR B 315 16.09 2.13 4.19
CA TYR B 315 16.10 3.58 4.23
C TYR B 315 17.20 4.02 5.19
N GLU B 316 17.90 5.10 4.85
CA GLU B 316 18.95 5.59 5.74
C GLU B 316 18.84 7.10 5.84
N TRP B 317 19.17 7.62 7.01
CA TRP B 317 19.17 9.04 7.28
C TRP B 317 20.54 9.36 7.87
N TYR B 318 20.97 10.61 7.72
CA TYR B 318 22.25 11.08 8.24
C TYR B 318 21.87 12.43 8.83
N VAL B 319 21.25 12.37 10.00
CA VAL B 319 20.77 13.56 10.67
C VAL B 319 21.88 14.39 11.30
N PRO B 320 21.99 15.65 10.88
CA PRO B 320 23.07 16.43 11.51
C PRO B 320 22.78 16.70 12.98
N ILE B 321 23.79 16.54 13.82
CA ILE B 321 23.64 16.82 15.26
C ILE B 321 24.35 18.16 15.46
N THR B 322 25.63 18.19 15.09
CA THR B 322 26.45 19.42 15.13
C THR B 322 27.05 19.41 13.73
N ASP B 323 28.08 20.22 13.50
CA ASP B 323 28.68 20.24 12.18
C ASP B 323 29.70 19.12 11.97
N ASP B 324 30.00 18.34 13.00
CA ASP B 324 30.93 17.23 12.82
C ASP B 324 30.47 15.89 13.40
N THR B 325 29.17 15.78 13.67
CA THR B 325 28.59 14.54 14.17
C THR B 325 27.20 14.46 13.55
N HIS B 326 26.72 13.25 13.36
CA HIS B 326 25.40 13.05 12.80
C HIS B 326 24.83 11.77 13.38
N GLU B 327 23.52 11.61 13.34
CA GLU B 327 22.90 10.41 13.84
C GLU B 327 22.53 9.58 12.61
N TYR B 328 23.19 8.45 12.46
CA TYR B 328 22.96 7.57 11.33
C TYR B 328 21.81 6.58 11.59
N TRP B 329 20.79 6.63 10.73
CA TRP B 329 19.64 5.74 10.84
C TRP B 329 19.72 4.71 9.74
N GLU B 330 19.34 3.50 10.09
CA GLU B 330 19.39 2.39 9.15
C GLU B 330 18.20 1.51 9.48
N ILE B 331 17.22 1.45 8.57
CA ILE B 331 16.04 0.61 8.80
C ILE B 331 15.63 -0.20 7.58
N LEU B 332 14.91 -1.29 7.85
CA LEU B 332 14.38 -2.15 6.81
C LEU B 332 12.87 -2.11 7.02
N VAL B 333 12.12 -1.94 5.93
CA VAL B 333 10.67 -1.88 6.04
C VAL B 333 9.99 -2.95 5.20
N ARG B 334 8.88 -3.46 5.71
CA ARG B 334 8.11 -4.48 5.01
C ARG B 334 6.68 -4.39 5.52
N VAL B 335 5.72 -4.48 4.61
CA VAL B 335 4.33 -4.42 5.02
C VAL B 335 3.97 -5.80 5.57
N CYS B 336 3.46 -5.83 6.80
CA CYS B 336 3.09 -7.07 7.46
C CYS B 336 1.67 -6.92 8.00
N PRO B 337 0.67 -7.34 7.20
CA PRO B 337 -0.75 -7.25 7.57
C PRO B 337 -1.24 -8.13 8.71
N THR B 338 -0.64 -9.30 8.90
CA THR B 338 -1.06 -10.19 9.98
C THR B 338 0.02 -10.41 11.02
N ASP B 339 -0.42 -10.82 12.21
CA ASP B 339 0.47 -11.10 13.32
C ASP B 339 1.52 -12.09 12.86
N GLU B 340 1.08 -13.04 12.05
CA GLU B 340 1.95 -14.07 11.51
C GLU B 340 3.04 -13.46 10.61
N ASP B 341 2.68 -12.49 9.78
CA ASP B 341 3.63 -11.82 8.89
C ASP B 341 4.68 -11.06 9.69
N ARG B 342 4.25 -10.40 10.76
CA ARG B 342 5.15 -9.65 11.61
C ARG B 342 6.20 -10.55 12.25
N LYS B 343 5.77 -11.71 12.73
CA LYS B 343 6.69 -12.65 13.35
C LYS B 343 7.72 -13.15 12.36
N LYS B 344 7.30 -13.35 11.12
CA LYS B 344 8.21 -13.82 10.08
C LYS B 344 9.29 -12.76 9.80
N PHE B 345 8.86 -11.51 9.69
CA PHE B 345 9.75 -10.39 9.41
C PHE B 345 10.72 -10.19 10.58
N GLN B 346 10.17 -10.22 11.80
CA GLN B 346 10.97 -10.05 13.01
C GLN B 346 12.04 -11.13 13.07
N TYR B 347 11.64 -12.36 12.80
CA TYR B 347 12.57 -13.49 12.82
C TYR B 347 13.69 -13.32 11.79
N ARG B 348 13.32 -13.03 10.55
CA ARG B 348 14.32 -12.88 9.50
C ARG B 348 15.25 -11.70 9.79
N TYR B 349 14.72 -10.68 10.47
CA TYR B 349 15.53 -9.51 10.81
C TYR B 349 16.55 -9.96 11.85
N ASP B 350 16.05 -10.55 12.93
CA ASP B 350 16.88 -11.02 14.03
C ASP B 350 17.98 -12.00 13.65
N HIS B 351 17.67 -12.97 12.80
CA HIS B 351 18.66 -13.98 12.44
C HIS B 351 19.27 -13.87 11.05
N MET B 352 19.03 -12.76 10.38
CA MET B 352 19.59 -12.63 9.05
C MET B 352 19.93 -11.20 8.68
N TYR B 353 18.93 -10.34 8.59
CA TYR B 353 19.16 -8.95 8.21
C TYR B 353 20.07 -8.18 9.15
N LYS B 354 19.73 -8.15 10.43
CA LYS B 354 20.53 -7.40 11.40
C LYS B 354 22.00 -7.81 11.45
N PRO B 355 22.30 -9.10 11.64
CA PRO B 355 23.71 -9.49 11.70
C PRO B 355 24.50 -9.42 10.38
N LEU B 356 23.87 -9.80 9.27
CA LEU B 356 24.56 -9.80 7.98
C LEU B 356 24.43 -8.55 7.14
N CYS B 357 23.33 -7.80 7.31
CA CYS B 357 23.11 -6.61 6.51
C CYS B 357 23.38 -5.29 7.22
N LEU B 358 22.56 -4.97 8.21
CA LEU B 358 22.73 -3.71 8.95
C LEU B 358 24.10 -3.71 9.58
N HIS B 359 24.51 -4.87 10.05
CA HIS B 359 25.84 -5.03 10.62
C HIS B 359 26.53 -5.89 9.55
N GLY B 360 27.83 -5.76 9.41
CA GLY B 360 28.50 -6.56 8.41
C GLY B 360 28.54 -5.79 7.11
N PHE B 361 27.47 -5.88 6.32
CA PHE B 361 27.43 -5.16 5.06
C PHE B 361 27.60 -3.65 5.28
N ASN B 362 26.70 -3.04 6.04
CA ASN B 362 26.77 -1.60 6.27
C ASN B 362 27.85 -1.11 7.22
N ASP B 363 28.41 -1.99 8.05
CA ASP B 363 29.48 -1.55 8.95
C ASP B 363 30.66 -1.04 8.11
N SER B 364 30.87 -1.64 6.94
CA SER B 364 31.94 -1.21 6.06
C SER B 364 31.78 0.25 5.66
N ASP B 365 30.53 0.68 5.51
CA ASP B 365 30.23 2.07 5.15
C ASP B 365 30.57 3.00 6.29
N LEU B 366 30.36 2.52 7.53
CA LEU B 366 30.63 3.29 8.73
C LEU B 366 32.05 3.86 8.71
N TYR B 367 33.03 2.99 8.54
CA TYR B 367 34.42 3.40 8.53
C TYR B 367 34.82 4.12 7.25
N ALA B 368 34.19 3.77 6.13
CA ALA B 368 34.49 4.42 4.85
C ALA B 368 34.13 5.89 4.96
N ARG B 369 32.96 6.19 5.54
CA ARG B 369 32.52 7.57 5.71
C ARG B 369 33.48 8.33 6.63
N GLU B 370 33.85 7.70 7.75
CA GLU B 370 34.75 8.31 8.70
C GLU B 370 36.11 8.67 8.08
N ALA B 371 36.68 7.73 7.35
CA ALA B 371 37.99 7.92 6.71
C ALA B 371 38.10 9.13 5.77
N MET B 372 36.95 9.60 5.30
CA MET B 372 36.90 10.71 4.37
C MET B 372 36.71 12.07 5.04
N GLN B 373 36.28 12.06 6.30
CA GLN B 373 35.99 13.30 7.02
C GLN B 373 37.12 14.31 7.18
N ASN B 374 38.33 13.86 7.52
CA ASN B 374 39.46 14.76 7.69
C ASN B 374 39.78 15.61 6.47
N PHE B 375 39.53 15.07 5.29
CA PHE B 375 39.82 15.78 4.04
C PHE B 375 38.89 16.98 3.85
N TYR B 376 37.67 16.87 4.36
CA TYR B 376 36.69 17.95 4.19
C TYR B 376 36.44 18.89 5.36
N TYR B 377 36.64 18.45 6.58
CA TYR B 377 36.31 19.34 7.69
C TYR B 377 36.86 20.76 7.64
N ASP B 378 38.14 20.94 7.36
CA ASP B 378 38.68 22.28 7.31
C ASP B 378 38.43 22.98 5.98
N GLY B 379 37.61 22.36 5.13
CA GLY B 379 37.26 22.93 3.86
C GLY B 379 38.08 22.47 2.66
N THR B 380 39.24 21.87 2.92
CA THR B 380 40.13 21.41 1.84
C THR B 380 39.48 20.56 0.75
N GLY B 381 38.81 19.49 1.15
CA GLY B 381 38.18 18.61 0.18
C GLY B 381 37.12 19.20 -0.73
N TRP B 382 36.31 20.12 -0.20
CA TRP B 382 35.27 20.72 -1.02
C TRP B 382 35.85 21.42 -2.24
N ASP B 383 37.15 21.71 -2.18
CA ASP B 383 37.84 22.39 -3.26
C ASP B 383 38.86 21.51 -4.00
N ASP B 384 39.59 20.69 -3.25
CA ASP B 384 40.63 19.84 -3.84
C ASP B 384 40.26 18.42 -4.22
N GLU B 385 39.03 18.00 -3.97
CA GLU B 385 38.66 16.64 -4.34
C GLU B 385 38.77 16.58 -5.86
N GLN B 386 39.13 15.42 -6.39
CA GLN B 386 39.24 15.26 -7.83
C GLN B 386 38.24 14.20 -8.24
N LEU B 387 37.04 14.66 -8.59
CA LEU B 387 35.94 13.78 -8.95
C LEU B 387 36.03 13.25 -10.38
N VAL B 388 35.39 12.10 -10.60
CA VAL B 388 35.39 11.46 -11.89
C VAL B 388 33.97 11.11 -12.39
N ALA B 389 33.90 10.34 -13.49
CA ALA B 389 32.61 10.00 -14.09
C ALA B 389 31.53 9.52 -13.13
N THR B 390 31.87 8.57 -12.27
CA THR B 390 30.89 8.04 -11.32
C THR B 390 30.39 9.07 -10.32
N ASP B 391 31.11 10.19 -10.19
CA ASP B 391 30.71 11.22 -9.25
C ASP B 391 29.57 12.09 -9.76
N ILE B 392 28.93 11.65 -10.84
CA ILE B 392 27.79 12.38 -11.38
C ILE B 392 26.70 12.28 -10.30
N SER B 393 26.74 11.21 -9.52
CA SER B 393 25.75 11.00 -8.46
C SER B 393 25.85 12.03 -7.33
N PRO B 394 26.99 12.08 -6.61
CA PRO B 394 27.05 13.09 -5.54
C PRO B 394 26.92 14.52 -6.05
N ILE B 395 27.47 14.80 -7.22
CA ILE B 395 27.38 16.14 -7.78
C ILE B 395 25.94 16.54 -8.07
N THR B 396 25.16 15.60 -8.63
CA THR B 396 23.77 15.91 -8.95
C THR B 396 23.00 16.17 -7.67
N TRP B 397 23.27 15.38 -6.64
CA TRP B 397 22.64 15.55 -5.34
C TRP B 397 22.98 16.91 -4.72
N ARG B 398 24.26 17.29 -4.77
CA ARG B 398 24.68 18.56 -4.20
C ARG B 398 23.96 19.73 -4.86
N LYS B 399 23.82 19.69 -6.18
CA LYS B 399 23.15 20.78 -6.89
C LYS B 399 21.67 20.89 -6.53
N LEU B 400 20.96 19.77 -6.51
CA LEU B 400 19.54 19.82 -6.19
C LEU B 400 19.33 20.19 -4.72
N ALA B 401 20.19 19.68 -3.85
CA ALA B 401 20.08 20.02 -2.43
C ALA B 401 20.29 21.54 -2.25
N SER B 402 21.22 22.11 -3.03
CA SER B 402 21.49 23.54 -2.94
C SER B 402 20.29 24.34 -3.43
N ARG B 403 19.59 23.82 -4.43
CA ARG B 403 18.45 24.49 -4.99
C ARG B 403 17.16 24.38 -4.19
N TRP B 404 16.88 23.22 -3.62
CA TRP B 404 15.62 23.03 -2.90
C TRP B 404 15.56 22.94 -1.37
N ASN B 405 16.69 23.07 -0.69
CA ASN B 405 16.65 23.00 0.76
C ASN B 405 15.79 24.13 1.27
N ARG B 406 15.13 23.94 2.41
CA ARG B 406 14.27 24.96 2.98
C ARG B 406 14.99 25.89 3.96
N GLY B 407 16.31 25.79 4.02
CA GLY B 407 17.05 26.65 4.92
C GLY B 407 18.39 26.06 5.33
N ILE B 408 19.36 26.92 5.58
CA ILE B 408 20.67 26.46 6.02
C ILE B 408 20.77 26.76 7.51
N ALA B 409 20.97 25.73 8.30
CA ALA B 409 21.05 25.88 9.74
C ALA B 409 22.27 26.70 10.15
N LYS B 410 22.07 27.62 11.07
CA LYS B 410 23.17 28.44 11.56
C LYS B 410 23.92 27.69 12.64
N PRO B 411 25.19 28.04 12.88
CA PRO B 411 25.97 27.35 13.90
C PRO B 411 25.30 27.49 15.27
N GLY B 412 25.44 26.46 16.11
CA GLY B 412 24.85 26.53 17.42
C GLY B 412 25.54 27.61 18.25
N ARG B 413 24.77 28.31 19.05
CA ARG B 413 25.28 29.36 19.94
C ARG B 413 24.64 29.15 21.30
N GLY B 414 25.44 29.13 22.37
CA GLY B 414 24.90 28.96 23.70
C GLY B 414 24.27 27.60 23.96
N VAL B 415 24.63 26.61 23.15
CA VAL B 415 24.10 25.26 23.31
C VAL B 415 25.25 24.27 23.24
N ALA B 416 24.98 23.02 23.61
CA ALA B 416 26.00 21.96 23.56
C ALA B 416 26.48 21.86 22.12
N GLY B 417 27.79 21.85 21.92
CA GLY B 417 28.30 21.74 20.57
C GLY B 417 28.66 23.08 19.93
N ALA B 418 28.30 24.18 20.57
CA ALA B 418 28.63 25.50 20.05
C ALA B 418 30.14 25.69 20.16
N VAL B 419 30.72 25.09 21.19
CA VAL B 419 32.15 25.15 21.44
C VAL B 419 32.59 23.70 21.58
N LYS B 420 33.62 23.29 20.83
CA LYS B 420 34.05 21.90 20.83
C LYS B 420 35.03 21.43 21.90
N ASP B 421 35.75 22.36 22.52
CA ASP B 421 36.76 21.96 23.51
C ASP B 421 36.54 22.48 24.93
N THR B 422 35.31 22.39 25.41
CA THR B 422 35.00 22.84 26.76
C THR B 422 35.52 21.85 27.81
N SER B 423 35.73 22.32 29.04
CA SER B 423 36.20 21.45 30.11
C SER B 423 35.16 20.36 30.37
N LEU B 424 33.90 20.66 30.10
CA LEU B 424 32.82 19.71 30.28
C LEU B 424 32.97 18.53 29.31
N ILE B 425 33.35 18.86 28.07
CA ILE B 425 33.55 17.82 27.07
C ILE B 425 34.78 17.00 27.43
N PHE B 426 35.84 17.65 27.92
CA PHE B 426 37.02 16.90 28.30
C PHE B 426 36.74 16.00 29.50
N LYS B 427 35.87 16.46 30.40
CA LYS B 427 35.49 15.67 31.57
C LYS B 427 34.79 14.39 31.09
N GLN B 428 33.78 14.57 30.24
CA GLN B 428 33.02 13.44 29.71
C GLN B 428 33.92 12.47 28.96
N THR B 429 34.83 13.02 28.16
CA THR B 429 35.76 12.21 27.37
C THR B 429 36.69 11.43 28.31
N ALA B 430 37.18 12.11 29.34
CA ALA B 430 38.07 11.46 30.31
C ALA B 430 37.33 10.27 30.90
N ASP B 431 36.03 10.46 31.18
CA ASP B 431 35.18 9.40 31.74
C ASP B 431 34.85 8.29 30.73
N GLY B 432 35.36 8.43 29.50
CA GLY B 432 35.14 7.41 28.48
C GLY B 432 33.91 7.57 27.61
N LYS B 433 33.23 8.72 27.71
CA LYS B 433 32.02 8.95 26.92
C LYS B 433 32.29 9.64 25.58
N ARG B 434 31.88 8.99 24.50
CA ARG B 434 32.07 9.51 23.15
C ARG B 434 31.04 10.58 22.85
N PRO B 435 31.27 11.36 21.79
CA PRO B 435 30.31 12.40 21.43
C PRO B 435 29.01 11.62 21.18
N GLY B 436 27.87 12.18 21.60
CA GLY B 436 26.61 11.48 21.43
C GLY B 436 25.44 12.19 20.78
N TYR B 437 24.24 11.72 21.13
CA TYR B 437 23.00 12.25 20.57
C TYR B 437 21.93 12.42 21.65
N LYS B 438 21.60 11.33 22.33
CA LYS B 438 20.60 11.36 23.39
C LYS B 438 21.18 11.93 24.66
N VAL B 439 20.50 12.92 25.24
CA VAL B 439 20.98 13.56 26.45
C VAL B 439 20.91 12.62 27.66
N GLU B 440 22.01 12.54 28.39
CA GLU B 440 22.10 11.71 29.58
C GLU B 440 21.38 12.48 30.69
N GLN B 441 20.57 11.78 31.48
CA GLN B 441 19.80 12.43 32.53
C GLN B 441 20.36 12.28 33.95
N ILE B 442 19.68 12.90 34.90
CA ILE B 442 20.04 12.88 36.33
C ILE B 442 21.22 13.82 36.62
N ILE C 16 13.43 37.10 22.82
CA ILE C 16 13.80 37.83 24.07
C ILE C 16 12.75 38.90 24.39
N SER C 17 12.11 38.75 25.55
CA SER C 17 11.08 39.67 26.02
C SER C 17 11.61 40.93 26.68
N ASP C 18 10.88 42.03 26.50
CA ASP C 18 11.24 43.33 27.08
C ASP C 18 10.88 43.37 28.55
N ALA C 19 10.21 42.32 29.01
CA ALA C 19 9.80 42.24 30.42
C ALA C 19 10.88 41.63 31.31
N ARG C 20 12.01 41.24 30.73
CA ARG C 20 13.10 40.65 31.52
C ARG C 20 13.80 41.72 32.35
N ALA C 21 14.28 41.34 33.53
CA ALA C 21 14.95 42.26 34.43
C ALA C 21 16.28 42.79 33.92
N ASN C 22 16.99 41.99 33.14
CA ASN C 22 18.28 42.43 32.64
C ASN C 22 18.22 43.22 31.33
N ASN C 23 17.66 44.41 31.40
CA ASN C 23 17.55 45.29 30.24
C ASN C 23 18.92 45.90 29.91
N ALA C 24 19.02 46.61 28.79
CA ALA C 24 20.28 47.21 28.35
C ALA C 24 20.98 48.06 29.41
N LYS C 25 20.21 48.90 30.10
CA LYS C 25 20.78 49.76 31.12
C LYS C 25 21.38 48.91 32.24
N THR C 26 20.64 47.90 32.67
CA THR C 26 21.13 47.02 33.73
C THR C 26 22.40 46.29 33.28
N GLN C 27 22.35 45.66 32.11
CA GLN C 27 23.52 44.93 31.61
C GLN C 27 24.76 45.80 31.50
N SER C 28 24.59 47.05 31.11
CA SER C 28 25.73 47.96 30.96
C SER C 28 26.39 48.23 32.31
N GLN C 29 25.70 47.89 33.39
CA GLN C 29 26.23 48.11 34.73
C GLN C 29 27.12 47.00 35.27
N TYR C 30 27.25 45.90 34.54
CA TYR C 30 28.14 44.83 34.99
C TYR C 30 28.97 44.25 33.85
N GLN C 31 29.56 45.15 33.07
CA GLN C 31 30.40 44.75 31.94
C GLN C 31 31.71 44.16 32.45
N PRO C 32 32.31 44.77 33.49
CA PRO C 32 33.57 44.21 33.99
C PRO C 32 33.36 42.76 34.42
N TYR C 33 32.21 42.47 35.02
CA TYR C 33 31.90 41.11 35.45
C TYR C 33 31.86 40.20 34.23
N LYS C 34 31.24 40.67 33.16
CA LYS C 34 31.18 39.89 31.92
C LYS C 34 32.59 39.65 31.37
N ASP C 35 33.50 40.58 31.66
CA ASP C 35 34.87 40.49 31.17
C ASP C 35 35.79 39.67 32.06
N ALA C 36 35.33 39.27 33.23
CA ALA C 36 36.17 38.52 34.17
C ALA C 36 36.05 36.99 34.16
N ALA C 37 36.08 36.39 32.97
CA ALA C 37 35.98 34.93 32.87
C ALA C 37 37.11 34.23 33.62
N TRP C 38 38.33 34.79 33.55
CA TRP C 38 39.47 34.19 34.24
C TRP C 38 39.53 34.53 35.73
N GLY C 39 38.57 35.33 36.19
CA GLY C 39 38.50 35.70 37.60
C GLY C 39 38.98 37.09 37.97
N PHE C 40 38.71 37.48 39.21
CA PHE C 40 39.15 38.77 39.73
C PHE C 40 40.48 38.56 40.42
N ILE C 41 41.51 39.24 39.93
CA ILE C 41 42.83 39.08 40.49
C ILE C 41 43.12 40.14 41.57
N ASN C 42 44.14 39.90 42.38
CA ASN C 42 44.53 40.78 43.48
C ASN C 42 43.52 40.58 44.61
N HIS C 43 43.21 39.32 44.88
CA HIS C 43 42.27 38.94 45.93
C HIS C 43 42.77 37.71 46.68
N TRP C 44 42.20 37.50 47.88
CA TRP C 44 42.55 36.36 48.71
C TRP C 44 41.66 35.17 48.34
N TYR C 45 42.27 34.00 48.22
CA TYR C 45 41.53 32.79 47.89
C TYR C 45 42.06 31.61 48.68
N PRO C 46 41.17 30.67 49.03
CA PRO C 46 41.66 29.50 49.78
C PRO C 46 42.47 28.69 48.76
N ALA C 47 43.66 28.24 49.15
CA ALA C 47 44.52 27.46 48.24
C ALA C 47 44.51 25.98 48.56
N LEU C 48 44.73 25.66 49.83
CA LEU C 48 44.78 24.29 50.29
C LEU C 48 44.40 24.26 51.76
N PHE C 49 43.96 23.09 52.22
CA PHE C 49 43.66 22.92 53.63
C PHE C 49 45.04 22.64 54.24
N THR C 50 45.21 22.99 55.50
CA THR C 50 46.48 22.75 56.18
C THR C 50 46.95 21.29 56.05
N HIS C 51 46.02 20.35 56.09
CA HIS C 51 46.40 18.95 56.02
C HIS C 51 46.93 18.51 54.65
N GLU C 52 46.82 19.39 53.66
CA GLU C 52 47.30 19.09 52.32
C GLU C 52 48.73 19.52 52.07
N LEU C 53 49.34 20.16 53.07
CA LEU C 53 50.71 20.63 52.94
C LEU C 53 51.43 20.45 54.27
N GLU C 54 52.13 19.34 54.41
CA GLU C 54 52.87 19.06 55.63
C GLU C 54 54.25 19.67 55.59
N GLU C 55 54.96 19.58 56.69
CA GLU C 55 56.29 20.12 56.77
C GLU C 55 57.13 19.62 55.60
N ASP C 56 57.79 20.53 54.90
CA ASP C 56 58.64 20.19 53.77
C ASP C 56 57.89 19.69 52.54
N GLN C 57 56.56 19.75 52.56
CA GLN C 57 55.80 19.28 51.40
C GLN C 57 55.64 20.41 50.38
N VAL C 58 55.67 20.04 49.11
CA VAL C 58 55.54 20.99 48.02
C VAL C 58 54.31 20.61 47.19
N GLN C 59 53.47 21.61 46.91
CA GLN C 59 52.26 21.39 46.13
C GLN C 59 52.00 22.49 45.09
N GLY C 60 51.63 22.09 43.88
CA GLY C 60 51.36 23.04 42.83
C GLY C 60 49.86 23.16 42.56
N ILE C 61 49.40 24.37 42.33
CA ILE C 61 47.98 24.64 42.06
C ILE C 61 47.89 25.73 40.99
N GLN C 62 46.67 26.14 40.67
CA GLN C 62 46.45 27.19 39.69
C GLN C 62 45.19 27.98 40.08
N ILE C 63 45.32 29.29 40.17
CA ILE C 63 44.21 30.16 40.54
C ILE C 63 44.21 31.40 39.67
N CYS C 64 43.04 31.72 39.12
CA CYS C 64 42.89 32.87 38.22
C CYS C 64 43.87 32.72 37.06
N GLY C 65 44.13 31.49 36.67
CA GLY C 65 45.04 31.23 35.57
C GLY C 65 46.50 31.28 35.97
N VAL C 66 46.78 31.67 37.21
CA VAL C 66 48.15 31.76 37.71
C VAL C 66 48.65 30.46 38.37
N PRO C 67 49.73 29.87 37.84
CA PRO C 67 50.24 28.64 38.45
C PRO C 67 51.00 29.02 39.72
N ILE C 68 50.66 28.37 40.82
CA ILE C 68 51.28 28.65 42.12
C ILE C 68 51.81 27.41 42.82
N VAL C 69 53.00 27.52 43.40
CA VAL C 69 53.61 26.42 44.12
C VAL C 69 53.76 26.84 45.59
N LEU C 70 53.49 25.90 46.50
CA LEU C 70 53.60 26.19 47.92
C LEU C 70 54.49 25.18 48.62
N ARG C 71 55.20 25.64 49.65
CA ARG C 71 56.06 24.77 50.43
C ARG C 71 55.99 25.19 51.89
N ARG C 72 55.94 24.21 52.79
CA ARG C 72 55.93 24.54 54.21
C ARG C 72 57.33 24.24 54.73
N VAL C 73 57.96 25.25 55.33
CA VAL C 73 59.30 25.09 55.89
C VAL C 73 59.29 25.66 57.32
N ASN C 74 59.69 24.80 58.27
CA ASN C 74 59.70 25.19 59.68
C ASN C 74 58.31 25.69 60.10
N GLY C 75 57.28 25.02 59.60
CA GLY C 75 55.92 25.37 59.94
C GLY C 75 55.29 26.50 59.15
N LYS C 76 56.11 27.27 58.44
CA LYS C 76 55.60 28.38 57.66
C LYS C 76 55.41 28.06 56.17
N VAL C 77 54.30 28.53 55.61
CA VAL C 77 53.98 28.30 54.20
C VAL C 77 54.35 29.47 53.31
N PHE C 78 55.01 29.16 52.20
CA PHE C 78 55.43 30.16 51.21
C PHE C 78 54.80 29.82 49.87
N ALA C 79 54.48 30.85 49.10
CA ALA C 79 53.88 30.66 47.79
C ALA C 79 54.61 31.48 46.74
N LEU C 80 54.99 30.83 45.63
CA LEU C 80 55.67 31.50 44.52
C LEU C 80 54.99 31.08 43.22
N LYS C 81 55.29 31.76 42.13
CA LYS C 81 54.70 31.40 40.86
C LYS C 81 55.30 30.06 40.46
N ASP C 82 54.45 29.12 40.09
CA ASP C 82 54.90 27.79 39.70
C ASP C 82 55.34 27.79 38.25
N GLN C 83 56.35 28.62 37.97
CA GLN C 83 56.89 28.74 36.62
C GLN C 83 58.35 29.18 36.66
N CYS C 84 59.23 28.26 36.33
CA CYS C 84 60.65 28.57 36.30
C CYS C 84 60.84 29.62 35.23
N LEU C 85 61.50 30.73 35.58
CA LEU C 85 61.71 31.81 34.62
C LEU C 85 62.72 31.48 33.52
N HIS C 86 63.40 30.34 33.64
CA HIS C 86 64.37 29.92 32.63
C HIS C 86 63.63 29.42 31.38
N ARG C 87 63.01 28.25 31.48
CA ARG C 87 62.29 27.74 30.32
C ARG C 87 60.85 27.29 30.61
N GLY C 88 60.26 27.93 31.61
CA GLY C 88 58.87 27.70 31.96
C GLY C 88 58.31 26.41 32.53
N VAL C 89 59.13 25.51 33.07
CA VAL C 89 58.57 24.29 33.62
C VAL C 89 57.98 24.61 35.00
N ARG C 90 57.08 23.75 35.47
CA ARG C 90 56.49 23.94 36.79
C ARG C 90 57.44 23.35 37.83
N LEU C 91 57.80 24.17 38.81
CA LEU C 91 58.70 23.74 39.87
C LEU C 91 58.09 22.64 40.73
N SER C 92 56.76 22.61 40.82
CA SER C 92 56.04 21.64 41.64
C SER C 92 55.91 20.23 41.08
N GLU C 93 56.31 20.02 39.83
CA GLU C 93 56.19 18.70 39.23
C GLU C 93 57.17 17.68 39.78
N LYS C 94 58.34 18.14 40.19
CA LYS C 94 59.34 17.26 40.79
C LYS C 94 60.03 18.08 41.87
N PRO C 95 59.37 18.25 43.03
CA PRO C 95 59.89 19.01 44.16
C PRO C 95 61.37 18.81 44.41
N THR C 96 62.11 19.91 44.34
CA THR C 96 63.55 19.88 44.54
C THR C 96 64.01 21.09 45.37
N CYS C 97 64.21 20.88 46.67
CA CYS C 97 64.65 21.95 47.56
C CYS C 97 65.93 21.51 48.26
N PHE C 98 67.00 22.26 48.06
CA PHE C 98 68.27 21.92 48.67
C PHE C 98 68.54 22.59 50.02
N THR C 99 67.81 23.67 50.31
CA THR C 99 67.97 24.37 51.58
C THR C 99 66.61 24.80 52.07
N LYS C 100 66.53 25.13 53.36
CA LYS C 100 65.28 25.55 53.98
C LYS C 100 64.72 26.87 53.46
N SER C 101 65.58 27.70 52.86
CA SER C 101 65.14 29.01 52.38
C SER C 101 64.92 29.13 50.89
N THR C 102 65.04 28.02 50.15
CA THR C 102 64.88 28.11 48.70
C THR C 102 64.11 26.95 48.10
N ILE C 103 63.88 27.05 46.79
CA ILE C 103 63.24 26.01 46.03
C ILE C 103 63.92 26.08 44.67
N SER C 104 64.32 24.92 44.15
CA SER C 104 65.02 24.87 42.87
C SER C 104 64.22 24.18 41.77
N CYS C 105 64.58 24.49 40.54
CA CYS C 105 63.95 23.86 39.39
C CYS C 105 64.73 22.58 39.14
N TRP C 106 64.02 21.47 39.06
CA TRP C 106 64.61 20.15 38.83
C TRP C 106 65.24 19.96 37.46
N TYR C 107 65.00 20.89 36.55
CA TYR C 107 65.52 20.75 35.20
C TYR C 107 66.95 21.24 35.01
N HIS C 108 67.18 22.55 35.16
CA HIS C 108 68.53 23.10 34.97
C HIS C 108 69.08 23.76 36.23
N GLY C 109 68.39 23.58 37.35
CA GLY C 109 68.87 24.12 38.61
C GLY C 109 68.64 25.57 39.02
N PHE C 110 67.87 26.34 38.27
CA PHE C 110 67.63 27.72 38.69
C PHE C 110 67.08 27.63 40.11
N THR C 111 67.61 28.45 41.02
CA THR C 111 67.18 28.41 42.42
C THR C 111 66.59 29.73 42.93
N PHE C 112 65.43 29.65 43.57
CA PHE C 112 64.75 30.85 44.05
C PHE C 112 64.55 30.95 45.56
N ASP C 113 64.71 32.17 46.07
CA ASP C 113 64.52 32.44 47.48
C ASP C 113 63.02 32.38 47.76
N LEU C 114 62.62 31.55 48.72
CA LEU C 114 61.22 31.38 49.07
C LEU C 114 60.54 32.68 49.50
N GLU C 115 61.27 33.50 50.25
CA GLU C 115 60.76 34.76 50.78
C GLU C 115 60.57 35.87 49.75
N THR C 116 61.58 36.06 48.90
CA THR C 116 61.54 37.12 47.90
C THR C 116 61.31 36.66 46.46
N GLY C 117 61.52 35.37 46.19
CA GLY C 117 61.34 34.86 44.85
C GLY C 117 62.52 35.18 43.93
N LYS C 118 63.51 35.91 44.44
CA LYS C 118 64.67 36.27 43.64
C LYS C 118 65.49 35.05 43.21
N LEU C 119 66.06 35.12 42.01
CA LEU C 119 66.91 34.05 41.51
C LEU C 119 68.24 34.26 42.27
N VAL C 120 68.48 33.40 43.25
CA VAL C 120 69.68 33.50 44.07
C VAL C 120 70.90 32.76 43.52
N THR C 121 70.67 31.74 42.70
CA THR C 121 71.77 30.99 42.11
C THR C 121 71.27 29.95 41.10
N ILE C 122 72.21 29.25 40.49
CA ILE C 122 71.94 28.20 39.51
C ILE C 122 72.90 27.07 39.89
N VAL C 123 72.37 25.93 40.29
CA VAL C 123 73.17 24.78 40.72
C VAL C 123 74.53 24.57 40.06
N ALA C 124 74.57 24.44 38.74
CA ALA C 124 75.84 24.21 38.05
C ALA C 124 76.33 25.40 37.22
N ASN C 125 75.85 26.59 37.57
CA ASN C 125 76.24 27.82 36.88
C ASN C 125 76.04 28.99 37.85
N PRO C 126 76.70 28.91 39.02
CA PRO C 126 76.65 29.90 40.09
C PRO C 126 77.11 31.33 39.78
N GLU C 127 77.86 31.51 38.69
CA GLU C 127 78.36 32.83 38.36
C GLU C 127 77.66 33.51 37.19
N ASP C 128 76.57 32.95 36.71
CA ASP C 128 75.87 33.55 35.57
C ASP C 128 75.42 34.96 35.91
N LYS C 129 75.56 35.86 34.95
CA LYS C 129 75.17 37.25 35.12
C LYS C 129 73.68 37.45 35.32
N LEU C 130 72.87 36.44 34.99
CA LEU C 130 71.42 36.58 35.14
C LEU C 130 71.02 36.48 36.61
N ILE C 131 71.83 35.79 37.39
CA ILE C 131 71.56 35.59 38.81
C ILE C 131 71.41 36.92 39.56
N GLY C 132 70.36 37.01 40.36
CA GLY C 132 70.10 38.20 41.15
C GLY C 132 69.45 39.35 40.41
N THR C 133 69.41 39.27 39.08
CA THR C 133 68.82 40.34 38.28
C THR C 133 67.33 40.18 38.05
N THR C 134 66.77 39.07 38.51
CA THR C 134 65.34 38.81 38.34
C THR C 134 64.88 37.73 39.32
N GLY C 135 63.60 37.35 39.23
CA GLY C 135 63.05 36.33 40.11
C GLY C 135 61.61 36.04 39.74
N VAL C 136 60.97 35.13 40.47
CA VAL C 136 59.58 34.82 40.20
C VAL C 136 58.70 35.54 41.21
N THR C 137 57.43 35.70 40.86
CA THR C 137 56.47 36.38 41.71
C THR C 137 56.21 35.63 43.02
N THR C 138 56.00 36.37 44.10
CA THR C 138 55.70 35.75 45.39
C THR C 138 54.25 36.10 45.71
N TYR C 139 53.59 35.25 46.50
CA TYR C 139 52.21 35.50 46.86
C TYR C 139 52.01 35.43 48.36
N PRO C 140 51.46 36.50 48.97
CA PRO C 140 51.22 36.54 50.40
C PRO C 140 50.38 35.34 50.84
N VAL C 141 50.72 34.79 52.01
CA VAL C 141 50.00 33.65 52.54
C VAL C 141 49.45 33.99 53.93
N HIS C 142 48.29 33.44 54.25
CA HIS C 142 47.68 33.65 55.56
C HIS C 142 47.01 32.33 55.92
N GLU C 143 47.66 31.56 56.78
CA GLU C 143 47.12 30.27 57.21
C GLU C 143 46.43 30.48 58.54
N VAL C 144 45.21 29.95 58.66
CA VAL C 144 44.45 30.11 59.89
C VAL C 144 43.41 29.00 60.07
N ASN C 145 43.40 28.41 61.25
CA ASN C 145 42.46 27.35 61.59
C ASN C 145 42.21 26.27 60.54
N GLY C 146 43.28 25.70 60.01
CA GLY C 146 43.15 24.63 59.03
C GLY C 146 43.09 25.00 57.56
N MET C 147 43.10 26.29 57.27
CA MET C 147 43.04 26.74 55.89
C MET C 147 44.19 27.65 55.50
N ILE C 148 44.73 27.39 54.31
CA ILE C 148 45.82 28.19 53.79
C ILE C 148 45.26 29.10 52.71
N PHE C 149 45.27 30.40 52.98
CA PHE C 149 44.79 31.39 52.04
C PHE C 149 45.97 32.02 51.34
N VAL C 150 45.79 32.35 50.07
CA VAL C 150 46.84 32.96 49.28
C VAL C 150 46.31 34.20 48.55
N PHE C 151 47.10 35.27 48.55
CA PHE C 151 46.70 36.49 47.86
C PHE C 151 47.22 36.38 46.44
N VAL C 152 46.35 36.00 45.51
CA VAL C 152 46.72 35.84 44.11
C VAL C 152 46.70 37.23 43.50
N ARG C 153 47.88 37.70 43.10
CA ARG C 153 48.03 39.05 42.56
C ARG C 153 48.81 39.12 41.26
N GLU C 154 48.73 40.27 40.59
CA GLU C 154 49.44 40.51 39.36
C GLU C 154 50.90 40.68 39.72
N ASP C 155 51.78 40.47 38.74
CA ASP C 155 53.20 40.58 38.99
C ASP C 155 53.64 41.92 39.54
N ASP C 156 52.94 43.00 39.16
CA ASP C 156 53.29 44.33 39.62
C ASP C 156 52.47 44.91 40.77
N PHE C 157 51.62 44.09 41.40
CA PHE C 157 50.84 44.58 42.53
C PHE C 157 51.78 44.72 43.72
N PRO C 158 51.97 45.94 44.23
CA PRO C 158 52.86 46.19 45.37
C PRO C 158 52.52 45.54 46.72
N ASP C 159 53.57 45.06 47.39
CA ASP C 159 53.42 44.39 48.69
C ASP C 159 52.67 45.26 49.69
N GLU C 160 53.05 46.54 49.74
CA GLU C 160 52.43 47.46 50.68
C GLU C 160 50.95 47.70 50.41
N ASP C 161 50.45 47.20 49.29
CA ASP C 161 49.04 47.36 48.94
C ASP C 161 48.19 46.13 49.27
N VAL C 162 48.86 45.04 49.64
CA VAL C 162 48.14 43.81 49.98
C VAL C 162 47.26 44.10 51.18
N PRO C 163 45.94 43.87 51.05
CA PRO C 163 45.00 44.12 52.15
C PRO C 163 44.91 42.95 53.12
N PRO C 164 44.21 43.14 54.26
CA PRO C 164 44.09 42.03 55.21
C PRO C 164 43.10 41.00 54.69
N LEU C 165 43.36 39.74 55.00
CA LEU C 165 42.51 38.64 54.56
C LEU C 165 41.05 38.90 54.85
N ALA C 166 40.77 39.49 56.00
CA ALA C 166 39.38 39.76 56.41
C ALA C 166 38.59 40.58 55.41
N HIS C 167 39.28 41.39 54.61
CA HIS C 167 38.59 42.20 53.60
C HIS C 167 38.00 41.33 52.50
N ASP C 168 38.50 40.11 52.35
CA ASP C 168 38.01 39.20 51.32
C ASP C 168 37.29 37.98 51.92
N LEU C 169 36.81 38.14 53.16
CA LEU C 169 36.08 37.08 53.84
C LEU C 169 34.72 37.65 54.24
N PRO C 170 33.71 36.80 54.41
CA PRO C 170 32.37 37.24 54.78
C PRO C 170 32.31 38.12 56.02
N PHE C 171 31.23 38.89 56.14
CA PHE C 171 31.01 39.77 57.28
C PHE C 171 31.06 38.96 58.57
N ARG C 172 31.69 39.52 59.61
CA ARG C 172 31.83 38.82 60.87
C ARG C 172 30.80 39.17 61.94
N PHE C 173 30.42 38.16 62.72
CA PHE C 173 29.48 38.35 63.82
C PHE C 173 30.18 37.81 65.06
N PRO C 174 29.83 38.33 66.25
CA PRO C 174 28.83 39.37 66.53
C PRO C 174 29.22 40.78 66.12
N GLU C 175 30.45 40.96 65.68
CA GLU C 175 30.92 42.28 65.27
C GLU C 175 29.87 43.10 64.52
N ARG C 176 29.26 42.52 63.48
CA ARG C 176 28.28 43.26 62.69
C ARG C 176 26.83 42.83 62.98
N SER C 177 26.58 42.26 64.15
CA SER C 177 25.21 41.86 64.49
C SER C 177 24.25 43.05 64.51
N GLU C 178 24.76 44.23 64.85
CA GLU C 178 23.92 45.43 64.89
C GLU C 178 23.60 45.88 63.47
N GLN C 179 24.59 45.79 62.59
CA GLN C 179 24.41 46.18 61.20
C GLN C 179 23.49 45.19 60.49
N PHE C 180 23.66 43.90 60.79
CA PHE C 180 22.83 42.85 60.19
C PHE C 180 22.13 42.05 61.29
N PRO C 181 21.07 42.63 61.88
CA PRO C 181 20.32 41.96 62.95
C PRO C 181 19.86 40.55 62.59
N HIS C 182 20.01 39.62 63.54
CA HIS C 182 19.63 38.23 63.34
C HIS C 182 19.03 37.69 64.64
N PRO C 183 17.83 38.15 65.00
CA PRO C 183 17.14 37.72 66.21
C PRO C 183 16.71 36.25 66.25
N LEU C 184 16.66 35.61 65.08
CA LEU C 184 16.23 34.22 65.02
C LEU C 184 17.33 33.16 65.15
N TRP C 185 18.57 33.60 65.30
CA TRP C 185 19.66 32.63 65.44
C TRP C 185 20.94 33.22 66.01
N PRO C 186 21.73 32.38 66.70
CA PRO C 186 22.99 32.88 67.28
C PRO C 186 23.98 33.28 66.20
N SER C 187 24.97 34.11 66.58
CA SER C 187 25.97 34.59 65.64
C SER C 187 26.82 33.49 65.00
N SER C 188 26.99 33.57 63.68
CA SER C 188 27.80 32.60 62.95
C SER C 188 29.27 32.92 63.17
N PRO C 189 30.09 31.88 63.42
CA PRO C 189 31.52 32.11 63.64
C PRO C 189 32.24 32.36 62.32
N SER C 190 33.48 32.83 62.41
CA SER C 190 34.29 33.10 61.24
C SER C 190 35.53 32.21 61.24
N VAL C 191 36.07 31.92 60.07
CA VAL C 191 37.27 31.10 59.98
C VAL C 191 38.40 31.81 60.76
N LEU C 192 38.21 33.11 61.00
CA LEU C 192 39.20 33.90 61.72
C LEU C 192 39.07 33.82 63.26
N ASP C 193 37.91 33.39 63.75
CA ASP C 193 37.68 33.29 65.19
C ASP C 193 38.59 32.29 65.89
N ASP C 194 38.91 32.58 67.15
CA ASP C 194 39.74 31.68 67.94
C ASP C 194 38.95 30.42 68.21
N ASN C 195 39.62 29.27 68.09
CA ASN C 195 39.00 27.97 68.33
C ASN C 195 37.97 27.57 67.27
N ALA C 196 37.96 28.28 66.16
CA ALA C 196 37.03 27.93 65.10
C ALA C 196 37.60 26.68 64.44
N VAL C 197 36.74 25.70 64.22
CA VAL C 197 37.15 24.44 63.59
C VAL C 197 36.50 24.34 62.21
N VAL C 198 37.28 23.96 61.22
CA VAL C 198 36.81 23.82 59.85
C VAL C 198 36.75 22.37 59.40
N HIS C 199 35.65 22.00 58.75
CA HIS C 199 35.49 20.66 58.20
C HIS C 199 34.84 20.85 56.82
N GLY C 200 35.33 20.12 55.83
CA GLY C 200 34.76 20.25 54.50
C GLY C 200 35.71 19.76 53.42
N MET C 201 35.51 20.26 52.21
CA MET C 201 36.35 19.84 51.10
C MET C 201 36.28 20.77 49.92
N HIS C 202 37.16 20.55 48.96
CA HIS C 202 37.16 21.32 47.74
C HIS C 202 37.41 20.35 46.59
N ARG C 203 36.74 20.59 45.47
CA ARG C 203 36.90 19.73 44.31
C ARG C 203 36.71 20.54 43.05
N THR C 204 37.38 20.13 41.98
CA THR C 204 37.29 20.86 40.74
C THR C 204 35.89 20.81 40.12
N GLY C 205 35.39 21.99 39.75
CA GLY C 205 34.09 22.10 39.13
C GLY C 205 34.31 22.37 37.65
N PHE C 206 33.49 21.77 36.79
CA PHE C 206 33.66 21.95 35.36
C PHE C 206 32.74 23.01 34.79
N GLY C 207 33.33 24.17 34.52
CA GLY C 207 32.60 25.30 34.01
C GLY C 207 33.13 26.57 34.67
N ASN C 208 32.73 27.72 34.13
CA ASN C 208 33.17 29.01 34.62
C ASN C 208 32.77 29.30 36.07
N TRP C 209 33.68 29.92 36.83
CA TRP C 209 33.44 30.24 38.23
C TRP C 209 32.23 31.14 38.51
N ARG C 210 31.97 32.12 37.64
CA ARG C 210 30.86 33.05 37.82
C ARG C 210 29.50 32.34 37.88
N ILE C 211 29.27 31.44 36.93
CA ILE C 211 28.01 30.71 36.87
C ILE C 211 27.84 29.83 38.10
N ALA C 212 28.93 29.26 38.58
CA ALA C 212 28.88 28.42 39.76
C ALA C 212 28.57 29.25 41.01
N CYS C 213 29.20 30.42 41.10
CA CYS C 213 29.04 31.31 42.24
C CYS C 213 27.63 31.87 42.42
N GLU C 214 26.99 32.28 41.33
CA GLU C 214 25.66 32.86 41.42
C GLU C 214 24.56 31.92 41.90
N ASN C 215 24.80 30.62 41.84
CA ASN C 215 23.81 29.64 42.29
C ASN C 215 23.53 29.71 43.80
N GLY C 216 24.59 29.74 44.60
CA GLY C 216 24.45 29.75 46.05
C GLY C 216 23.53 30.74 46.75
N PHE C 217 23.48 31.98 46.29
CA PHE C 217 22.63 32.96 46.95
C PHE C 217 21.37 33.32 46.17
N ASP C 218 20.99 32.44 45.25
CA ASP C 218 19.80 32.65 44.43
C ASP C 218 18.62 32.03 45.19
N ASN C 219 17.63 32.85 45.54
CA ASN C 219 16.51 32.34 46.32
C ASN C 219 15.41 31.63 45.54
N ALA C 220 15.59 31.50 44.24
CA ALA C 220 14.62 30.82 43.39
C ALA C 220 15.17 29.42 43.05
N HIS C 221 16.48 29.25 43.19
CA HIS C 221 17.11 27.98 42.88
C HIS C 221 16.84 26.86 43.91
N ILE C 222 16.31 27.21 45.08
CA ILE C 222 16.09 26.18 46.10
C ILE C 222 15.13 25.08 45.65
N LEU C 223 14.54 25.26 44.48
CA LEU C 223 13.63 24.27 43.94
C LEU C 223 14.42 23.00 43.65
N VAL C 224 15.72 23.18 43.38
CA VAL C 224 16.62 22.06 43.08
C VAL C 224 16.80 21.09 44.26
N HIS C 225 16.42 21.52 45.46
CA HIS C 225 16.57 20.69 46.66
C HIS C 225 15.27 20.07 47.17
N LYS C 226 14.17 20.33 46.47
CA LYS C 226 12.86 19.81 46.86
C LYS C 226 12.86 18.31 47.18
N ASP C 227 13.79 17.55 46.61
CA ASP C 227 13.86 16.11 46.83
C ASP C 227 15.06 15.56 47.63
N ASN C 228 15.91 16.44 48.14
CA ASN C 228 17.06 15.98 48.91
C ASN C 228 16.62 15.20 50.16
N THR C 229 17.32 14.10 50.45
CA THR C 229 16.98 13.26 51.60
C THR C 229 16.94 14.00 52.93
N ILE C 230 17.91 14.87 53.17
CA ILE C 230 17.93 15.61 54.43
C ILE C 230 16.67 16.44 54.65
N VAL C 231 16.12 17.00 53.57
CA VAL C 231 14.92 17.81 53.68
C VAL C 231 13.73 17.00 54.23
N HIS C 232 13.61 15.75 53.80
CA HIS C 232 12.50 14.93 54.27
C HIS C 232 12.79 14.15 55.54
N ALA C 233 14.07 13.94 55.84
CA ALA C 233 14.45 13.22 57.05
C ALA C 233 14.28 14.16 58.25
N MET C 234 14.63 15.43 58.04
CA MET C 234 14.53 16.45 59.07
C MET C 234 13.14 17.08 59.06
N ASP C 235 12.36 16.75 58.04
CA ASP C 235 11.02 17.28 57.89
C ASP C 235 11.06 18.81 57.88
N TRP C 236 12.11 19.35 57.27
CA TRP C 236 12.30 20.80 57.18
C TRP C 236 11.19 21.51 56.45
N VAL C 237 11.21 22.83 56.56
CA VAL C 237 10.25 23.67 55.88
C VAL C 237 11.06 24.48 54.86
N LEU C 238 11.37 23.82 53.74
CA LEU C 238 12.12 24.44 52.66
C LEU C 238 11.11 24.84 51.59
N PRO C 239 10.85 26.16 51.47
CA PRO C 239 9.89 26.67 50.49
C PRO C 239 10.31 26.47 49.03
N LEU C 240 9.33 26.52 48.13
CA LEU C 240 9.58 26.37 46.71
C LEU C 240 10.56 27.44 46.25
N GLY C 241 10.43 28.63 46.85
CA GLY C 241 11.29 29.75 46.53
C GLY C 241 10.94 30.95 47.39
N LEU C 242 11.78 31.98 47.36
CA LEU C 242 11.54 33.21 48.12
C LEU C 242 11.37 34.35 47.13
N LEU C 243 10.54 35.33 47.48
CA LEU C 243 10.28 36.46 46.61
C LEU C 243 10.62 37.78 47.27
N PRO C 244 11.30 38.68 46.54
CA PRO C 244 11.65 39.99 47.11
C PRO C 244 10.38 40.82 47.18
N THR C 245 10.18 41.55 48.27
CA THR C 245 8.99 42.36 48.42
C THR C 245 9.27 43.86 48.38
N SER C 246 10.55 44.23 48.46
CA SER C 246 10.93 45.64 48.41
C SER C 246 12.29 45.81 47.75
N ASP C 247 12.58 47.04 47.35
CA ASP C 247 13.85 47.36 46.69
C ASP C 247 15.07 47.23 47.60
N ASP C 248 14.86 47.30 48.91
CA ASP C 248 15.98 47.19 49.83
C ASP C 248 16.07 45.81 50.46
N CYS C 249 15.57 44.79 49.76
CA CYS C 249 15.61 43.43 50.28
C CYS C 249 17.06 42.92 50.39
N ILE C 250 17.99 43.67 49.79
CA ILE C 250 19.40 43.33 49.84
C ILE C 250 20.18 44.57 50.22
N ALA C 251 21.09 44.44 51.18
CA ALA C 251 21.90 45.56 51.61
C ALA C 251 23.30 45.44 51.03
N VAL C 252 23.70 46.45 50.26
CA VAL C 252 25.02 46.46 49.64
C VAL C 252 25.99 47.19 50.55
N VAL C 253 27.08 46.52 50.92
CA VAL C 253 28.09 47.10 51.79
C VAL C 253 29.38 47.33 51.02
N GLU C 254 29.91 48.54 51.10
CA GLU C 254 31.11 48.87 50.36
C GLU C 254 32.04 49.87 51.05
N ASP C 255 32.19 49.71 52.37
CA ASP C 255 33.05 50.59 53.15
C ASP C 255 34.51 50.18 53.01
N ASP C 256 35.38 51.16 52.80
CA ASP C 256 36.81 50.93 52.64
C ASP C 256 37.39 49.86 53.54
N ASP C 257 37.21 50.02 54.84
CA ASP C 257 37.74 49.03 55.78
C ASP C 257 36.69 47.95 56.01
N GLY C 258 36.85 46.83 55.31
CA GLY C 258 35.90 45.74 55.45
C GLY C 258 35.58 45.09 54.13
N PRO C 259 34.82 43.98 54.15
CA PRO C 259 34.48 43.30 52.89
C PRO C 259 33.48 44.04 52.01
N LYS C 260 33.59 43.81 50.71
CA LYS C 260 32.72 44.42 49.73
C LYS C 260 31.74 43.35 49.28
N GLY C 261 30.47 43.52 49.62
CA GLY C 261 29.48 42.53 49.25
C GLY C 261 28.05 42.95 49.55
N MET C 262 27.19 41.97 49.73
CA MET C 262 25.79 42.23 50.01
C MET C 262 25.24 41.22 51.00
N MET C 263 24.23 41.66 51.75
CA MET C 263 23.56 40.86 52.74
C MET C 263 22.09 40.79 52.35
N GLN C 264 21.54 39.59 52.27
CA GLN C 264 20.13 39.43 51.91
C GLN C 264 19.34 39.31 53.20
N TRP C 265 18.31 40.12 53.34
CA TRP C 265 17.47 40.12 54.53
C TRP C 265 16.46 38.97 54.54
N LEU C 266 16.98 37.74 54.56
CA LEU C 266 16.12 36.57 54.58
C LEU C 266 15.43 36.51 55.95
N PHE C 267 14.23 35.95 55.96
CA PHE C 267 13.43 35.82 57.18
C PHE C 267 13.04 37.16 57.80
N THR C 268 12.55 38.04 56.93
CA THR C 268 12.03 39.36 57.28
C THR C 268 10.99 39.58 56.18
N ASP C 269 10.23 40.67 56.24
CA ASP C 269 9.19 40.91 55.22
C ASP C 269 9.79 41.07 53.83
N LYS C 270 11.04 41.53 53.76
CA LYS C 270 11.70 41.78 52.50
C LYS C 270 11.86 40.57 51.58
N TRP C 271 11.65 39.38 52.13
CA TRP C 271 11.73 38.14 51.35
C TRP C 271 10.61 37.23 51.79
N ALA C 272 9.57 37.14 50.96
CA ALA C 272 8.41 36.32 51.28
C ALA C 272 8.55 34.88 50.75
N PRO C 273 8.39 33.89 51.65
CA PRO C 273 8.49 32.49 51.25
C PRO C 273 7.27 31.98 50.48
N VAL C 274 7.52 31.08 49.53
CA VAL C 274 6.45 30.48 48.73
C VAL C 274 6.51 28.99 49.04
N LEU C 275 5.55 28.52 49.83
CA LEU C 275 5.50 27.11 50.22
C LEU C 275 4.50 26.29 49.43
N GLU C 276 3.89 26.88 48.40
CA GLU C 276 2.91 26.13 47.64
C GLU C 276 2.53 26.73 46.28
N ASN C 277 2.06 25.84 45.41
CA ASN C 277 1.58 26.18 44.08
C ASN C 277 0.55 25.11 43.75
N GLN C 278 -0.69 25.38 44.17
CA GLN C 278 -1.81 24.48 43.96
C GLN C 278 -1.98 24.13 42.47
N GLU C 279 -1.80 25.14 41.62
CA GLU C 279 -1.95 24.97 40.18
C GLU C 279 -1.05 23.88 39.59
N LEU C 280 0.08 23.62 40.25
CA LEU C 280 1.00 22.59 39.78
C LEU C 280 1.03 21.42 40.76
N GLY C 281 0.17 21.49 41.78
CA GLY C 281 0.09 20.43 42.76
C GLY C 281 1.27 20.31 43.70
N LEU C 282 1.89 21.43 44.02
CA LEU C 282 3.04 21.43 44.92
C LEU C 282 2.70 22.06 46.27
N LYS C 283 3.30 21.52 47.32
CA LYS C 283 3.05 22.02 48.67
C LYS C 283 4.14 21.55 49.62
N VAL C 284 4.87 22.50 50.21
CA VAL C 284 5.95 22.18 51.14
C VAL C 284 5.39 21.76 52.49
N GLU C 285 5.38 20.46 52.73
CA GLU C 285 4.88 19.91 53.97
C GLU C 285 6.10 19.75 54.88
N GLY C 286 6.06 20.39 56.04
CA GLY C 286 7.18 20.31 56.96
C GLY C 286 6.92 21.20 58.14
N LEU C 287 7.26 20.74 59.33
CA LEU C 287 7.02 21.53 60.52
C LEU C 287 8.29 21.97 61.24
N LYS C 288 9.43 21.43 60.81
CA LYS C 288 10.72 21.79 61.41
C LYS C 288 11.25 23.09 60.79
N GLY C 289 11.12 24.19 61.54
CA GLY C 289 11.60 25.46 61.03
C GLY C 289 13.08 25.42 60.71
N ARG C 290 13.45 26.05 59.60
CA ARG C 290 14.86 26.10 59.18
C ARG C 290 15.21 27.53 58.84
N HIS C 291 15.87 28.21 59.77
CA HIS C 291 16.24 29.61 59.56
C HIS C 291 17.69 29.70 59.14
N TYR C 292 17.96 30.57 58.16
CA TYR C 292 19.31 30.77 57.65
C TYR C 292 19.34 32.09 56.88
N ARG C 293 20.53 32.52 56.48
CA ARG C 293 20.67 33.77 55.74
C ARG C 293 21.92 33.76 54.89
N THR C 294 21.79 34.10 53.62
CA THR C 294 22.92 34.10 52.70
C THR C 294 23.43 35.50 52.37
N SER C 295 24.74 35.57 52.15
CA SER C 295 25.38 36.83 51.81
C SER C 295 26.59 36.45 50.96
N VAL C 296 27.05 37.36 50.10
CA VAL C 296 28.19 37.09 49.26
C VAL C 296 29.11 38.31 49.18
N VAL C 297 30.42 38.08 49.23
CA VAL C 297 31.38 39.16 49.18
C VAL C 297 32.48 38.83 48.18
N LEU C 298 33.14 39.85 47.65
CA LEU C 298 34.22 39.63 46.69
C LEU C 298 35.31 38.86 47.41
N PRO C 299 36.05 37.99 46.69
CA PRO C 299 35.97 37.65 45.28
C PRO C 299 34.85 36.70 44.85
N GLY C 300 33.94 36.40 45.76
CA GLY C 300 32.85 35.48 45.45
C GLY C 300 32.77 34.43 46.55
N VAL C 301 32.55 34.89 47.77
CA VAL C 301 32.49 33.99 48.91
C VAL C 301 31.11 34.02 49.53
N LEU C 302 30.48 32.84 49.57
CA LEU C 302 29.15 32.69 50.14
C LEU C 302 29.17 32.35 51.63
N MET C 303 28.26 32.96 52.39
CA MET C 303 28.14 32.65 53.80
C MET C 303 26.68 32.30 54.02
N VAL C 304 26.44 31.15 54.65
CA VAL C 304 25.08 30.73 54.95
C VAL C 304 25.00 30.64 56.46
N GLU C 305 24.48 31.68 57.09
CA GLU C 305 24.36 31.71 58.55
C GLU C 305 23.35 30.69 59.08
N ASN C 306 23.67 30.09 60.23
CA ASN C 306 22.78 29.13 60.88
C ASN C 306 22.50 27.91 60.00
N TRP C 307 23.54 27.38 59.34
CA TRP C 307 23.37 26.22 58.48
C TRP C 307 24.50 25.22 58.65
N PRO C 308 24.16 23.92 58.79
CA PRO C 308 22.80 23.38 58.78
C PRO C 308 22.11 23.39 60.14
N GLU C 309 22.79 23.90 61.16
CA GLU C 309 22.24 23.95 62.50
C GLU C 309 22.82 25.14 63.25
N GLU C 310 22.19 25.50 64.37
CA GLU C 310 22.66 26.63 65.17
C GLU C 310 24.12 26.49 65.55
N HIS C 311 24.82 27.62 65.57
CA HIS C 311 26.24 27.68 65.90
C HIS C 311 27.15 27.17 64.81
N VAL C 312 26.56 26.65 63.73
CA VAL C 312 27.34 26.16 62.60
C VAL C 312 27.06 27.04 61.39
N VAL C 313 28.09 27.30 60.59
CA VAL C 313 27.91 28.12 59.40
C VAL C 313 28.62 27.50 58.20
N GLN C 314 28.06 27.69 57.01
CA GLN C 314 28.66 27.14 55.81
C GLN C 314 29.24 28.25 54.95
N TYR C 315 30.43 28.01 54.43
CA TYR C 315 31.09 28.96 53.55
C TYR C 315 31.43 28.22 52.27
N GLU C 316 31.33 28.92 51.14
CA GLU C 316 31.64 28.35 49.84
C GLU C 316 32.45 29.34 49.02
N TRP C 317 33.39 28.81 48.25
CA TRP C 317 34.23 29.60 47.37
C TRP C 317 34.10 28.91 46.03
N TYR C 318 34.36 29.65 44.96
CA TYR C 318 34.29 29.13 43.59
C TYR C 318 35.50 29.80 42.97
N VAL C 319 36.66 29.21 43.28
CA VAL C 319 37.94 29.74 42.85
C VAL C 319 38.24 29.49 41.38
N PRO C 320 38.46 30.57 40.60
CA PRO C 320 38.77 30.38 39.18
C PRO C 320 40.10 29.67 39.03
N ILE C 321 40.15 28.64 38.19
CA ILE C 321 41.41 27.92 37.92
C ILE C 321 41.82 28.43 36.54
N THR C 322 40.92 28.21 35.56
CA THR C 322 41.10 28.71 34.20
C THR C 322 39.78 29.42 33.95
N ASP C 323 39.51 29.79 32.70
CA ASP C 323 38.25 30.46 32.42
C ASP C 323 37.06 29.50 32.30
N ASP C 324 37.32 28.19 32.36
CA ASP C 324 36.20 27.24 32.30
C ASP C 324 36.26 26.11 33.32
N THR C 325 37.07 26.30 34.36
CA THR C 325 37.15 25.36 35.47
C THR C 325 37.35 26.19 36.74
N HIS C 326 36.90 25.66 37.86
CA HIS C 326 37.04 26.36 39.13
C HIS C 326 37.16 25.33 40.24
N GLU C 327 37.70 25.76 41.38
CA GLU C 327 37.80 24.85 42.51
C GLU C 327 36.70 25.26 43.48
N TYR C 328 35.75 24.36 43.65
CA TYR C 328 34.61 24.58 44.53
C TYR C 328 34.93 24.16 45.97
N TRP C 329 34.88 25.12 46.89
CA TRP C 329 35.14 24.86 48.30
C TRP C 329 33.84 24.85 49.06
N GLU C 330 33.73 23.91 49.99
CA GLU C 330 32.53 23.73 50.77
C GLU C 330 32.97 23.39 52.20
N ILE C 331 32.74 24.30 53.15
CA ILE C 331 33.14 24.03 54.53
C ILE C 331 32.08 24.44 55.55
N LEU C 332 32.14 23.81 56.72
CA LEU C 332 31.24 24.10 57.83
C LEU C 332 32.14 24.53 58.97
N VAL C 333 31.79 25.61 59.66
CA VAL C 333 32.63 26.09 60.75
C VAL C 333 31.86 26.13 62.06
N ARG C 334 32.56 25.84 63.15
CA ARG C 334 31.99 25.87 64.49
C ARG C 334 33.10 26.11 65.48
N VAL C 335 32.87 27.00 66.43
CA VAL C 335 33.88 27.26 67.44
C VAL C 335 33.81 26.13 68.45
N CYS C 336 34.96 25.47 68.65
CA CYS C 336 35.07 24.36 69.58
C CYS C 336 36.22 24.64 70.51
N PRO C 337 35.92 25.24 71.68
CA PRO C 337 36.93 25.58 72.68
C PRO C 337 37.62 24.39 73.38
N THR C 338 36.90 23.28 73.54
CA THR C 338 37.48 22.13 74.21
C THR C 338 37.63 20.92 73.32
N ASP C 339 38.50 20.00 73.74
CA ASP C 339 38.76 18.78 73.01
C ASP C 339 37.43 18.04 72.83
N GLU C 340 36.59 18.12 73.86
CA GLU C 340 35.29 17.48 73.86
C GLU C 340 34.43 18.04 72.74
N ASP C 341 34.47 19.37 72.62
CA ASP C 341 33.70 20.09 71.60
C ASP C 341 34.12 19.67 70.21
N ARG C 342 35.43 19.55 70.00
CA ARG C 342 35.95 19.16 68.71
C ARG C 342 35.49 17.77 68.30
N LYS C 343 35.49 16.83 69.25
CA LYS C 343 35.06 15.47 68.96
C LYS C 343 33.59 15.40 68.58
N LYS C 344 32.77 16.21 69.25
CA LYS C 344 31.35 16.27 68.98
C LYS C 344 31.10 16.79 67.55
N PHE C 345 31.84 17.84 67.19
CA PHE C 345 31.71 18.46 65.87
C PHE C 345 32.22 17.51 64.78
N GLN C 346 33.36 16.87 65.04
CA GLN C 346 33.93 15.93 64.08
C GLN C 346 32.98 14.76 63.83
N TYR C 347 32.34 14.28 64.88
CA TYR C 347 31.43 13.16 64.77
C TYR C 347 30.18 13.53 63.99
N ARG C 348 29.59 14.67 64.32
CA ARG C 348 28.38 15.10 63.63
C ARG C 348 28.69 15.41 62.17
N TYR C 349 29.90 15.85 61.89
CA TYR C 349 30.29 16.12 60.52
C TYR C 349 30.37 14.78 59.78
N ASP C 350 31.10 13.83 60.36
CA ASP C 350 31.30 12.50 59.81
C ASP C 350 30.06 11.67 59.53
N HIS C 351 29.09 11.70 60.43
CA HIS C 351 27.89 10.89 60.29
C HIS C 351 26.62 11.67 60.00
N MET C 352 26.75 12.94 59.66
CA MET C 352 25.57 13.73 59.37
C MET C 352 25.81 14.81 58.33
N TYR C 353 26.55 15.85 58.70
CA TYR C 353 26.80 16.94 57.77
C TYR C 353 27.41 16.50 56.44
N LYS C 354 28.52 15.77 56.49
CA LYS C 354 29.18 15.36 55.26
C LYS C 354 28.29 14.54 54.31
N PRO C 355 27.75 13.40 54.77
CA PRO C 355 26.89 12.60 53.90
C PRO C 355 25.59 13.25 53.44
N LEU C 356 24.86 13.91 54.34
CA LEU C 356 23.59 14.52 54.00
C LEU C 356 23.61 15.98 53.52
N CYS C 357 24.58 16.76 53.97
CA CYS C 357 24.65 18.18 53.59
C CYS C 357 25.64 18.53 52.49
N LEU C 358 26.94 18.37 52.76
CA LEU C 358 27.94 18.69 51.76
C LEU C 358 27.72 17.81 50.54
N HIS C 359 27.33 16.56 50.79
CA HIS C 359 26.99 15.61 49.74
C HIS C 359 25.49 15.45 49.90
N GLY C 360 24.79 15.11 48.83
CA GLY C 360 23.35 14.97 48.97
C GLY C 360 22.69 16.30 48.72
N PHE C 361 22.74 17.21 49.69
CA PHE C 361 22.13 18.52 49.50
C PHE C 361 22.86 19.34 48.45
N ASN C 362 24.15 19.58 48.66
CA ASN C 362 24.91 20.38 47.72
C ASN C 362 25.32 19.71 46.41
N ASP C 363 25.26 18.38 46.36
CA ASP C 363 25.60 17.69 45.12
C ASP C 363 24.63 18.12 44.02
N SER C 364 23.40 18.46 44.42
CA SER C 364 22.37 18.90 43.47
C SER C 364 22.82 20.18 42.78
N ASP C 365 23.50 21.04 43.53
CA ASP C 365 24.01 22.31 43.03
C ASP C 365 25.12 22.07 42.02
N LEU C 366 25.89 21.02 42.25
CA LEU C 366 26.99 20.65 41.36
C LEU C 366 26.49 20.53 39.92
N TYR C 367 25.48 19.68 39.72
CA TYR C 367 24.93 19.46 38.40
C TYR C 367 24.11 20.62 37.85
N ALA C 368 23.48 21.38 38.73
CA ALA C 368 22.69 22.53 38.29
C ALA C 368 23.63 23.57 37.67
N ARG C 369 24.76 23.84 38.33
CA ARG C 369 25.74 24.81 37.85
C ARG C 369 26.30 24.37 36.51
N GLU C 370 26.64 23.08 36.42
CA GLU C 370 27.20 22.53 35.20
C GLU C 370 26.24 22.70 34.02
N ALA C 371 24.98 22.35 34.24
CA ALA C 371 23.94 22.42 33.21
C ALA C 371 23.73 23.79 32.59
N MET C 372 24.20 24.82 33.25
CA MET C 372 24.03 26.19 32.78
C MET C 372 25.24 26.73 32.00
N GLN C 373 26.40 26.11 32.18
CA GLN C 373 27.63 26.57 31.55
C GLN C 373 27.62 26.75 30.02
N ASN C 374 27.04 25.79 29.29
CA ASN C 374 27.00 25.84 27.82
C ASN C 374 26.32 27.09 27.26
N PHE C 375 25.34 27.60 27.99
CA PHE C 375 24.61 28.79 27.55
C PHE C 375 25.46 30.04 27.64
N TYR C 376 26.42 30.03 28.57
CA TYR C 376 27.27 31.19 28.79
C TYR C 376 28.69 31.20 28.25
N TYR C 377 29.30 30.03 28.09
CA TYR C 377 30.69 30.06 27.64
C TYR C 377 31.03 30.87 26.40
N ASP C 378 30.27 30.71 25.32
CA ASP C 378 30.58 31.45 24.12
C ASP C 378 30.05 32.90 24.16
N GLY C 379 29.54 33.29 25.31
CA GLY C 379 29.03 34.66 25.47
C GLY C 379 27.54 34.84 25.32
N THR C 380 26.89 33.91 24.66
CA THR C 380 25.46 33.98 24.42
C THR C 380 24.62 34.31 25.65
N GLY C 381 24.75 33.52 26.71
CA GLY C 381 23.98 33.74 27.92
C GLY C 381 24.13 35.10 28.59
N TRP C 382 25.31 35.69 28.53
CA TRP C 382 25.53 36.98 29.16
C TRP C 382 24.68 38.07 28.54
N ASP C 383 24.16 37.81 27.34
CA ASP C 383 23.32 38.77 26.62
C ASP C 383 21.87 38.29 26.49
N ASP C 384 21.70 37.00 26.19
CA ASP C 384 20.37 36.44 25.97
C ASP C 384 19.59 35.90 27.14
N GLU C 385 20.21 35.77 28.31
CA GLU C 385 19.49 35.27 29.46
C GLU C 385 18.30 36.20 29.68
N GLN C 386 17.19 35.64 30.16
CA GLN C 386 16.02 36.45 30.45
C GLN C 386 15.74 36.37 31.94
N LEU C 387 16.37 37.26 32.69
CA LEU C 387 16.23 37.30 34.14
C LEU C 387 14.89 37.86 34.60
N VAL C 388 14.51 37.51 35.82
CA VAL C 388 13.25 37.95 36.39
C VAL C 388 13.43 38.57 37.78
N ALA C 389 12.32 38.78 38.48
CA ALA C 389 12.30 39.39 39.80
C ALA C 389 13.31 38.83 40.82
N THR C 390 13.31 37.52 40.97
CA THR C 390 14.21 36.86 41.91
C THR C 390 15.69 37.03 41.56
N ASP C 391 15.96 37.46 40.34
CA ASP C 391 17.32 37.65 39.87
C ASP C 391 17.96 38.94 40.35
N ILE C 392 17.27 39.62 41.27
CA ILE C 392 17.78 40.86 41.84
C ILE C 392 19.06 40.49 42.58
N SER C 393 19.14 39.23 43.02
CA SER C 393 20.32 38.75 43.75
C SER C 393 21.55 38.69 42.85
N PRO C 394 21.54 37.86 41.80
CA PRO C 394 22.73 37.83 40.95
C PRO C 394 23.06 39.19 40.34
N ILE C 395 22.04 39.92 39.88
CA ILE C 395 22.28 41.23 39.29
C ILE C 395 22.97 42.17 40.26
N THR C 396 22.50 42.22 41.50
CA THR C 396 23.11 43.10 42.50
C THR C 396 24.57 42.72 42.71
N TRP C 397 24.84 41.42 42.79
CA TRP C 397 26.20 40.90 42.97
C TRP C 397 27.09 41.29 41.78
N ARG C 398 26.58 41.12 40.58
CA ARG C 398 27.36 41.46 39.39
C ARG C 398 27.75 42.92 39.39
N LYS C 399 26.82 43.79 39.78
CA LYS C 399 27.10 45.21 39.81
C LYS C 399 28.19 45.57 40.81
N LEU C 400 28.04 45.13 42.06
CA LEU C 400 29.02 45.44 43.08
C LEU C 400 30.38 44.82 42.76
N ALA C 401 30.35 43.61 42.19
CA ALA C 401 31.59 42.93 41.82
C ALA C 401 32.33 43.76 40.78
N SER C 402 31.58 44.30 39.83
CA SER C 402 32.12 45.14 38.76
C SER C 402 32.75 46.41 39.31
N ARG C 403 32.12 47.01 40.31
CA ARG C 403 32.62 48.24 40.89
C ARG C 403 33.76 48.08 41.87
N TRP C 404 33.76 46.99 42.64
CA TRP C 404 34.80 46.82 43.66
C TRP C 404 35.92 45.81 43.51
N ASN C 405 35.94 45.05 42.42
CA ASN C 405 37.00 44.07 42.24
C ASN C 405 38.34 44.81 42.16
N ARG C 406 39.41 44.14 42.60
CA ARG C 406 40.73 44.77 42.58
C ARG C 406 41.51 44.50 41.30
N GLY C 407 40.83 43.99 40.29
CA GLY C 407 41.48 43.72 39.03
C GLY C 407 40.86 42.55 38.28
N ILE C 408 41.01 42.56 36.97
CA ILE C 408 40.47 41.48 36.13
C ILE C 408 41.66 40.69 35.61
N ALA C 409 41.68 39.40 35.94
CA ALA C 409 42.76 38.53 35.51
C ALA C 409 42.82 38.42 33.99
N LYS C 410 44.04 38.43 33.46
CA LYS C 410 44.25 38.30 32.02
C LYS C 410 44.33 36.83 31.69
N PRO C 411 44.00 36.44 30.45
CA PRO C 411 44.06 35.03 30.08
C PRO C 411 45.46 34.46 30.29
N GLY C 412 45.54 33.17 30.58
CA GLY C 412 46.84 32.56 30.79
C GLY C 412 47.60 32.53 29.49
N ARG C 413 48.93 32.70 29.58
CA ARG C 413 49.80 32.66 28.41
C ARG C 413 51.02 31.84 28.80
N GLY C 414 51.33 30.82 28.01
CA GLY C 414 52.51 30.03 28.30
C GLY C 414 52.45 29.22 29.58
N VAL C 415 51.23 28.94 30.05
CA VAL C 415 51.01 28.15 31.25
C VAL C 415 49.93 27.12 30.93
N ALA C 416 49.79 26.10 31.77
CA ALA C 416 48.76 25.08 31.54
C ALA C 416 47.40 25.79 31.47
N GLY C 417 46.56 25.41 30.52
CA GLY C 417 45.26 26.06 30.41
C GLY C 417 45.20 27.23 29.45
N ALA C 418 46.35 27.69 28.98
CA ALA C 418 46.40 28.81 28.05
C ALA C 418 45.80 28.33 26.73
N VAL C 419 46.05 27.05 26.43
CA VAL C 419 45.56 26.40 25.23
C VAL C 419 44.78 25.19 25.71
N LYS C 420 43.54 25.07 25.27
CA LYS C 420 42.67 23.99 25.72
C LYS C 420 42.76 22.65 25.00
N ASP C 421 43.29 22.64 23.78
CA ASP C 421 43.35 21.40 23.02
C ASP C 421 44.73 20.86 22.66
N THR C 422 45.66 20.94 23.60
CA THR C 422 47.02 20.44 23.38
C THR C 422 47.06 18.92 23.37
N SER C 423 48.10 18.34 22.77
CA SER C 423 48.24 16.90 22.72
C SER C 423 48.47 16.35 24.12
N LEU C 424 49.06 17.16 25.00
CA LEU C 424 49.29 16.77 26.40
C LEU C 424 47.94 16.57 27.10
N ILE C 425 46.99 17.45 26.82
CA ILE C 425 45.66 17.34 27.42
C ILE C 425 44.93 16.12 26.84
N PHE C 426 45.04 15.87 25.53
CA PHE C 426 44.39 14.70 24.97
C PHE C 426 45.00 13.42 25.53
N LYS C 427 46.31 13.45 25.78
CA LYS C 427 46.99 12.28 26.35
C LYS C 427 46.40 12.00 27.74
N GLN C 428 46.34 13.04 28.58
CA GLN C 428 45.80 12.88 29.94
C GLN C 428 44.34 12.43 29.89
N THR C 429 43.57 13.00 28.99
CA THR C 429 42.15 12.65 28.87
C THR C 429 42.01 11.20 28.42
N ALA C 430 42.87 10.78 27.50
CA ALA C 430 42.84 9.40 27.02
C ALA C 430 43.12 8.47 28.20
N ASP C 431 44.02 8.89 29.09
CA ASP C 431 44.39 8.12 30.27
C ASP C 431 43.30 8.11 31.34
N GLY C 432 42.24 8.89 31.12
CA GLY C 432 41.14 8.91 32.07
C GLY C 432 41.17 10.04 33.08
N LYS C 433 42.12 10.95 32.92
CA LYS C 433 42.26 12.07 33.84
C LYS C 433 41.45 13.29 33.45
N ARG C 434 40.56 13.72 34.35
CA ARG C 434 39.71 14.88 34.14
C ARG C 434 40.48 16.16 34.39
N PRO C 435 39.97 17.31 33.91
CA PRO C 435 40.65 18.59 34.14
C PRO C 435 40.76 18.69 35.67
N GLY C 436 41.89 19.21 36.17
CA GLY C 436 42.03 19.28 37.61
C GLY C 436 42.50 20.58 38.23
N TYR C 437 43.08 20.48 39.41
CA TYR C 437 43.55 21.64 40.16
C TYR C 437 44.96 21.43 40.74
N LYS C 438 45.12 20.36 41.52
CA LYS C 438 46.42 20.05 42.13
C LYS C 438 47.32 19.37 41.10
N VAL C 439 48.51 19.94 40.90
CA VAL C 439 49.46 19.39 39.94
C VAL C 439 49.96 18.00 40.35
N GLU C 440 49.95 17.08 39.40
CA GLU C 440 50.40 15.71 39.61
C GLU C 440 51.93 15.74 39.55
N GLN C 441 52.59 15.07 40.49
CA GLN C 441 54.06 15.08 40.53
C GLN C 441 54.78 13.88 39.93
N ILE C 442 56.10 13.90 40.03
CA ILE C 442 57.00 12.85 39.52
C ILE C 442 57.04 12.87 38.00
N ILE D 16 -18.41 4.90 -13.20
CA ILE D 16 -17.34 4.45 -14.15
C ILE D 16 -16.07 5.31 -14.03
N SER D 17 -15.02 4.70 -13.52
CA SER D 17 -13.74 5.38 -13.31
C SER D 17 -12.88 5.60 -14.56
N ASP D 18 -12.14 6.70 -14.56
CA ASP D 18 -11.25 7.05 -15.65
C ASP D 18 -9.98 6.22 -15.63
N ALA D 19 -9.77 5.50 -14.53
CA ALA D 19 -8.59 4.65 -14.38
C ALA D 19 -8.73 3.29 -15.07
N ARG D 20 -9.92 2.99 -15.60
CA ARG D 20 -10.12 1.70 -16.26
C ARG D 20 -9.31 1.64 -17.55
N ALA D 21 -8.86 0.44 -17.90
CA ALA D 21 -8.05 0.22 -19.09
C ALA D 21 -8.79 0.41 -20.40
N ASN D 22 -10.10 0.13 -20.41
CA ASN D 22 -10.88 0.27 -21.64
C ASN D 22 -11.45 1.67 -21.85
N ASN D 23 -10.55 2.63 -22.07
CA ASN D 23 -10.96 4.01 -22.31
C ASN D 23 -11.56 4.14 -23.70
N ALA D 24 -12.11 5.31 -24.00
CA ALA D 24 -12.76 5.57 -25.28
C ALA D 24 -11.93 5.17 -26.50
N LYS D 25 -10.67 5.61 -26.51
CA LYS D 25 -9.77 5.30 -27.62
C LYS D 25 -9.62 3.78 -27.77
N THR D 26 -9.43 3.08 -26.66
CA THR D 26 -9.28 1.63 -26.68
C THR D 26 -10.54 0.93 -27.20
N GLN D 27 -11.71 1.32 -26.69
CA GLN D 27 -12.95 0.70 -27.14
C GLN D 27 -13.21 0.93 -28.63
N SER D 28 -12.78 2.08 -29.15
CA SER D 28 -13.02 2.38 -30.54
C SER D 28 -12.23 1.46 -31.46
N GLN D 29 -11.27 0.74 -30.88
CA GLN D 29 -10.43 -0.16 -31.67
C GLN D 29 -10.98 -1.58 -31.79
N TYR D 30 -12.09 -1.89 -31.13
CA TYR D 30 -12.69 -3.21 -31.25
C TYR D 30 -14.19 -3.14 -31.44
N GLN D 31 -14.64 -2.19 -32.26
CA GLN D 31 -16.05 -2.03 -32.57
C GLN D 31 -16.58 -3.23 -33.38
N PRO D 32 -15.81 -3.71 -34.37
CA PRO D 32 -16.31 -4.85 -35.14
C PRO D 32 -16.58 -6.05 -34.24
N TYR D 33 -15.79 -6.18 -33.18
CA TYR D 33 -15.94 -7.28 -32.23
C TYR D 33 -17.26 -7.09 -31.48
N LYS D 34 -17.56 -5.85 -31.10
CA LYS D 34 -18.81 -5.56 -30.40
C LYS D 34 -20.01 -5.89 -31.30
N ASP D 35 -19.81 -5.72 -32.61
CA ASP D 35 -20.84 -5.97 -33.61
C ASP D 35 -20.99 -7.44 -34.03
N ALA D 36 -20.09 -8.28 -33.58
CA ALA D 36 -20.10 -9.69 -33.97
C ALA D 36 -20.79 -10.67 -33.01
N ALA D 37 -21.96 -10.31 -32.50
CA ALA D 37 -22.66 -11.19 -31.58
C ALA D 37 -22.97 -12.56 -32.19
N TRP D 38 -23.27 -12.58 -33.48
CA TRP D 38 -23.59 -13.83 -34.16
C TRP D 38 -22.36 -14.59 -34.63
N GLY D 39 -21.19 -14.04 -34.35
CA GLY D 39 -19.94 -14.70 -34.73
C GLY D 39 -19.26 -14.17 -35.97
N PHE D 40 -18.04 -14.66 -36.19
CA PHE D 40 -17.25 -14.28 -37.36
C PHE D 40 -17.48 -15.36 -38.40
N ILE D 41 -17.99 -14.96 -39.57
CA ILE D 41 -18.29 -15.91 -40.62
C ILE D 41 -17.13 -16.01 -41.62
N ASN D 42 -17.12 -17.08 -42.41
CA ASN D 42 -16.06 -17.33 -43.39
C ASN D 42 -14.83 -17.79 -42.62
N HIS D 43 -15.06 -18.69 -41.67
CA HIS D 43 -13.99 -19.26 -40.85
C HIS D 43 -14.25 -20.75 -40.65
N TRP D 44 -13.21 -21.48 -40.26
CA TRP D 44 -13.31 -22.91 -40.00
C TRP D 44 -13.73 -23.15 -38.56
N TYR D 45 -14.68 -24.06 -38.37
CA TYR D 45 -15.17 -24.42 -37.04
C TYR D 45 -15.35 -25.92 -36.90
N PRO D 46 -15.19 -26.45 -35.68
CA PRO D 46 -15.38 -27.89 -35.50
C PRO D 46 -16.91 -28.07 -35.53
N ALA D 47 -17.38 -29.06 -36.29
CA ALA D 47 -18.82 -29.31 -36.39
C ALA D 47 -19.28 -30.50 -35.56
N LEU D 48 -18.62 -31.63 -35.79
CA LEU D 48 -18.95 -32.86 -35.08
C LEU D 48 -17.69 -33.69 -34.97
N PHE D 49 -17.71 -34.65 -34.05
CA PHE D 49 -16.59 -35.56 -33.90
C PHE D 49 -16.91 -36.62 -34.94
N THR D 50 -15.90 -37.28 -35.45
CA THR D 50 -16.12 -38.31 -36.46
C THR D 50 -17.15 -39.33 -36.00
N HIS D 51 -17.06 -39.76 -34.74
CA HIS D 51 -18.00 -40.76 -34.22
C HIS D 51 -19.46 -40.35 -34.22
N GLU D 52 -19.70 -39.05 -34.43
CA GLU D 52 -21.05 -38.51 -34.45
C GLU D 52 -21.72 -38.58 -35.81
N LEU D 53 -20.97 -39.00 -36.82
CA LEU D 53 -21.54 -39.10 -38.17
C LEU D 53 -20.98 -40.34 -38.85
N GLU D 54 -21.76 -41.42 -38.80
CA GLU D 54 -21.34 -42.68 -39.41
C GLU D 54 -21.75 -42.76 -40.87
N GLU D 55 -21.29 -43.82 -41.54
CA GLU D 55 -21.61 -44.02 -42.94
C GLU D 55 -23.11 -43.90 -43.16
N ASP D 56 -23.51 -43.06 -44.11
CA ASP D 56 -24.91 -42.85 -44.45
C ASP D 56 -25.73 -42.12 -43.39
N GLN D 57 -25.07 -41.61 -42.35
CA GLN D 57 -25.77 -40.88 -41.30
C GLN D 57 -25.90 -39.40 -41.70
N VAL D 58 -27.02 -38.80 -41.30
CA VAL D 58 -27.28 -37.40 -41.60
C VAL D 58 -27.52 -36.65 -40.30
N GLN D 59 -26.86 -35.51 -40.13
CA GLN D 59 -27.01 -34.72 -38.90
C GLN D 59 -27.12 -33.22 -39.15
N GLY D 60 -28.07 -32.59 -38.49
CA GLY D 60 -28.25 -31.15 -38.64
C GLY D 60 -27.69 -30.40 -37.45
N ILE D 61 -27.01 -29.27 -37.72
CA ILE D 61 -26.41 -28.40 -36.69
C ILE D 61 -26.64 -26.94 -37.09
N GLN D 62 -26.09 -26.01 -36.31
CA GLN D 62 -26.21 -24.59 -36.60
C GLN D 62 -24.97 -23.84 -36.08
N ILE D 63 -24.31 -23.09 -36.96
CA ILE D 63 -23.11 -22.34 -36.60
C ILE D 63 -23.20 -20.95 -37.19
N CYS D 64 -22.91 -19.94 -36.37
CA CYS D 64 -22.98 -18.54 -36.80
C CYS D 64 -24.36 -18.23 -37.35
N GLY D 65 -25.36 -18.89 -36.76
CA GLY D 65 -26.74 -18.69 -37.17
C GLY D 65 -27.12 -19.42 -38.45
N VAL D 66 -26.14 -20.07 -39.07
CA VAL D 66 -26.36 -20.80 -40.30
C VAL D 66 -26.71 -22.27 -40.06
N PRO D 67 -27.90 -22.71 -40.51
CA PRO D 67 -28.26 -24.12 -40.30
C PRO D 67 -27.49 -24.99 -41.31
N ILE D 68 -26.84 -26.02 -40.82
CA ILE D 68 -26.04 -26.90 -41.67
C ILE D 68 -26.37 -28.39 -41.50
N VAL D 69 -26.44 -29.11 -42.61
CA VAL D 69 -26.71 -30.55 -42.57
C VAL D 69 -25.49 -31.28 -43.16
N LEU D 70 -25.08 -32.36 -42.50
CA LEU D 70 -23.93 -33.13 -42.96
C LEU D 70 -24.34 -34.58 -43.18
N ARG D 71 -23.69 -35.22 -44.15
CA ARG D 71 -23.95 -36.60 -44.48
C ARG D 71 -22.64 -37.26 -44.89
N ARG D 72 -22.43 -38.49 -44.46
CA ARG D 72 -21.22 -39.22 -44.84
C ARG D 72 -21.62 -40.25 -45.89
N VAL D 73 -21.01 -40.16 -47.07
CA VAL D 73 -21.30 -41.10 -48.14
C VAL D 73 -19.99 -41.67 -48.66
N ASN D 74 -19.87 -42.99 -48.60
CA ASN D 74 -18.66 -43.68 -49.04
C ASN D 74 -17.45 -43.13 -48.29
N GLY D 75 -17.63 -42.92 -46.99
CA GLY D 75 -16.55 -42.42 -46.16
C GLY D 75 -16.32 -40.92 -46.18
N LYS D 76 -16.87 -40.23 -47.18
CA LYS D 76 -16.69 -38.78 -47.26
C LYS D 76 -17.85 -37.98 -46.68
N VAL D 77 -17.52 -36.90 -45.99
CA VAL D 77 -18.52 -36.04 -45.39
C VAL D 77 -18.80 -34.80 -46.25
N PHE D 78 -20.09 -34.53 -46.47
CA PHE D 78 -20.54 -33.37 -47.23
C PHE D 78 -21.40 -32.50 -46.32
N ALA D 79 -21.29 -31.19 -46.48
CA ALA D 79 -22.07 -30.23 -45.69
C ALA D 79 -22.78 -29.21 -46.59
N LEU D 80 -24.10 -29.09 -46.42
CA LEU D 80 -24.91 -28.15 -47.17
C LEU D 80 -25.75 -27.34 -46.18
N LYS D 81 -26.43 -26.30 -46.65
CA LYS D 81 -27.26 -25.51 -45.76
C LYS D 81 -28.50 -26.33 -45.42
N ASP D 82 -28.81 -26.40 -44.14
CA ASP D 82 -29.95 -27.18 -43.69
C ASP D 82 -31.24 -26.39 -43.85
N GLN D 83 -31.56 -26.05 -45.09
CA GLN D 83 -32.76 -25.30 -45.38
C GLN D 83 -33.19 -25.58 -46.81
N CYS D 84 -34.32 -26.25 -46.98
CA CYS D 84 -34.81 -26.54 -48.31
C CYS D 84 -35.18 -25.21 -48.93
N LEU D 85 -34.74 -24.94 -50.16
CA LEU D 85 -35.05 -23.66 -50.78
C LEU D 85 -36.50 -23.50 -51.23
N HIS D 86 -37.26 -24.59 -51.18
CA HIS D 86 -38.66 -24.55 -51.56
C HIS D 86 -39.46 -23.77 -50.50
N ARG D 87 -39.63 -24.38 -49.33
CA ARG D 87 -40.37 -23.73 -48.26
C ARG D 87 -39.71 -23.71 -46.88
N GLY D 88 -38.37 -23.71 -46.90
CA GLY D 88 -37.57 -23.60 -45.70
C GLY D 88 -37.52 -24.62 -44.58
N VAL D 89 -37.90 -25.86 -44.82
CA VAL D 89 -37.82 -26.83 -43.74
C VAL D 89 -36.38 -27.34 -43.67
N ARG D 90 -35.99 -27.84 -42.51
CA ARG D 90 -34.65 -28.38 -42.38
C ARG D 90 -34.65 -29.78 -42.97
N LEU D 91 -33.66 -30.04 -43.82
CA LEU D 91 -33.52 -31.33 -44.49
C LEU D 91 -33.11 -32.43 -43.51
N SER D 92 -32.47 -32.03 -42.42
CA SER D 92 -31.96 -32.96 -41.42
C SER D 92 -32.98 -33.51 -40.44
N GLU D 93 -34.20 -32.97 -40.41
CA GLU D 93 -35.20 -33.45 -39.47
C GLU D 93 -35.71 -34.86 -39.79
N LYS D 94 -35.81 -35.19 -41.07
CA LYS D 94 -36.23 -36.53 -41.47
C LYS D 94 -35.36 -36.88 -42.67
N PRO D 95 -34.11 -37.31 -42.40
CA PRO D 95 -33.12 -37.69 -43.41
C PRO D 95 -33.72 -38.52 -44.52
N THR D 96 -33.65 -37.99 -45.73
CA THR D 96 -34.20 -38.66 -46.89
C THR D 96 -33.26 -38.59 -48.09
N CYS D 97 -32.48 -39.66 -48.30
CA CYS D 97 -31.54 -39.70 -49.42
C CYS D 97 -31.84 -40.89 -50.32
N PHE D 98 -32.10 -40.63 -51.59
CA PHE D 98 -32.44 -41.69 -52.53
C PHE D 98 -31.25 -42.21 -53.32
N THR D 99 -30.16 -41.45 -53.37
CA THR D 99 -28.96 -41.88 -54.08
C THR D 99 -27.72 -41.44 -53.32
N LYS D 100 -26.59 -42.04 -53.64
CA LYS D 100 -25.33 -41.73 -52.98
C LYS D 100 -24.83 -40.31 -53.21
N SER D 101 -25.32 -39.65 -54.25
CA SER D 101 -24.84 -38.30 -54.56
C SER D 101 -25.81 -37.16 -54.29
N THR D 102 -26.91 -37.45 -53.61
CA THR D 102 -27.88 -36.40 -53.31
C THR D 102 -28.48 -36.52 -51.93
N ILE D 103 -29.31 -35.53 -51.61
CA ILE D 103 -30.06 -35.51 -50.36
C ILE D 103 -31.34 -34.80 -50.76
N SER D 104 -32.47 -35.35 -50.33
CA SER D 104 -33.77 -34.78 -50.69
C SER D 104 -34.52 -34.21 -49.50
N CYS D 105 -35.50 -33.36 -49.81
CA CYS D 105 -36.34 -32.81 -48.77
C CYS D 105 -37.53 -33.77 -48.66
N TRP D 106 -37.76 -34.24 -47.45
CA TRP D 106 -38.84 -35.18 -47.15
C TRP D 106 -40.25 -34.61 -47.34
N TYR D 107 -40.35 -33.31 -47.54
CA TYR D 107 -41.67 -32.69 -47.68
C TYR D 107 -42.26 -32.72 -49.08
N HIS D 108 -41.65 -32.00 -50.03
CA HIS D 108 -42.17 -32.01 -51.39
C HIS D 108 -41.20 -32.60 -52.41
N GLY D 109 -40.13 -33.21 -51.92
CA GLY D 109 -39.19 -33.85 -52.83
C GLY D 109 -38.05 -33.11 -53.50
N PHE D 110 -37.84 -31.82 -53.21
CA PHE D 110 -36.71 -31.13 -53.84
C PHE D 110 -35.46 -31.93 -53.54
N THR D 111 -34.63 -32.14 -54.55
CA THR D 111 -33.42 -32.95 -54.40
C THR D 111 -32.17 -32.16 -54.78
N PHE D 112 -31.16 -32.20 -53.91
CA PHE D 112 -29.93 -31.46 -54.12
C PHE D 112 -28.68 -32.31 -54.23
N ASP D 113 -27.78 -31.89 -55.12
CA ASP D 113 -26.52 -32.57 -55.33
C ASP D 113 -25.61 -32.28 -54.13
N LEU D 114 -25.13 -33.33 -53.47
CA LEU D 114 -24.27 -33.18 -52.30
C LEU D 114 -23.02 -32.35 -52.57
N GLU D 115 -22.44 -32.56 -53.74
CA GLU D 115 -21.21 -31.88 -54.11
C GLU D 115 -21.35 -30.38 -54.42
N THR D 116 -22.37 -30.04 -55.19
CA THR D 116 -22.59 -28.66 -55.61
C THR D 116 -23.76 -27.95 -54.94
N GLY D 117 -24.68 -28.71 -54.38
CA GLY D 117 -25.84 -28.13 -53.74
C GLY D 117 -26.92 -27.75 -54.74
N LYS D 118 -26.65 -28.00 -56.02
CA LYS D 118 -27.62 -27.66 -57.06
C LYS D 118 -28.91 -28.47 -56.97
N LEU D 119 -30.01 -27.83 -57.32
CA LEU D 119 -31.31 -28.48 -57.33
C LEU D 119 -31.30 -29.32 -58.60
N VAL D 120 -31.07 -30.62 -58.45
CA VAL D 120 -30.99 -31.51 -59.62
C VAL D 120 -32.35 -32.04 -60.09
N THR D 121 -33.31 -32.17 -59.19
CA THR D 121 -34.63 -32.65 -59.56
C THR D 121 -35.64 -32.47 -58.41
N ILE D 122 -36.88 -32.88 -58.66
CA ILE D 122 -37.97 -32.84 -57.69
C ILE D 122 -38.68 -34.17 -57.88
N VAL D 123 -38.67 -35.01 -56.84
CA VAL D 123 -39.27 -36.33 -56.91
C VAL D 123 -40.51 -36.50 -57.81
N ALA D 124 -41.57 -35.77 -57.54
CA ALA D 124 -42.77 -35.92 -58.36
C ALA D 124 -43.05 -34.75 -59.29
N ASN D 125 -42.00 -34.05 -59.70
CA ASN D 125 -42.15 -32.91 -60.61
C ASN D 125 -40.79 -32.69 -61.28
N PRO D 126 -40.23 -33.73 -61.91
CA PRO D 126 -38.94 -33.76 -62.61
C PRO D 126 -38.72 -32.78 -63.76
N GLU D 127 -39.79 -32.16 -64.24
CA GLU D 127 -39.64 -31.23 -65.35
C GLU D 127 -39.91 -29.77 -65.02
N ASP D 128 -40.03 -29.46 -63.74
CA ASP D 128 -40.29 -28.08 -63.37
C ASP D 128 -39.14 -27.20 -63.82
N LYS D 129 -39.48 -26.02 -64.35
CA LYS D 129 -38.48 -25.09 -64.84
C LYS D 129 -37.48 -24.60 -63.78
N LEU D 130 -37.85 -24.69 -62.51
CA LEU D 130 -36.96 -24.24 -61.44
C LEU D 130 -35.73 -25.11 -61.30
N ILE D 131 -35.86 -26.38 -61.68
CA ILE D 131 -34.75 -27.33 -61.55
C ILE D 131 -33.49 -26.87 -62.29
N GLY D 132 -32.34 -26.99 -61.63
CA GLY D 132 -31.09 -26.61 -62.24
C GLY D 132 -30.82 -25.11 -62.27
N THR D 133 -31.81 -24.30 -61.94
CA THR D 133 -31.62 -22.84 -61.96
C THR D 133 -31.17 -22.27 -60.61
N THR D 134 -31.05 -23.12 -59.60
CA THR D 134 -30.62 -22.67 -58.28
C THR D 134 -30.24 -23.87 -57.41
N GLY D 135 -29.94 -23.61 -56.14
CA GLY D 135 -29.55 -24.68 -55.23
C GLY D 135 -29.22 -24.13 -53.87
N VAL D 136 -28.77 -24.99 -52.96
CA VAL D 136 -28.43 -24.53 -51.61
C VAL D 136 -26.91 -24.40 -51.44
N THR D 137 -26.49 -23.54 -50.52
CA THR D 137 -25.07 -23.33 -50.27
C THR D 137 -24.36 -24.59 -49.80
N THR D 138 -23.11 -24.76 -50.20
CA THR D 138 -22.33 -25.91 -49.76
C THR D 138 -21.25 -25.36 -48.85
N TYR D 139 -20.75 -26.19 -47.94
CA TYR D 139 -19.70 -25.76 -47.02
C TYR D 139 -18.52 -26.73 -47.05
N PRO D 140 -17.31 -26.20 -47.26
CA PRO D 140 -16.11 -27.05 -47.30
C PRO D 140 -15.94 -27.86 -46.00
N VAL D 141 -15.53 -29.11 -46.14
CA VAL D 141 -15.32 -29.98 -45.00
C VAL D 141 -13.87 -30.46 -44.95
N HIS D 142 -13.36 -30.60 -43.74
CA HIS D 142 -12.00 -31.08 -43.56
C HIS D 142 -12.03 -31.97 -42.31
N GLU D 143 -12.08 -33.28 -42.53
CA GLU D 143 -12.10 -34.23 -41.42
C GLU D 143 -10.68 -34.71 -41.16
N VAL D 144 -10.27 -34.70 -39.91
CA VAL D 144 -8.93 -35.11 -39.55
C VAL D 144 -8.83 -35.58 -38.10
N ASN D 145 -8.21 -36.76 -37.93
CA ASN D 145 -8.01 -37.35 -36.63
C ASN D 145 -9.20 -37.32 -35.66
N GLY D 146 -10.37 -37.69 -36.16
CA GLY D 146 -11.57 -37.74 -35.31
C GLY D 146 -12.45 -36.50 -35.25
N MET D 147 -12.07 -35.46 -35.97
CA MET D 147 -12.85 -34.22 -35.95
C MET D 147 -13.26 -33.78 -37.34
N ILE D 148 -14.51 -33.36 -37.46
CA ILE D 148 -15.04 -32.87 -38.73
C ILE D 148 -15.15 -31.35 -38.66
N PHE D 149 -14.28 -30.67 -39.40
CA PHE D 149 -14.30 -29.22 -39.45
C PHE D 149 -15.07 -28.77 -40.66
N VAL D 150 -15.80 -27.66 -40.53
CA VAL D 150 -16.58 -27.11 -41.62
C VAL D 150 -16.25 -25.63 -41.78
N PHE D 151 -16.10 -25.19 -43.01
CA PHE D 151 -15.82 -23.79 -43.29
C PHE D 151 -17.18 -23.11 -43.45
N VAL D 152 -17.65 -22.46 -42.38
CA VAL D 152 -18.95 -21.79 -42.40
C VAL D 152 -18.77 -20.44 -43.08
N ARG D 153 -19.37 -20.31 -44.25
CA ARG D 153 -19.23 -19.11 -45.05
C ARG D 153 -20.54 -18.51 -45.51
N GLU D 154 -20.47 -17.26 -45.97
CA GLU D 154 -21.63 -16.56 -46.49
C GLU D 154 -21.96 -17.22 -47.83
N ASP D 155 -23.18 -17.01 -48.30
CA ASP D 155 -23.61 -17.61 -49.56
C ASP D 155 -22.74 -17.23 -50.76
N ASP D 156 -22.21 -16.01 -50.76
CA ASP D 156 -21.40 -15.54 -51.88
C ASP D 156 -19.88 -15.62 -51.73
N PHE D 157 -19.40 -16.30 -50.71
CA PHE D 157 -17.95 -16.44 -50.50
C PHE D 157 -17.48 -17.46 -51.52
N PRO D 158 -16.60 -17.03 -52.44
CA PRO D 158 -16.07 -17.92 -53.49
C PRO D 158 -15.25 -19.11 -53.01
N ASP D 159 -15.44 -20.24 -53.69
CA ASP D 159 -14.73 -21.47 -53.36
C ASP D 159 -13.22 -21.27 -53.42
N GLU D 160 -12.75 -20.59 -54.46
CA GLU D 160 -11.33 -20.34 -54.64
C GLU D 160 -10.69 -19.50 -53.55
N ASP D 161 -11.52 -18.91 -52.68
CA ASP D 161 -11.01 -18.08 -51.59
C ASP D 161 -10.97 -18.82 -50.25
N VAL D 162 -11.50 -20.04 -50.22
CA VAL D 162 -11.48 -20.83 -48.98
C VAL D 162 -10.03 -21.11 -48.61
N PRO D 163 -9.62 -20.70 -47.39
CA PRO D 163 -8.25 -20.93 -46.92
C PRO D 163 -8.04 -22.31 -46.30
N PRO D 164 -6.77 -22.67 -46.03
CA PRO D 164 -6.49 -23.98 -45.43
C PRO D 164 -6.95 -23.99 -43.97
N LEU D 165 -7.41 -25.14 -43.51
CA LEU D 165 -7.87 -25.29 -42.13
C LEU D 165 -6.84 -24.78 -41.12
N ALA D 166 -5.56 -25.00 -41.42
CA ALA D 166 -4.48 -24.58 -40.54
C ALA D 166 -4.51 -23.08 -40.22
N HIS D 167 -5.02 -22.28 -41.14
CA HIS D 167 -5.07 -20.83 -40.91
C HIS D 167 -6.01 -20.47 -39.78
N ASP D 168 -6.95 -21.36 -39.49
CA ASP D 168 -7.92 -21.13 -38.41
C ASP D 168 -7.71 -22.06 -37.22
N LEU D 169 -6.48 -22.58 -37.07
CA LEU D 169 -6.14 -23.45 -35.95
C LEU D 169 -4.95 -22.83 -35.23
N PRO D 170 -4.75 -23.17 -33.95
CA PRO D 170 -3.63 -22.62 -33.18
C PRO D 170 -2.26 -22.84 -33.82
N PHE D 171 -1.29 -22.03 -33.42
CA PHE D 171 0.08 -22.11 -33.92
C PHE D 171 0.62 -23.52 -33.66
N ARG D 172 1.36 -24.05 -34.63
CA ARG D 172 1.91 -25.39 -34.52
C ARG D 172 3.35 -25.48 -34.05
N PHE D 173 3.65 -26.55 -33.33
CA PHE D 173 5.00 -26.81 -32.84
C PHE D 173 5.34 -28.22 -33.31
N PRO D 174 6.64 -28.53 -33.48
CA PRO D 174 7.79 -27.64 -33.28
C PRO D 174 7.97 -26.56 -34.35
N GLU D 175 7.12 -26.57 -35.37
CA GLU D 175 7.22 -25.58 -36.45
C GLU D 175 7.53 -24.16 -35.98
N ARG D 176 6.80 -23.68 -34.98
CA ARG D 176 6.99 -22.31 -34.48
C ARG D 176 7.73 -22.26 -33.14
N SER D 177 8.48 -23.32 -32.82
CA SER D 177 9.23 -23.38 -31.57
C SER D 177 10.26 -22.24 -31.46
N GLU D 178 10.87 -21.86 -32.58
CA GLU D 178 11.84 -20.78 -32.56
C GLU D 178 11.12 -19.45 -32.36
N GLN D 179 9.96 -19.28 -32.98
CA GLN D 179 9.19 -18.05 -32.84
C GLN D 179 8.68 -17.92 -31.40
N PHE D 180 8.13 -19.01 -30.87
CA PHE D 180 7.61 -19.04 -29.51
C PHE D 180 8.38 -20.05 -28.66
N PRO D 181 9.57 -19.66 -28.20
CA PRO D 181 10.43 -20.52 -27.37
C PRO D 181 9.73 -21.08 -26.12
N HIS D 182 9.89 -22.38 -25.91
CA HIS D 182 9.29 -23.04 -24.76
C HIS D 182 10.26 -24.04 -24.14
N PRO D 183 11.33 -23.53 -23.52
CA PRO D 183 12.36 -24.36 -22.88
C PRO D 183 11.86 -25.22 -21.71
N LEU D 184 10.74 -24.82 -21.12
CA LEU D 184 10.20 -25.55 -19.97
C LEU D 184 9.27 -26.72 -20.26
N TRP D 185 9.01 -27.00 -21.53
CA TRP D 185 8.13 -28.12 -21.87
C TRP D 185 8.23 -28.56 -23.32
N PRO D 186 7.96 -29.86 -23.57
CA PRO D 186 8.02 -30.35 -24.94
C PRO D 186 6.92 -29.74 -25.83
N SER D 187 7.14 -29.78 -27.14
CA SER D 187 6.19 -29.22 -28.08
C SER D 187 4.78 -29.84 -28.00
N SER D 188 3.77 -28.99 -28.05
CA SER D 188 2.38 -29.44 -28.02
C SER D 188 2.00 -29.90 -29.41
N PRO D 189 1.35 -31.06 -29.53
CA PRO D 189 0.94 -31.58 -30.83
C PRO D 189 -0.27 -30.81 -31.36
N SER D 190 -0.56 -30.98 -32.64
CA SER D 190 -1.69 -30.33 -33.26
C SER D 190 -2.64 -31.40 -33.74
N VAL D 191 -3.91 -31.02 -33.92
CA VAL D 191 -4.91 -31.97 -34.39
C VAL D 191 -4.55 -32.38 -35.82
N LEU D 192 -3.71 -31.60 -36.47
CA LEU D 192 -3.27 -31.89 -37.84
C LEU D 192 -2.13 -32.91 -37.91
N ASP D 193 -1.43 -33.08 -36.79
CA ASP D 193 -0.31 -34.01 -36.70
C ASP D 193 -0.69 -35.47 -36.93
N ASP D 194 0.21 -36.21 -37.58
CA ASP D 194 -0.05 -37.63 -37.83
C ASP D 194 -0.07 -38.37 -36.49
N ASN D 195 -1.01 -39.31 -36.36
CA ASN D 195 -1.13 -40.11 -35.14
C ASN D 195 -1.60 -39.30 -33.94
N ALA D 196 -2.08 -38.09 -34.18
CA ALA D 196 -2.58 -37.26 -33.09
C ALA D 196 -3.93 -37.84 -32.70
N VAL D 197 -4.12 -38.09 -31.41
CA VAL D 197 -5.38 -38.64 -30.93
C VAL D 197 -6.16 -37.59 -30.15
N VAL D 198 -7.46 -37.53 -30.41
CA VAL D 198 -8.32 -36.55 -29.75
C VAL D 198 -9.33 -37.20 -28.80
N HIS D 199 -9.41 -36.65 -27.60
CA HIS D 199 -10.38 -37.10 -26.59
C HIS D 199 -10.98 -35.84 -26.00
N GLY D 200 -12.30 -35.80 -25.91
CA GLY D 200 -12.97 -34.64 -25.36
C GLY D 200 -14.45 -34.64 -25.65
N MET D 201 -15.05 -33.47 -25.53
CA MET D 201 -16.49 -33.34 -25.74
C MET D 201 -16.86 -31.93 -26.13
N HIS D 202 -18.10 -31.77 -26.54
CA HIS D 202 -18.65 -30.47 -26.85
C HIS D 202 -20.08 -30.45 -26.33
N ARG D 203 -20.48 -29.32 -25.76
CA ARG D 203 -21.82 -29.19 -25.22
C ARG D 203 -22.28 -27.77 -25.41
N THR D 204 -23.59 -27.58 -25.52
CA THR D 204 -24.13 -26.26 -25.72
C THR D 204 -23.93 -25.36 -24.49
N GLY D 205 -23.46 -24.15 -24.74
CA GLY D 205 -23.24 -23.20 -23.67
C GLY D 205 -24.33 -22.13 -23.76
N PHE D 206 -24.81 -21.66 -22.61
CA PHE D 206 -25.86 -20.68 -22.62
C PHE D 206 -25.30 -19.29 -22.40
N GLY D 207 -25.32 -18.51 -23.49
CA GLY D 207 -24.79 -17.16 -23.46
C GLY D 207 -24.00 -16.91 -24.74
N ASN D 208 -23.65 -15.66 -24.98
CA ASN D 208 -22.89 -15.27 -26.17
C ASN D 208 -21.49 -15.91 -26.21
N TRP D 209 -21.05 -16.26 -27.41
CA TRP D 209 -19.75 -16.90 -27.64
C TRP D 209 -18.54 -16.06 -27.24
N ARG D 210 -18.60 -14.75 -27.44
CA ARG D 210 -17.50 -13.86 -27.08
C ARG D 210 -17.15 -13.91 -25.59
N ILE D 211 -18.16 -13.76 -24.75
CA ILE D 211 -17.97 -13.78 -23.30
C ILE D 211 -17.41 -15.13 -22.83
N ALA D 212 -17.82 -16.21 -23.48
CA ALA D 212 -17.33 -17.54 -23.12
C ALA D 212 -15.86 -17.68 -23.51
N CYS D 213 -15.53 -17.25 -24.73
CA CYS D 213 -14.18 -17.31 -25.27
C CYS D 213 -13.10 -16.55 -24.50
N GLU D 214 -13.41 -15.35 -24.03
CA GLU D 214 -12.45 -14.52 -23.31
C GLU D 214 -11.96 -15.08 -21.97
N ASN D 215 -12.73 -15.99 -21.40
CA ASN D 215 -12.38 -16.59 -20.11
C ASN D 215 -11.09 -17.43 -20.14
N GLY D 216 -10.97 -18.32 -21.12
CA GLY D 216 -9.81 -19.19 -21.21
C GLY D 216 -8.39 -18.65 -21.13
N PHE D 217 -8.13 -17.48 -21.73
CA PHE D 217 -6.79 -16.93 -21.72
C PHE D 217 -6.62 -15.72 -20.82
N ASP D 218 -7.50 -15.60 -19.83
CA ASP D 218 -7.45 -14.51 -18.87
C ASP D 218 -6.66 -14.98 -17.66
N ASN D 219 -5.53 -14.34 -17.40
CA ASN D 219 -4.67 -14.75 -16.29
C ASN D 219 -5.07 -14.25 -14.91
N ALA D 220 -6.22 -13.58 -14.82
CA ALA D 220 -6.71 -13.09 -13.54
C ALA D 220 -7.86 -13.98 -13.10
N HIS D 221 -8.37 -14.77 -14.04
CA HIS D 221 -9.51 -15.64 -13.76
C HIS D 221 -9.15 -16.92 -13.05
N ILE D 222 -7.89 -17.35 -13.11
CA ILE D 222 -7.50 -18.61 -12.48
C ILE D 222 -7.89 -18.71 -11.00
N LEU D 223 -8.37 -17.61 -10.44
CA LEU D 223 -8.82 -17.60 -9.05
C LEU D 223 -10.02 -18.53 -8.92
N VAL D 224 -10.79 -18.70 -10.01
CA VAL D 224 -11.97 -19.59 -9.99
C VAL D 224 -11.65 -21.04 -9.74
N HIS D 225 -10.38 -21.41 -9.93
CA HIS D 225 -9.93 -22.79 -9.75
C HIS D 225 -9.23 -23.07 -8.41
N LYS D 226 -9.13 -22.05 -7.57
CA LYS D 226 -8.47 -22.18 -6.28
C LYS D 226 -8.89 -23.41 -5.47
N ASP D 227 -10.13 -23.83 -5.62
CA ASP D 227 -10.65 -24.98 -4.86
C ASP D 227 -10.86 -26.28 -5.62
N ASN D 228 -10.49 -26.32 -6.90
CA ASN D 228 -10.68 -27.55 -7.68
C ASN D 228 -9.91 -28.71 -7.09
N THR D 229 -10.53 -29.89 -7.07
CA THR D 229 -9.88 -31.07 -6.50
C THR D 229 -8.52 -31.41 -7.11
N ILE D 230 -8.41 -31.34 -8.42
CA ILE D 230 -7.15 -31.67 -9.07
C ILE D 230 -5.99 -30.80 -8.59
N VAL D 231 -6.29 -29.55 -8.27
CA VAL D 231 -5.26 -28.64 -7.78
C VAL D 231 -4.65 -29.16 -6.46
N HIS D 232 -5.51 -29.65 -5.57
CA HIS D 232 -5.05 -30.15 -4.29
C HIS D 232 -4.59 -31.60 -4.28
N ALA D 233 -5.10 -32.39 -5.23
CA ALA D 233 -4.72 -33.80 -5.32
C ALA D 233 -3.31 -33.88 -5.91
N MET D 234 -3.04 -32.99 -6.86
CA MET D 234 -1.75 -32.92 -7.53
C MET D 234 -0.79 -32.01 -6.77
N ASP D 235 -1.33 -31.31 -5.77
CA ASP D 235 -0.56 -30.38 -4.97
C ASP D 235 0.12 -29.37 -5.89
N TRP D 236 -0.59 -28.98 -6.94
CA TRP D 236 -0.09 -28.01 -7.91
C TRP D 236 0.21 -26.67 -7.30
N VAL D 237 0.95 -25.88 -8.08
CA VAL D 237 1.30 -24.53 -7.69
C VAL D 237 0.54 -23.62 -8.66
N LEU D 238 -0.74 -23.43 -8.37
CA LEU D 238 -1.60 -22.58 -9.19
C LEU D 238 -1.73 -21.25 -8.47
N PRO D 239 -1.08 -20.19 -8.99
CA PRO D 239 -1.13 -18.86 -8.38
C PRO D 239 -2.51 -18.23 -8.39
N LEU D 240 -2.68 -17.23 -7.53
CA LEU D 240 -3.95 -16.50 -7.43
C LEU D 240 -4.22 -15.83 -8.77
N GLY D 241 -3.15 -15.44 -9.45
CA GLY D 241 -3.26 -14.80 -10.75
C GLY D 241 -1.89 -14.46 -11.29
N LEU D 242 -1.85 -13.94 -12.52
CA LEU D 242 -0.59 -13.54 -13.13
C LEU D 242 -0.71 -12.06 -13.51
N LEU D 243 0.41 -11.35 -13.46
CA LEU D 243 0.41 -9.94 -13.78
C LEU D 243 1.36 -9.59 -14.91
N PRO D 244 0.93 -8.75 -15.86
CA PRO D 244 1.81 -8.38 -16.97
C PRO D 244 2.85 -7.39 -16.45
N THR D 245 4.11 -7.55 -16.85
CA THR D 245 5.17 -6.67 -16.39
C THR D 245 5.72 -5.75 -17.49
N SER D 246 5.37 -6.04 -18.73
CA SER D 246 5.85 -5.24 -19.86
C SER D 246 4.76 -5.10 -20.92
N ASP D 247 4.97 -4.20 -21.87
CA ASP D 247 4.02 -3.96 -22.94
C ASP D 247 4.04 -5.05 -24.00
N ASP D 248 5.10 -5.83 -24.02
CA ASP D 248 5.21 -6.90 -25.01
C ASP D 248 4.95 -8.27 -24.38
N CYS D 249 4.18 -8.29 -23.29
CA CYS D 249 3.87 -9.54 -22.62
C CYS D 249 3.07 -10.48 -23.53
N ILE D 250 2.50 -9.90 -24.59
CA ILE D 250 1.73 -10.67 -25.55
C ILE D 250 2.23 -10.39 -26.94
N ALA D 251 2.47 -11.45 -27.73
CA ALA D 251 2.93 -11.29 -29.09
C ALA D 251 1.77 -11.48 -30.04
N VAL D 252 1.48 -10.46 -30.84
CA VAL D 252 0.39 -10.54 -31.80
C VAL D 252 0.94 -10.96 -33.15
N VAL D 253 0.40 -12.04 -33.71
CA VAL D 253 0.85 -12.57 -34.99
C VAL D 253 -0.22 -12.39 -36.05
N GLU D 254 0.14 -11.77 -37.17
CA GLU D 254 -0.83 -11.53 -38.22
C GLU D 254 -0.24 -11.62 -39.62
N ASP D 255 0.55 -12.67 -39.86
CA ASP D 255 1.17 -12.87 -41.16
C ASP D 255 0.17 -13.58 -42.07
N ASP D 256 0.11 -13.15 -43.33
CA ASP D 256 -0.80 -13.70 -44.32
C ASP D 256 -0.90 -15.23 -44.29
N ASP D 257 0.22 -15.91 -44.47
CA ASP D 257 0.21 -17.37 -44.45
C ASP D 257 0.36 -17.86 -43.02
N GLY D 258 -0.75 -18.19 -42.38
CA GLY D 258 -0.72 -18.67 -41.02
C GLY D 258 -1.85 -18.12 -40.18
N PRO D 259 -2.02 -18.62 -38.94
CA PRO D 259 -3.09 -18.17 -38.05
C PRO D 259 -2.94 -16.71 -37.63
N LYS D 260 -4.07 -16.07 -37.34
CA LYS D 260 -4.09 -14.69 -36.88
C LYS D 260 -4.50 -14.77 -35.41
N GLY D 261 -3.59 -14.39 -34.52
CA GLY D 261 -3.89 -14.47 -33.11
C GLY D 261 -2.80 -13.88 -32.24
N MET D 262 -2.69 -14.36 -31.01
CA MET D 262 -1.69 -13.86 -30.08
C MET D 262 -1.13 -14.96 -29.19
N MET D 263 0.12 -14.78 -28.75
CA MET D 263 0.78 -15.75 -27.86
C MET D 263 1.15 -15.00 -26.59
N GLN D 264 0.76 -15.56 -25.44
CA GLN D 264 1.09 -14.92 -24.16
C GLN D 264 2.37 -15.55 -23.61
N TRP D 265 3.36 -14.71 -23.30
CA TRP D 265 4.63 -15.19 -22.78
C TRP D 265 4.56 -15.61 -21.33
N LEU D 266 3.79 -16.65 -21.04
CA LEU D 266 3.66 -17.13 -19.68
C LEU D 266 4.96 -17.82 -19.28
N PHE D 267 5.28 -17.76 -18.00
CA PHE D 267 6.49 -18.36 -17.49
C PHE D 267 7.78 -17.76 -18.03
N THR D 268 7.79 -16.42 -18.05
CA THR D 268 8.92 -15.59 -18.45
C THR D 268 8.67 -14.39 -17.54
N ASP D 269 9.58 -13.43 -17.48
CA ASP D 269 9.33 -12.30 -16.59
C ASP D 269 8.26 -11.36 -17.10
N LYS D 270 7.75 -11.61 -18.29
CA LYS D 270 6.70 -10.75 -18.82
C LYS D 270 5.39 -10.96 -18.08
N TRP D 271 5.29 -12.08 -17.37
CA TRP D 271 4.10 -12.39 -16.59
C TRP D 271 4.52 -12.90 -15.21
N ALA D 272 4.36 -12.04 -14.20
CA ALA D 272 4.73 -12.40 -12.84
C ALA D 272 3.59 -13.07 -12.08
N PRO D 273 3.84 -14.26 -11.53
CA PRO D 273 2.81 -14.97 -10.78
C PRO D 273 2.65 -14.36 -9.40
N VAL D 274 1.42 -14.39 -8.88
CA VAL D 274 1.13 -13.86 -7.57
C VAL D 274 0.52 -15.02 -6.77
N LEU D 275 1.36 -15.63 -5.94
CA LEU D 275 0.95 -16.77 -5.12
C LEU D 275 0.45 -16.48 -3.72
N GLU D 276 0.24 -15.21 -3.38
CA GLU D 276 -0.20 -14.89 -2.04
C GLU D 276 -0.73 -13.47 -1.84
N ASN D 277 -1.62 -13.33 -0.86
CA ASN D 277 -2.21 -12.06 -0.48
C ASN D 277 -2.45 -12.19 1.02
N GLN D 278 -1.43 -11.83 1.79
CA GLN D 278 -1.47 -11.90 3.24
C GLN D 278 -2.64 -11.10 3.82
N GLU D 279 -2.93 -9.96 3.21
CA GLU D 279 -4.00 -9.08 3.64
C GLU D 279 -5.37 -9.74 3.64
N LEU D 280 -5.56 -10.72 2.76
CA LEU D 280 -6.83 -11.43 2.66
C LEU D 280 -6.68 -12.87 3.15
N GLY D 281 -5.51 -13.17 3.69
CA GLY D 281 -5.24 -14.50 4.21
C GLY D 281 -5.17 -15.59 3.15
N LEU D 282 -4.65 -15.25 1.97
CA LEU D 282 -4.53 -16.23 0.90
C LEU D 282 -3.08 -16.57 0.59
N LYS D 283 -2.81 -17.86 0.35
CA LYS D 283 -1.46 -18.33 0.02
C LYS D 283 -1.52 -19.66 -0.71
N VAL D 284 -0.94 -19.69 -1.91
CA VAL D 284 -0.93 -20.91 -2.72
C VAL D 284 0.16 -21.85 -2.22
N GLU D 285 -0.26 -22.89 -1.50
CA GLU D 285 0.65 -23.89 -0.96
C GLU D 285 0.70 -25.04 -1.96
N GLY D 286 1.90 -25.33 -2.45
CA GLY D 286 2.05 -26.40 -3.41
C GLY D 286 3.47 -26.42 -3.92
N LEU D 287 3.98 -27.61 -4.22
CA LEU D 287 5.36 -27.73 -4.68
C LEU D 287 5.48 -28.38 -6.04
N LYS D 288 4.36 -28.92 -6.53
CA LYS D 288 4.34 -29.57 -7.83
C LYS D 288 4.22 -28.48 -8.91
N GLY D 289 5.33 -28.20 -9.58
CA GLY D 289 5.35 -27.19 -10.63
C GLY D 289 4.40 -27.52 -11.76
N ARG D 290 3.69 -26.51 -12.24
CA ARG D 290 2.72 -26.70 -13.33
C ARG D 290 2.98 -25.65 -14.41
N HIS D 291 3.71 -26.03 -15.45
CA HIS D 291 4.04 -25.12 -16.54
C HIS D 291 3.08 -25.26 -17.71
N TYR D 292 2.62 -24.13 -18.23
CA TYR D 292 1.68 -24.13 -19.34
C TYR D 292 1.70 -22.74 -20.00
N ARG D 293 1.11 -22.65 -21.19
CA ARG D 293 1.05 -21.39 -21.91
C ARG D 293 -0.21 -21.33 -22.77
N THR D 294 -0.92 -20.20 -22.69
CA THR D 294 -2.13 -20.04 -23.47
C THR D 294 -1.93 -19.07 -24.64
N SER D 295 -2.70 -19.31 -25.70
CA SER D 295 -2.69 -18.49 -26.90
C SER D 295 -4.06 -18.64 -27.52
N VAL D 296 -4.46 -17.64 -28.32
CA VAL D 296 -5.77 -17.68 -28.98
C VAL D 296 -5.66 -17.14 -30.40
N VAL D 297 -6.36 -17.77 -31.34
CA VAL D 297 -6.37 -17.37 -32.73
C VAL D 297 -7.80 -17.33 -33.25
N LEU D 298 -8.04 -16.54 -34.28
CA LEU D 298 -9.36 -16.45 -34.89
C LEU D 298 -9.72 -17.85 -35.40
N PRO D 299 -11.02 -18.20 -35.41
CA PRO D 299 -12.20 -17.42 -34.97
C PRO D 299 -12.44 -17.39 -33.46
N GLY D 300 -11.47 -17.87 -32.68
CA GLY D 300 -11.61 -17.90 -31.23
C GLY D 300 -11.25 -19.27 -30.71
N VAL D 301 -10.03 -19.71 -31.02
CA VAL D 301 -9.55 -21.03 -30.58
C VAL D 301 -8.44 -20.91 -29.56
N LEU D 302 -8.65 -21.51 -28.40
CA LEU D 302 -7.67 -21.50 -27.32
C LEU D 302 -6.76 -22.73 -27.37
N MET D 303 -5.48 -22.51 -27.07
CA MET D 303 -4.53 -23.61 -27.01
C MET D 303 -3.80 -23.47 -25.69
N VAL D 304 -3.80 -24.52 -24.89
CA VAL D 304 -3.12 -24.52 -23.61
C VAL D 304 -2.00 -25.57 -23.71
N GLU D 305 -0.80 -25.09 -23.97
CA GLU D 305 0.37 -25.96 -24.10
C GLU D 305 0.73 -26.62 -22.79
N ASN D 306 1.19 -27.86 -22.88
CA ASN D 306 1.62 -28.63 -21.71
C ASN D 306 0.52 -28.75 -20.65
N TRP D 307 -0.70 -29.04 -21.09
CA TRP D 307 -1.83 -29.18 -20.17
C TRP D 307 -2.71 -30.36 -20.54
N PRO D 308 -3.06 -31.21 -19.55
CA PRO D 308 -2.67 -31.08 -18.14
C PRO D 308 -1.29 -31.64 -17.78
N GLU D 309 -0.67 -32.33 -18.74
CA GLU D 309 0.64 -32.94 -18.55
C GLU D 309 1.49 -32.80 -19.80
N GLU D 310 2.78 -33.11 -19.68
CA GLU D 310 3.70 -33.04 -20.81
C GLU D 310 3.23 -33.90 -21.95
N HIS D 311 3.41 -33.38 -23.16
CA HIS D 311 3.03 -34.07 -24.39
C HIS D 311 1.53 -34.05 -24.66
N VAL D 312 0.77 -33.49 -23.73
CA VAL D 312 -0.68 -33.39 -23.88
C VAL D 312 -1.05 -31.91 -23.97
N VAL D 313 -1.98 -31.58 -24.87
CA VAL D 313 -2.40 -30.20 -25.04
C VAL D 313 -3.92 -30.08 -25.01
N GLN D 314 -4.42 -28.94 -24.54
CA GLN D 314 -5.86 -28.71 -24.50
C GLN D 314 -6.26 -27.62 -25.48
N TYR D 315 -7.30 -27.90 -26.25
CA TYR D 315 -7.84 -26.95 -27.22
C TYR D 315 -9.31 -26.72 -26.89
N GLU D 316 -9.75 -25.47 -27.02
CA GLU D 316 -11.14 -25.13 -26.77
C GLU D 316 -11.68 -24.21 -27.85
N TRP D 317 -12.93 -24.45 -28.24
CA TRP D 317 -13.63 -23.65 -29.24
C TRP D 317 -14.92 -23.17 -28.56
N TYR D 318 -15.45 -22.04 -29.04
CA TYR D 318 -16.67 -21.47 -28.50
C TYR D 318 -17.40 -21.05 -29.75
N VAL D 319 -17.97 -22.04 -30.42
CA VAL D 319 -18.65 -21.87 -31.68
C VAL D 319 -20.01 -21.21 -31.57
N PRO D 320 -20.18 -20.06 -32.23
CA PRO D 320 -21.47 -19.38 -32.16
C PRO D 320 -22.56 -20.26 -32.77
N ILE D 321 -23.70 -20.37 -32.09
CA ILE D 321 -24.85 -21.12 -32.62
C ILE D 321 -25.81 -20.00 -33.03
N THR D 322 -26.24 -19.20 -32.04
CA THR D 322 -27.08 -18.03 -32.30
C THR D 322 -26.30 -16.92 -31.59
N ASP D 323 -26.92 -15.78 -31.37
CA ASP D 323 -26.20 -14.70 -30.70
C ASP D 323 -26.19 -14.85 -29.18
N ASP D 324 -26.91 -15.85 -28.66
CA ASP D 324 -26.89 -16.06 -27.21
C ASP D 324 -26.66 -17.50 -26.77
N THR D 325 -26.19 -18.34 -27.71
CA THR D 325 -25.83 -19.72 -27.41
C THR D 325 -24.58 -20.03 -28.23
N HIS D 326 -23.79 -20.99 -27.76
CA HIS D 326 -22.57 -21.38 -28.46
C HIS D 326 -22.29 -22.82 -28.14
N GLU D 327 -21.50 -23.48 -28.98
CA GLU D 327 -21.15 -24.86 -28.72
C GLU D 327 -19.72 -24.85 -28.17
N TYR D 328 -19.59 -25.19 -26.89
CA TYR D 328 -18.29 -25.23 -26.24
C TYR D 328 -17.57 -26.57 -26.50
N TRP D 329 -16.40 -26.50 -27.11
CA TRP D 329 -15.59 -27.68 -27.39
C TRP D 329 -14.41 -27.70 -26.44
N GLU D 330 -14.09 -28.89 -25.94
CA GLU D 330 -13.02 -29.07 -25.00
C GLU D 330 -12.35 -30.42 -25.31
N ILE D 331 -11.13 -30.39 -25.83
CA ILE D 331 -10.42 -31.62 -26.17
C ILE D 331 -8.99 -31.64 -25.69
N LEU D 332 -8.46 -32.84 -25.56
CA LEU D 332 -7.07 -33.06 -25.16
C LEU D 332 -6.44 -33.84 -26.31
N VAL D 333 -5.23 -33.46 -26.70
CA VAL D 333 -4.56 -34.12 -27.80
C VAL D 333 -3.18 -34.64 -27.40
N ARG D 334 -2.84 -35.80 -27.97
CA ARG D 334 -1.56 -36.43 -27.75
C ARG D 334 -1.27 -37.31 -28.94
N VAL D 335 -0.04 -37.27 -29.43
CA VAL D 335 0.36 -38.10 -30.56
C VAL D 335 0.60 -39.51 -30.03
N CYS D 336 -0.15 -40.46 -30.56
CA CYS D 336 -0.03 -41.86 -30.16
C CYS D 336 0.26 -42.70 -31.39
N PRO D 337 1.55 -42.99 -31.64
CA PRO D 337 2.03 -43.77 -32.79
C PRO D 337 1.57 -45.23 -32.79
N THR D 338 1.64 -45.87 -31.62
CA THR D 338 1.26 -47.28 -31.50
C THR D 338 -0.06 -47.54 -30.80
N ASP D 339 -0.59 -48.73 -31.03
CA ASP D 339 -1.84 -49.17 -30.44
C ASP D 339 -1.70 -49.12 -28.92
N GLU D 340 -0.48 -49.37 -28.45
CA GLU D 340 -0.16 -49.36 -27.02
C GLU D 340 -0.32 -47.94 -26.48
N ASP D 341 0.20 -46.99 -27.25
CA ASP D 341 0.13 -45.58 -26.88
C ASP D 341 -1.32 -45.14 -26.78
N ARG D 342 -2.11 -45.50 -27.79
CA ARG D 342 -3.52 -45.14 -27.83
C ARG D 342 -4.25 -45.62 -26.57
N LYS D 343 -3.99 -46.86 -26.15
CA LYS D 343 -4.65 -47.40 -24.97
C LYS D 343 -4.24 -46.70 -23.68
N LYS D 344 -2.99 -46.27 -23.62
CA LYS D 344 -2.49 -45.56 -22.44
C LYS D 344 -3.19 -44.20 -22.32
N PHE D 345 -3.33 -43.51 -23.45
CA PHE D 345 -3.97 -42.20 -23.50
C PHE D 345 -5.44 -42.30 -23.16
N GLN D 346 -6.10 -43.30 -23.74
CA GLN D 346 -7.52 -43.55 -23.53
C GLN D 346 -7.76 -43.81 -22.04
N TYR D 347 -6.91 -44.64 -21.46
CA TYR D 347 -7.03 -44.99 -20.04
C TYR D 347 -6.84 -43.79 -19.13
N ARG D 348 -5.81 -42.99 -19.40
CA ARG D 348 -5.54 -41.83 -18.57
C ARG D 348 -6.62 -40.76 -18.74
N TYR D 349 -7.21 -40.71 -19.93
CA TYR D 349 -8.28 -39.76 -20.17
C TYR D 349 -9.49 -40.23 -19.36
N ASP D 350 -9.82 -41.50 -19.51
CA ASP D 350 -10.96 -42.10 -18.82
C ASP D 350 -10.96 -42.02 -17.30
N HIS D 351 -9.80 -42.25 -16.69
CA HIS D 351 -9.72 -42.27 -15.25
C HIS D 351 -8.97 -41.10 -14.62
N MET D 352 -8.68 -40.07 -15.40
CA MET D 352 -7.95 -38.95 -14.85
C MET D 352 -8.33 -37.61 -15.48
N TYR D 353 -8.03 -37.43 -16.76
CA TYR D 353 -8.32 -36.18 -17.46
C TYR D 353 -9.79 -35.79 -17.51
N LYS D 354 -10.65 -36.71 -17.95
CA LYS D 354 -12.06 -36.40 -18.05
C LYS D 354 -12.73 -36.05 -16.72
N PRO D 355 -12.57 -36.92 -15.70
CA PRO D 355 -13.20 -36.58 -14.43
C PRO D 355 -12.60 -35.44 -13.62
N LEU D 356 -11.29 -35.28 -13.65
CA LEU D 356 -10.66 -34.21 -12.88
C LEU D 356 -10.37 -32.92 -13.63
N CYS D 357 -10.15 -33.03 -14.95
CA CYS D 357 -9.83 -31.85 -15.76
C CYS D 357 -10.98 -31.29 -16.61
N LEU D 358 -11.44 -32.05 -17.60
CA LEU D 358 -12.53 -31.57 -18.45
C LEU D 358 -13.75 -31.30 -17.57
N HIS D 359 -13.96 -32.17 -16.60
CA HIS D 359 -15.04 -32.00 -15.63
C HIS D 359 -14.29 -31.64 -14.35
N GLY D 360 -14.88 -30.83 -13.49
CA GLY D 360 -14.17 -30.47 -12.28
C GLY D 360 -13.43 -29.18 -12.47
N PHE D 361 -12.25 -29.24 -13.11
CA PHE D 361 -11.50 -28.02 -13.35
C PHE D 361 -12.26 -27.07 -14.26
N ASN D 362 -12.60 -27.54 -15.47
CA ASN D 362 -13.30 -26.69 -16.43
C ASN D 362 -14.78 -26.43 -16.18
N ASP D 363 -15.41 -27.21 -15.31
CA ASP D 363 -16.82 -26.97 -15.01
C ASP D 363 -16.96 -25.63 -14.32
N SER D 364 -15.92 -25.21 -13.60
CA SER D 364 -15.94 -23.92 -12.91
C SER D 364 -16.04 -22.79 -13.91
N ASP D 365 -15.39 -22.97 -15.06
CA ASP D 365 -15.40 -21.98 -16.14
C ASP D 365 -16.80 -21.91 -16.76
N LEU D 366 -17.48 -23.03 -16.78
CA LEU D 366 -18.82 -23.11 -17.35
C LEU D 366 -19.75 -22.10 -16.69
N TYR D 367 -19.79 -22.12 -15.36
CA TYR D 367 -20.66 -21.21 -14.61
C TYR D 367 -20.15 -19.79 -14.56
N ALA D 368 -18.83 -19.61 -14.58
CA ALA D 368 -18.24 -18.28 -14.54
C ALA D 368 -18.64 -17.52 -15.80
N ARG D 369 -18.52 -18.17 -16.95
CA ARG D 369 -18.88 -17.55 -18.23
C ARG D 369 -20.36 -17.20 -18.26
N GLU D 370 -21.19 -18.12 -17.78
CA GLU D 370 -22.63 -17.89 -17.74
C GLU D 370 -22.98 -16.67 -16.90
N ALA D 371 -22.40 -16.59 -15.70
CA ALA D 371 -22.67 -15.51 -14.77
C ALA D 371 -22.38 -14.10 -15.29
N MET D 372 -21.59 -14.01 -16.34
CA MET D 372 -21.20 -12.73 -16.91
C MET D 372 -22.09 -12.29 -18.08
N GLN D 373 -22.81 -13.23 -18.68
CA GLN D 373 -23.65 -12.96 -19.83
C GLN D 373 -24.72 -11.87 -19.71
N ASN D 374 -25.42 -11.80 -18.59
CA ASN D 374 -26.46 -10.79 -18.39
C ASN D 374 -25.96 -9.36 -18.50
N PHE D 375 -24.73 -9.12 -18.05
CA PHE D 375 -24.15 -7.80 -18.09
C PHE D 375 -23.93 -7.31 -19.52
N TYR D 376 -23.62 -8.26 -20.40
CA TYR D 376 -23.33 -7.95 -21.79
C TYR D 376 -24.41 -8.09 -22.85
N TYR D 377 -25.38 -8.98 -22.66
CA TYR D 377 -26.36 -9.16 -23.73
C TYR D 377 -27.06 -7.95 -24.30
N ASP D 378 -27.62 -7.09 -23.43
CA ASP D 378 -28.32 -5.92 -23.95
C ASP D 378 -27.37 -4.80 -24.36
N GLY D 379 -26.06 -5.07 -24.33
CA GLY D 379 -25.08 -4.08 -24.73
C GLY D 379 -24.38 -3.33 -23.62
N THR D 380 -24.98 -3.30 -22.43
CA THR D 380 -24.43 -2.60 -21.29
C THR D 380 -22.95 -2.86 -21.01
N GLY D 381 -22.60 -4.12 -20.80
CA GLY D 381 -21.23 -4.47 -20.49
C GLY D 381 -20.16 -4.03 -21.46
N TRP D 382 -20.47 -4.07 -22.76
CA TRP D 382 -19.51 -3.70 -23.79
C TRP D 382 -19.06 -2.24 -23.68
N ASP D 383 -19.82 -1.45 -22.92
CA ASP D 383 -19.50 -0.04 -22.72
C ASP D 383 -19.15 0.25 -21.27
N ASP D 384 -19.91 -0.36 -20.35
CA ASP D 384 -19.72 -0.11 -18.91
C ASP D 384 -18.75 -0.97 -18.11
N GLU D 385 -18.21 -2.01 -18.74
CA GLU D 385 -17.25 -2.87 -18.05
C GLU D 385 -16.08 -1.97 -17.64
N GLN D 386 -15.47 -2.26 -16.50
CA GLN D 386 -14.33 -1.46 -16.04
C GLN D 386 -13.11 -2.37 -15.96
N LEU D 387 -12.43 -2.49 -17.10
CA LEU D 387 -11.26 -3.36 -17.21
C LEU D 387 -10.02 -2.80 -16.53
N VAL D 388 -9.09 -3.69 -16.22
CA VAL D 388 -7.86 -3.33 -15.55
C VAL D 388 -6.62 -3.88 -16.25
N ALA D 389 -5.49 -3.81 -15.57
CA ALA D 389 -4.22 -4.27 -16.12
C ALA D 389 -4.22 -5.68 -16.73
N THR D 390 -4.75 -6.65 -15.99
CA THR D 390 -4.78 -8.02 -16.48
C THR D 390 -5.65 -8.19 -17.71
N ASP D 391 -6.48 -7.19 -18.00
CA ASP D 391 -7.38 -7.28 -19.15
C ASP D 391 -6.71 -6.95 -20.47
N ILE D 392 -5.40 -6.78 -20.43
CA ILE D 392 -4.63 -6.53 -21.64
C ILE D 392 -4.86 -7.74 -22.54
N SER D 393 -5.14 -8.90 -21.93
CA SER D 393 -5.37 -10.13 -22.69
C SER D 393 -6.65 -10.04 -23.54
N PRO D 394 -7.83 -9.89 -22.91
CA PRO D 394 -9.04 -9.82 -23.72
C PRO D 394 -9.03 -8.62 -24.68
N ILE D 395 -8.50 -7.49 -24.22
CA ILE D 395 -8.43 -6.29 -25.06
C ILE D 395 -7.60 -6.52 -26.32
N THR D 396 -6.47 -7.19 -26.17
CA THR D 396 -5.60 -7.46 -27.31
C THR D 396 -6.28 -8.41 -28.30
N TRP D 397 -6.99 -9.39 -27.77
CA TRP D 397 -7.71 -10.35 -28.59
C TRP D 397 -8.81 -9.65 -29.38
N ARG D 398 -9.58 -8.78 -28.71
CA ARG D 398 -10.66 -8.05 -29.37
C ARG D 398 -10.17 -7.22 -30.54
N LYS D 399 -9.02 -6.54 -30.36
CA LYS D 399 -8.47 -5.70 -31.42
C LYS D 399 -8.05 -6.52 -32.64
N LEU D 400 -7.29 -7.58 -32.42
CA LEU D 400 -6.84 -8.40 -33.53
C LEU D 400 -8.00 -9.13 -34.21
N ALA D 401 -9.00 -9.51 -33.42
CA ALA D 401 -10.17 -10.19 -33.96
C ALA D 401 -10.93 -9.21 -34.86
N SER D 402 -10.98 -7.94 -34.42
CA SER D 402 -11.66 -6.89 -35.17
C SER D 402 -10.95 -6.64 -36.49
N ARG D 403 -9.63 -6.64 -36.46
CA ARG D 403 -8.86 -6.38 -37.67
C ARG D 403 -8.77 -7.53 -38.65
N TRP D 404 -8.65 -8.77 -38.16
CA TRP D 404 -8.48 -9.90 -39.06
C TRP D 404 -9.62 -10.88 -39.34
N ASN D 405 -10.80 -10.66 -38.78
CA ASN D 405 -11.90 -11.59 -39.04
C ASN D 405 -12.28 -11.53 -40.52
N ARG D 406 -12.70 -12.64 -41.08
CA ARG D 406 -13.07 -12.69 -42.48
C ARG D 406 -14.51 -12.30 -42.73
N GLY D 407 -15.16 -11.73 -41.71
CA GLY D 407 -16.53 -11.31 -41.89
C GLY D 407 -17.36 -11.40 -40.63
N ILE D 408 -18.41 -10.58 -40.58
CA ILE D 408 -19.31 -10.55 -39.44
C ILE D 408 -20.64 -11.17 -39.87
N ALA D 409 -21.02 -12.26 -39.20
CA ALA D 409 -22.25 -12.95 -39.52
C ALA D 409 -23.46 -12.05 -39.27
N LYS D 410 -24.41 -12.12 -40.18
CA LYS D 410 -25.63 -11.34 -40.05
C LYS D 410 -26.62 -12.16 -39.24
N PRO D 411 -27.55 -11.50 -38.55
CA PRO D 411 -28.54 -12.22 -37.75
C PRO D 411 -29.30 -13.23 -38.58
N GLY D 412 -29.71 -14.33 -37.95
CA GLY D 412 -30.46 -15.33 -38.67
C GLY D 412 -31.83 -14.80 -39.04
N ARG D 413 -32.31 -15.19 -40.21
CA ARG D 413 -33.62 -14.77 -40.72
C ARG D 413 -34.30 -15.99 -41.33
N GLY D 414 -35.51 -16.29 -40.88
CA GLY D 414 -36.22 -17.44 -41.44
C GLY D 414 -35.61 -18.78 -41.07
N VAL D 415 -34.84 -18.82 -39.98
CA VAL D 415 -34.22 -20.05 -39.50
C VAL D 415 -34.43 -20.15 -37.99
N ALA D 416 -34.18 -21.31 -37.40
CA ALA D 416 -34.34 -21.46 -35.95
C ALA D 416 -33.42 -20.48 -35.27
N GLY D 417 -33.90 -19.80 -34.23
CA GLY D 417 -33.06 -18.85 -33.55
C GLY D 417 -33.21 -17.42 -34.06
N ALA D 418 -33.90 -17.26 -35.18
CA ALA D 418 -34.12 -15.92 -35.73
C ALA D 418 -35.03 -15.17 -34.78
N VAL D 419 -36.01 -15.90 -34.22
CA VAL D 419 -36.98 -15.37 -33.28
C VAL D 419 -36.81 -16.23 -32.01
N LYS D 420 -36.61 -15.57 -30.87
CA LYS D 420 -36.37 -16.28 -29.62
C LYS D 420 -37.55 -16.74 -28.77
N ASP D 421 -38.73 -16.16 -29.00
CA ASP D 421 -39.89 -16.51 -28.19
C ASP D 421 -41.06 -17.14 -28.94
N THR D 422 -40.76 -17.99 -29.91
CA THR D 422 -41.78 -18.68 -30.70
C THR D 422 -42.52 -19.71 -29.85
N SER D 423 -43.74 -20.06 -30.26
CA SER D 423 -44.52 -21.06 -29.52
C SER D 423 -43.83 -22.41 -29.61
N LEU D 424 -43.06 -22.64 -30.67
CA LEU D 424 -42.32 -23.90 -30.81
C LEU D 424 -41.27 -23.98 -29.71
N ILE D 425 -40.59 -22.87 -29.47
CA ILE D 425 -39.56 -22.84 -28.43
C ILE D 425 -40.21 -23.02 -27.04
N PHE D 426 -41.37 -22.42 -26.81
CA PHE D 426 -42.04 -22.62 -25.52
C PHE D 426 -42.52 -24.07 -25.38
N LYS D 427 -42.91 -24.69 -26.49
CA LYS D 427 -43.36 -26.09 -26.46
C LYS D 427 -42.22 -26.97 -26.04
N GLN D 428 -41.06 -26.77 -26.67
CA GLN D 428 -39.88 -27.56 -26.37
C GLN D 428 -39.42 -27.35 -24.93
N THR D 429 -39.45 -26.09 -24.49
CA THR D 429 -39.02 -25.73 -23.14
C THR D 429 -39.96 -26.39 -22.12
N ALA D 430 -41.26 -26.36 -22.40
CA ALA D 430 -42.24 -26.96 -21.51
C ALA D 430 -41.94 -28.45 -21.39
N ASP D 431 -41.52 -29.04 -22.49
CA ASP D 431 -41.20 -30.47 -22.54
C ASP D 431 -39.89 -30.77 -21.81
N GLY D 432 -39.21 -29.73 -21.32
CA GLY D 432 -37.97 -29.90 -20.60
C GLY D 432 -36.71 -29.83 -21.44
N LYS D 433 -36.84 -29.47 -22.72
CA LYS D 433 -35.66 -29.38 -23.59
C LYS D 433 -34.99 -28.01 -23.57
N ARG D 434 -33.70 -28.00 -23.24
CA ARG D 434 -32.94 -26.76 -23.18
C ARG D 434 -32.51 -26.34 -24.57
N PRO D 435 -32.08 -25.07 -24.73
CA PRO D 435 -31.64 -24.61 -26.04
C PRO D 435 -30.53 -25.59 -26.45
N GLY D 436 -30.44 -25.92 -27.75
CA GLY D 436 -29.44 -26.90 -28.15
C GLY D 436 -28.60 -26.59 -29.37
N TYR D 437 -28.05 -27.66 -29.94
CA TYR D 437 -27.16 -27.58 -31.10
C TYR D 437 -27.53 -28.58 -32.20
N LYS D 438 -27.52 -29.86 -31.85
CA LYS D 438 -27.85 -30.93 -32.79
C LYS D 438 -29.35 -31.05 -32.98
N VAL D 439 -29.80 -30.93 -34.22
CA VAL D 439 -31.21 -31.02 -34.55
C VAL D 439 -31.79 -32.40 -34.23
N GLU D 440 -32.88 -32.41 -33.49
CA GLU D 440 -33.55 -33.65 -33.11
C GLU D 440 -34.31 -34.15 -34.34
N GLN D 441 -34.25 -35.45 -34.61
CA GLN D 441 -34.93 -35.99 -35.80
C GLN D 441 -36.30 -36.65 -35.59
N ILE D 442 -36.89 -37.11 -36.69
CA ILE D 442 -38.20 -37.76 -36.72
C ILE D 442 -39.35 -36.76 -36.58
N ILE E 16 -32.43 -16.63 -55.03
CA ILE E 16 -33.86 -16.68 -55.48
C ILE E 16 -33.95 -16.60 -57.00
N SER E 17 -34.44 -17.70 -57.59
CA SER E 17 -34.57 -17.84 -59.04
C SER E 17 -35.83 -17.20 -59.64
N ASP E 18 -35.69 -16.69 -60.87
CA ASP E 18 -36.78 -16.04 -61.58
C ASP E 18 -37.75 -17.07 -62.17
N ALA E 19 -37.42 -18.34 -61.97
CA ALA E 19 -38.25 -19.43 -62.49
C ALA E 19 -39.31 -19.90 -61.48
N ARG E 20 -39.30 -19.30 -60.28
CA ARG E 20 -40.27 -19.67 -59.24
C ARG E 20 -41.65 -19.13 -59.63
N ALA E 21 -42.70 -19.86 -59.25
CA ALA E 21 -44.07 -19.46 -59.58
C ALA E 21 -44.54 -18.20 -58.87
N ASN E 22 -44.03 -17.94 -57.67
CA ASN E 22 -44.44 -16.76 -56.92
C ASN E 22 -43.65 -15.50 -57.25
N ASN E 23 -43.86 -14.97 -58.45
CA ASN E 23 -43.18 -13.76 -58.89
C ASN E 23 -43.83 -12.56 -58.20
N ALA E 24 -43.25 -11.38 -58.41
CA ALA E 24 -43.74 -10.14 -57.81
C ALA E 24 -45.22 -9.89 -58.05
N LYS E 25 -45.66 -10.06 -59.30
CA LYS E 25 -47.06 -9.85 -59.65
C LYS E 25 -47.95 -10.80 -58.84
N THR E 26 -47.56 -12.07 -58.81
CA THR E 26 -48.33 -13.07 -58.07
C THR E 26 -48.43 -12.72 -56.58
N GLN E 27 -47.29 -12.48 -55.95
CA GLN E 27 -47.27 -12.14 -54.52
C GLN E 27 -48.12 -10.92 -54.17
N SER E 28 -48.16 -9.94 -55.07
CA SER E 28 -48.94 -8.73 -54.82
C SER E 28 -50.43 -9.03 -54.77
N GLN E 29 -50.82 -10.20 -55.25
CA GLN E 29 -52.23 -10.59 -55.27
C GLN E 29 -52.74 -11.22 -53.98
N TYR E 30 -51.85 -11.49 -53.03
CA TYR E 30 -52.27 -12.05 -51.76
C TYR E 30 -51.64 -11.35 -50.56
N GLN E 31 -51.62 -10.02 -50.62
CA GLN E 31 -51.05 -9.25 -49.53
C GLN E 31 -51.93 -9.36 -48.28
N PRO E 32 -53.26 -9.30 -48.44
CA PRO E 32 -54.13 -9.39 -47.26
C PRO E 32 -53.89 -10.70 -46.50
N TYR E 33 -53.57 -11.76 -47.23
CA TYR E 33 -53.30 -13.06 -46.62
C TYR E 33 -52.03 -12.94 -45.78
N LYS E 34 -50.98 -12.35 -46.37
CA LYS E 34 -49.72 -12.16 -45.67
C LYS E 34 -49.95 -11.34 -44.40
N ASP E 35 -50.96 -10.49 -44.42
CA ASP E 35 -51.28 -9.64 -43.26
C ASP E 35 -52.21 -10.29 -42.24
N ALA E 36 -52.71 -11.49 -42.52
CA ALA E 36 -53.64 -12.14 -41.59
C ALA E 36 -53.04 -13.20 -40.65
N ALA E 37 -51.90 -12.88 -40.03
CA ALA E 37 -51.25 -13.83 -39.12
C ALA E 37 -52.20 -14.23 -37.98
N TRP E 38 -53.00 -13.29 -37.49
CA TRP E 38 -53.92 -13.58 -36.39
C TRP E 38 -55.24 -14.18 -36.86
N GLY E 39 -55.35 -14.43 -38.16
CA GLY E 39 -56.57 -15.02 -38.71
C GLY E 39 -57.58 -14.08 -39.33
N PHE E 40 -58.57 -14.66 -40.03
CA PHE E 40 -59.64 -13.87 -40.65
C PHE E 40 -60.79 -13.85 -39.64
N ILE E 41 -61.23 -12.67 -39.27
CA ILE E 41 -62.29 -12.53 -38.29
C ILE E 41 -63.64 -12.37 -38.98
N ASN E 42 -64.72 -12.53 -38.23
CA ASN E 42 -66.08 -12.45 -38.76
C ASN E 42 -66.32 -13.69 -39.60
N HIS E 43 -65.95 -14.85 -39.04
CA HIS E 43 -66.11 -16.15 -39.69
C HIS E 43 -66.51 -17.19 -38.66
N TRP E 44 -67.12 -18.27 -39.13
CA TRP E 44 -67.54 -19.37 -38.26
C TRP E 44 -66.38 -20.33 -38.07
N TYR E 45 -66.17 -20.73 -36.81
CA TYR E 45 -65.10 -21.67 -36.49
C TYR E 45 -65.61 -22.70 -35.51
N PRO E 46 -65.05 -23.92 -35.55
CA PRO E 46 -65.50 -24.93 -34.58
C PRO E 46 -64.87 -24.51 -33.25
N ALA E 47 -65.64 -24.52 -32.17
CA ALA E 47 -65.13 -24.08 -30.85
C ALA E 47 -64.83 -25.25 -29.90
N LEU E 48 -65.82 -26.12 -29.72
CA LEU E 48 -65.69 -27.29 -28.86
C LEU E 48 -66.59 -28.38 -29.40
N PHE E 49 -66.33 -29.62 -29.00
CA PHE E 49 -67.20 -30.73 -29.40
C PHE E 49 -68.31 -30.64 -28.36
N THR E 50 -69.48 -31.14 -28.69
CA THR E 50 -70.59 -31.10 -27.75
C THR E 50 -70.23 -31.75 -26.41
N HIS E 51 -69.50 -32.86 -26.45
CA HIS E 51 -69.14 -33.54 -25.20
C HIS E 51 -68.21 -32.73 -24.29
N GLU E 52 -67.68 -31.61 -24.80
CA GLU E 52 -66.77 -30.77 -24.03
C GLU E 52 -67.48 -29.70 -23.22
N LEU E 53 -68.79 -29.56 -23.43
CA LEU E 53 -69.58 -28.58 -22.70
C LEU E 53 -70.90 -29.20 -22.30
N GLU E 54 -71.01 -29.60 -21.04
CA GLU E 54 -72.23 -30.21 -20.53
C GLU E 54 -73.13 -29.15 -19.92
N GLU E 55 -74.33 -29.57 -19.54
CA GLU E 55 -75.29 -28.67 -18.92
C GLU E 55 -74.65 -27.94 -17.76
N ASP E 56 -74.73 -26.61 -17.79
CA ASP E 56 -74.18 -25.77 -16.74
C ASP E 56 -72.66 -25.71 -16.70
N GLN E 57 -72.01 -26.27 -17.70
CA GLN E 57 -70.56 -26.24 -17.74
C GLN E 57 -70.11 -24.94 -18.41
N VAL E 58 -69.00 -24.41 -17.94
CA VAL E 58 -68.44 -23.17 -18.48
C VAL E 58 -67.02 -23.47 -18.97
N GLN E 59 -66.69 -22.99 -20.16
CA GLN E 59 -65.38 -23.24 -20.74
C GLN E 59 -64.83 -22.03 -21.48
N GLY E 60 -63.54 -21.73 -21.26
CA GLY E 60 -62.91 -20.62 -21.93
C GLY E 60 -61.96 -21.10 -23.01
N ILE E 61 -61.93 -20.39 -24.13
CA ILE E 61 -61.08 -20.70 -25.28
C ILE E 61 -60.59 -19.38 -25.89
N GLN E 62 -59.83 -19.48 -26.98
CA GLN E 62 -59.36 -18.27 -27.65
C GLN E 62 -59.26 -18.54 -29.14
N ILE E 63 -59.90 -17.68 -29.94
CA ILE E 63 -59.89 -17.83 -31.40
C ILE E 63 -59.63 -16.47 -32.07
N CYS E 64 -58.70 -16.45 -33.02
CA CYS E 64 -58.33 -15.21 -33.70
C CYS E 64 -57.87 -14.14 -32.70
N GLY E 65 -57.27 -14.59 -31.60
CA GLY E 65 -56.80 -13.69 -30.57
C GLY E 65 -57.89 -13.25 -29.61
N VAL E 66 -59.12 -13.61 -29.93
CA VAL E 66 -60.27 -13.24 -29.10
C VAL E 66 -60.59 -14.26 -28.00
N PRO E 67 -60.58 -13.83 -26.73
CA PRO E 67 -60.89 -14.74 -25.62
C PRO E 67 -62.40 -14.95 -25.58
N ILE E 68 -62.82 -16.21 -25.57
CA ILE E 68 -64.24 -16.52 -25.56
C ILE E 68 -64.60 -17.51 -24.46
N VAL E 69 -65.74 -17.28 -23.83
CA VAL E 69 -66.22 -18.16 -22.77
C VAL E 69 -67.59 -18.69 -23.18
N LEU E 70 -67.81 -19.99 -23.04
CA LEU E 70 -69.08 -20.61 -23.42
C LEU E 70 -69.75 -21.27 -22.21
N ARG E 71 -71.08 -21.23 -22.18
CA ARG E 71 -71.86 -21.84 -21.11
C ARG E 71 -73.13 -22.46 -21.70
N ARG E 72 -73.46 -23.68 -21.26
CA ARG E 72 -74.67 -24.34 -21.73
C ARG E 72 -75.71 -24.22 -20.63
N VAL E 73 -76.85 -23.61 -20.95
CA VAL E 73 -77.94 -23.45 -19.98
C VAL E 73 -79.23 -23.95 -20.60
N ASN E 74 -79.85 -24.93 -19.94
CA ASN E 74 -81.08 -25.53 -20.43
C ASN E 74 -80.88 -26.06 -21.83
N GLY E 75 -79.73 -26.70 -22.05
CA GLY E 75 -79.41 -27.27 -23.34
C GLY E 75 -78.83 -26.33 -24.38
N LYS E 76 -79.02 -25.02 -24.21
CA LYS E 76 -78.52 -24.05 -25.18
C LYS E 76 -77.15 -23.48 -24.81
N VAL E 77 -76.29 -23.35 -25.81
CA VAL E 77 -74.94 -22.82 -25.60
C VAL E 77 -74.86 -21.32 -25.93
N PHE E 78 -74.21 -20.58 -25.04
CA PHE E 78 -74.01 -19.14 -25.21
C PHE E 78 -72.51 -18.84 -25.21
N ALA E 79 -72.10 -17.83 -25.97
CA ALA E 79 -70.70 -17.46 -26.05
C ALA E 79 -70.54 -15.94 -25.91
N LEU E 80 -69.66 -15.52 -25.00
CA LEU E 80 -69.39 -14.10 -24.76
C LEU E 80 -67.88 -13.92 -24.73
N LYS E 81 -67.43 -12.67 -24.72
CA LYS E 81 -65.99 -12.42 -24.67
C LYS E 81 -65.53 -12.78 -23.26
N ASP E 82 -64.46 -13.56 -23.19
CA ASP E 82 -63.91 -14.01 -21.91
C ASP E 82 -63.03 -12.91 -21.31
N GLN E 83 -63.63 -11.75 -21.10
CA GLN E 83 -62.91 -10.62 -20.53
C GLN E 83 -63.85 -9.70 -19.76
N CYS E 84 -63.76 -9.73 -18.44
CA CYS E 84 -64.60 -8.85 -17.65
C CYS E 84 -64.21 -7.42 -18.03
N LEU E 85 -65.21 -6.58 -18.30
CA LEU E 85 -64.93 -5.21 -18.69
C LEU E 85 -64.44 -4.33 -17.55
N HIS E 86 -64.56 -4.81 -16.32
CA HIS E 86 -64.11 -4.05 -15.17
C HIS E 86 -62.58 -3.95 -15.17
N ARG E 87 -61.92 -5.08 -14.88
CA ARG E 87 -60.47 -5.10 -14.85
C ARG E 87 -59.80 -6.22 -15.66
N GLY E 88 -60.51 -6.71 -16.67
CA GLY E 88 -59.98 -7.69 -17.60
C GLY E 88 -59.63 -9.13 -17.27
N VAL E 89 -60.14 -9.67 -16.17
CA VAL E 89 -59.85 -11.05 -15.83
C VAL E 89 -60.75 -11.94 -16.70
N ARG E 90 -60.35 -13.19 -16.90
CA ARG E 90 -61.17 -14.11 -17.68
C ARG E 90 -62.27 -14.67 -16.79
N LEU E 91 -63.51 -14.56 -17.26
CA LEU E 91 -64.67 -15.05 -16.54
C LEU E 91 -64.66 -16.58 -16.41
N SER E 92 -64.00 -17.24 -17.36
CA SER E 92 -63.94 -18.70 -17.39
C SER E 92 -62.97 -19.35 -16.41
N GLU E 93 -62.09 -18.58 -15.79
CA GLU E 93 -61.12 -19.15 -14.86
C GLU E 93 -61.75 -19.70 -13.59
N LYS E 94 -62.77 -19.02 -13.09
CA LYS E 94 -63.47 -19.50 -11.93
C LYS E 94 -64.96 -19.31 -12.19
N PRO E 95 -65.56 -20.22 -12.96
CA PRO E 95 -66.99 -20.18 -13.33
C PRO E 95 -67.89 -19.76 -12.17
N THR E 96 -68.59 -18.64 -12.36
CA THR E 96 -69.49 -18.11 -11.33
C THR E 96 -70.76 -17.61 -11.97
N CYS E 97 -71.82 -18.42 -11.89
CA CYS E 97 -73.11 -18.07 -12.46
C CYS E 97 -74.17 -18.20 -11.38
N PHE E 98 -74.83 -17.09 -11.07
CA PHE E 98 -75.85 -17.10 -10.03
C PHE E 98 -77.26 -17.34 -10.55
N THR E 99 -77.47 -17.12 -11.85
CA THR E 99 -78.79 -17.34 -12.43
C THR E 99 -78.65 -18.02 -13.78
N LYS E 100 -79.76 -18.54 -14.30
CA LYS E 100 -79.77 -19.24 -15.58
C LYS E 100 -79.57 -18.33 -16.79
N SER E 101 -79.74 -17.03 -16.61
CA SER E 101 -79.60 -16.09 -17.72
C SER E 101 -78.38 -15.20 -17.66
N THR E 102 -77.48 -15.45 -16.72
CA THR E 102 -76.30 -14.60 -16.61
C THR E 102 -75.04 -15.36 -16.28
N ILE E 103 -73.94 -14.62 -16.26
CA ILE E 103 -72.63 -15.15 -15.88
C ILE E 103 -71.96 -13.97 -15.19
N SER E 104 -71.34 -14.23 -14.05
CA SER E 104 -70.68 -13.17 -13.30
C SER E 104 -69.17 -13.34 -13.21
N CYS E 105 -68.48 -12.24 -12.95
CA CYS E 105 -67.05 -12.25 -12.77
C CYS E 105 -66.84 -12.59 -11.31
N TRP E 106 -66.00 -13.59 -11.05
CA TRP E 106 -65.71 -14.05 -9.69
C TRP E 106 -64.92 -13.06 -8.85
N TYR E 107 -64.37 -12.03 -9.47
CA TYR E 107 -63.56 -11.07 -8.74
C TYR E 107 -64.34 -9.97 -8.01
N HIS E 108 -64.95 -9.04 -8.73
CA HIS E 108 -65.71 -7.98 -8.07
C HIS E 108 -67.21 -8.04 -8.36
N GLY E 109 -67.65 -9.16 -8.94
CA GLY E 109 -69.07 -9.35 -9.18
C GLY E 109 -69.79 -8.75 -10.36
N PHE E 110 -69.09 -8.21 -11.35
CA PHE E 110 -69.79 -7.66 -12.52
C PHE E 110 -70.58 -8.82 -13.11
N THR E 111 -71.86 -8.59 -13.41
CA THR E 111 -72.71 -9.63 -13.97
C THR E 111 -73.23 -9.29 -15.36
N PHE E 112 -73.10 -10.24 -16.28
CA PHE E 112 -73.53 -10.03 -17.66
C PHE E 112 -74.63 -10.96 -18.13
N ASP E 113 -75.49 -10.42 -19.00
CA ASP E 113 -76.60 -11.17 -19.57
C ASP E 113 -76.05 -12.09 -20.65
N LEU E 114 -76.32 -13.39 -20.53
CA LEU E 114 -75.82 -14.36 -21.51
C LEU E 114 -76.28 -14.09 -22.93
N GLU E 115 -77.51 -13.62 -23.07
CA GLU E 115 -78.10 -13.35 -24.38
C GLU E 115 -77.58 -12.09 -25.07
N THR E 116 -77.46 -11.01 -24.31
CA THR E 116 -77.03 -9.73 -24.86
C THR E 116 -75.64 -9.28 -24.45
N GLY E 117 -75.10 -9.86 -23.38
CA GLY E 117 -73.78 -9.48 -22.92
C GLY E 117 -73.79 -8.18 -22.13
N LYS E 118 -74.96 -7.59 -21.97
CA LYS E 118 -75.09 -6.32 -21.24
C LYS E 118 -74.77 -6.47 -19.76
N LEU E 119 -74.15 -5.45 -19.18
CA LEU E 119 -73.83 -5.44 -17.76
C LEU E 119 -75.14 -5.17 -17.04
N VAL E 120 -75.76 -6.22 -16.53
CA VAL E 120 -77.05 -6.09 -15.86
C VAL E 120 -76.97 -5.70 -14.38
N THR E 121 -75.87 -6.02 -13.73
CA THR E 121 -75.71 -5.66 -12.34
C THR E 121 -74.30 -5.97 -11.82
N ILE E 122 -74.08 -5.63 -10.56
CA ILE E 122 -72.80 -5.87 -9.89
C ILE E 122 -73.23 -6.39 -8.53
N VAL E 123 -72.86 -7.63 -8.23
CA VAL E 123 -73.22 -8.29 -6.98
C VAL E 123 -73.37 -7.41 -5.74
N ALA E 124 -72.31 -6.69 -5.37
CA ALA E 124 -72.37 -5.85 -4.18
C ALA E 124 -72.37 -4.35 -4.45
N ASN E 125 -72.86 -3.96 -5.63
CA ASN E 125 -72.93 -2.55 -6.01
C ASN E 125 -73.98 -2.44 -7.11
N PRO E 126 -75.21 -2.89 -6.81
CA PRO E 126 -76.37 -2.91 -7.70
C PRO E 126 -76.90 -1.58 -8.23
N GLU E 127 -76.39 -0.46 -7.72
CA GLU E 127 -76.88 0.81 -8.19
C GLU E 127 -75.85 1.67 -8.91
N ASP E 128 -74.68 1.10 -9.18
CA ASP E 128 -73.63 1.85 -9.86
C ASP E 128 -74.13 2.37 -11.20
N LYS E 129 -73.75 3.60 -11.53
CA LYS E 129 -74.18 4.20 -12.77
C LYS E 129 -73.62 3.54 -14.02
N LEU E 130 -72.57 2.73 -13.86
CA LEU E 130 -72.00 2.06 -15.03
C LEU E 130 -72.94 0.96 -15.51
N ILE E 131 -73.71 0.38 -14.60
CA ILE E 131 -74.64 -0.70 -14.95
C ILE E 131 -75.58 -0.34 -16.08
N GLY E 132 -75.73 -1.26 -17.03
CA GLY E 132 -76.61 -1.02 -18.15
C GLY E 132 -76.08 -0.09 -19.23
N THR E 133 -74.97 0.57 -18.98
CA THR E 133 -74.40 1.50 -19.96
C THR E 133 -73.36 0.84 -20.88
N THR E 134 -73.12 -0.45 -20.70
CA THR E 134 -72.15 -1.17 -21.52
C THR E 134 -72.28 -2.67 -21.32
N GLY E 135 -71.34 -3.43 -21.86
CA GLY E 135 -71.38 -4.89 -21.72
C GLY E 135 -70.30 -5.53 -22.54
N VAL E 136 -70.27 -6.87 -22.56
CA VAL E 136 -69.25 -7.58 -23.35
C VAL E 136 -69.82 -8.10 -24.66
N THR E 137 -68.95 -8.33 -25.62
CA THR E 137 -69.35 -8.83 -26.93
C THR E 137 -69.94 -10.24 -26.84
N THR E 138 -70.95 -10.50 -27.67
CA THR E 138 -71.57 -11.82 -27.72
C THR E 138 -71.19 -12.43 -29.06
N TYR E 139 -71.14 -13.76 -29.12
CA TYR E 139 -70.79 -14.45 -30.36
C TYR E 139 -71.85 -15.49 -30.71
N PRO E 140 -72.41 -15.39 -31.93
CA PRO E 140 -73.43 -16.34 -32.40
C PRO E 140 -72.93 -17.77 -32.29
N VAL E 141 -73.82 -18.67 -31.87
CA VAL E 141 -73.47 -20.07 -31.72
C VAL E 141 -74.39 -20.94 -32.58
N HIS E 142 -73.81 -21.99 -33.16
CA HIS E 142 -74.56 -22.92 -33.98
C HIS E 142 -74.02 -24.32 -33.65
N GLU E 143 -74.74 -25.05 -32.82
CA GLU E 143 -74.34 -26.40 -32.43
C GLU E 143 -75.09 -27.39 -33.32
N VAL E 144 -74.38 -28.36 -33.87
CA VAL E 144 -75.00 -29.33 -34.77
C VAL E 144 -74.20 -30.63 -34.83
N ASN E 145 -74.92 -31.74 -34.70
CA ASN E 145 -74.34 -33.08 -34.76
C ASN E 145 -73.01 -33.23 -34.01
N GLY E 146 -73.02 -32.86 -32.73
CA GLY E 146 -71.82 -33.01 -31.92
C GLY E 146 -70.79 -31.90 -31.95
N MET E 147 -70.99 -30.89 -32.78
CA MET E 147 -70.05 -29.79 -32.87
C MET E 147 -70.66 -28.45 -32.55
N ILE E 148 -69.91 -27.64 -31.80
CA ILE E 148 -70.34 -26.31 -31.41
C ILE E 148 -69.54 -25.30 -32.22
N PHE E 149 -70.18 -24.64 -33.17
CA PHE E 149 -69.52 -23.62 -33.97
C PHE E 149 -69.83 -22.24 -33.41
N VAL E 150 -68.86 -21.34 -33.50
CA VAL E 150 -69.01 -19.98 -33.00
C VAL E 150 -68.60 -18.99 -34.06
N PHE E 151 -69.39 -17.93 -34.23
CA PHE E 151 -69.07 -16.91 -35.21
C PHE E 151 -68.22 -15.88 -34.48
N VAL E 152 -66.90 -15.98 -34.67
CA VAL E 152 -65.95 -15.08 -34.04
C VAL E 152 -65.93 -13.80 -34.85
N ARG E 153 -66.39 -12.71 -34.22
CA ARG E 153 -66.50 -11.41 -34.91
C ARG E 153 -65.89 -10.24 -34.16
N GLU E 154 -65.76 -9.13 -34.89
CA GLU E 154 -65.24 -7.89 -34.30
C GLU E 154 -66.36 -7.35 -33.42
N ASP E 155 -65.99 -6.50 -32.46
CA ASP E 155 -66.97 -5.92 -31.55
C ASP E 155 -68.11 -5.16 -32.21
N ASP E 156 -67.85 -4.56 -33.36
CA ASP E 156 -68.87 -3.77 -34.04
C ASP E 156 -69.58 -4.46 -35.20
N PHE E 157 -69.26 -5.73 -35.45
CA PHE E 157 -69.92 -6.46 -36.55
C PHE E 157 -71.38 -6.66 -36.16
N PRO E 158 -72.32 -6.12 -36.96
CA PRO E 158 -73.76 -6.24 -36.69
C PRO E 158 -74.33 -7.66 -36.67
N ASP E 159 -75.30 -7.89 -35.80
CA ASP E 159 -75.97 -9.19 -35.72
C ASP E 159 -76.65 -9.49 -37.06
N GLU E 160 -77.30 -8.47 -37.61
CA GLU E 160 -78.02 -8.56 -38.87
C GLU E 160 -77.18 -9.09 -40.00
N ASP E 161 -75.87 -8.90 -39.91
CA ASP E 161 -74.95 -9.30 -40.96
C ASP E 161 -74.31 -10.69 -40.78
N VAL E 162 -74.61 -11.35 -39.65
CA VAL E 162 -74.06 -12.69 -39.41
C VAL E 162 -74.63 -13.64 -40.45
N PRO E 163 -73.76 -14.27 -41.24
CA PRO E 163 -74.20 -15.20 -42.29
C PRO E 163 -74.47 -16.63 -41.78
N PRO E 164 -75.07 -17.47 -42.62
CA PRO E 164 -75.37 -18.86 -42.23
C PRO E 164 -74.07 -19.65 -42.08
N LEU E 165 -74.02 -20.54 -41.09
CA LEU E 165 -72.84 -21.37 -40.87
C LEU E 165 -72.39 -22.02 -42.17
N ALA E 166 -73.34 -22.46 -42.99
CA ALA E 166 -73.04 -23.13 -44.25
C ALA E 166 -72.13 -22.35 -45.19
N HIS E 167 -72.15 -21.02 -45.08
CA HIS E 167 -71.30 -20.21 -45.94
C HIS E 167 -69.82 -20.38 -45.58
N ASP E 168 -69.56 -20.87 -44.37
CA ASP E 168 -68.20 -21.07 -43.92
C ASP E 168 -67.86 -22.55 -43.74
N LEU E 169 -68.58 -23.41 -44.45
CA LEU E 169 -68.36 -24.85 -44.41
C LEU E 169 -68.17 -25.32 -45.85
N PRO E 170 -67.45 -26.44 -46.06
CA PRO E 170 -67.20 -26.98 -47.41
C PRO E 170 -68.46 -27.17 -48.26
N PHE E 171 -68.26 -27.24 -49.57
CA PHE E 171 -69.36 -27.45 -50.52
C PHE E 171 -70.13 -28.72 -50.19
N ARG E 172 -71.46 -28.65 -50.26
CA ARG E 172 -72.29 -29.80 -49.94
C ARG E 172 -72.72 -30.65 -51.13
N PHE E 173 -72.83 -31.95 -50.89
CA PHE E 173 -73.26 -32.91 -51.90
C PHE E 173 -74.42 -33.68 -51.28
N PRO E 174 -75.36 -34.18 -52.11
CA PRO E 174 -75.42 -34.11 -53.57
C PRO E 174 -75.78 -32.74 -54.15
N GLU E 175 -76.10 -31.78 -53.28
CA GLU E 175 -76.46 -30.45 -53.73
C GLU E 175 -75.60 -29.93 -54.88
N ARG E 176 -74.29 -30.08 -54.76
CA ARG E 176 -73.39 -29.59 -55.80
C ARG E 176 -72.71 -30.67 -56.64
N SER E 177 -73.32 -31.85 -56.71
CA SER E 177 -72.75 -32.93 -57.50
C SER E 177 -72.70 -32.56 -58.97
N GLU E 178 -73.66 -31.76 -59.42
CA GLU E 178 -73.69 -31.33 -60.82
C GLU E 178 -72.54 -30.36 -61.07
N GLN E 179 -72.34 -29.43 -60.13
CA GLN E 179 -71.27 -28.45 -60.26
C GLN E 179 -69.91 -29.11 -60.17
N PHE E 180 -69.77 -30.08 -59.26
CA PHE E 180 -68.49 -30.78 -59.08
C PHE E 180 -68.73 -32.29 -59.25
N PRO E 181 -68.84 -32.76 -60.50
CA PRO E 181 -69.06 -34.17 -60.81
C PRO E 181 -68.06 -35.13 -60.14
N HIS E 182 -68.59 -36.22 -59.59
CA HIS E 182 -67.75 -37.21 -58.92
C HIS E 182 -68.23 -38.63 -59.23
N PRO E 183 -68.07 -39.05 -60.50
CA PRO E 183 -68.48 -40.38 -60.96
C PRO E 183 -67.77 -41.57 -60.28
N LEU E 184 -66.62 -41.33 -59.68
CA LEU E 184 -65.87 -42.39 -59.04
C LEU E 184 -66.18 -42.66 -57.56
N TRP E 185 -67.14 -41.93 -56.99
CA TRP E 185 -67.47 -42.16 -55.58
C TRP E 185 -68.79 -41.53 -55.15
N PRO E 186 -69.45 -42.13 -54.14
CA PRO E 186 -70.72 -41.58 -53.66
C PRO E 186 -70.49 -40.23 -52.98
N SER E 187 -71.54 -39.44 -52.89
CA SER E 187 -71.46 -38.10 -52.29
C SER E 187 -70.99 -38.07 -50.83
N SER E 188 -70.14 -37.12 -50.51
CA SER E 188 -69.66 -36.97 -49.14
C SER E 188 -70.70 -36.23 -48.31
N PRO E 189 -70.92 -36.69 -47.07
CA PRO E 189 -71.91 -36.04 -46.21
C PRO E 189 -71.35 -34.76 -45.58
N SER E 190 -72.25 -33.93 -45.06
CA SER E 190 -71.86 -32.69 -44.41
C SER E 190 -72.21 -32.76 -42.94
N VAL E 191 -71.49 -32.00 -42.13
CA VAL E 191 -71.76 -31.96 -40.70
C VAL E 191 -73.19 -31.46 -40.49
N LEU E 192 -73.73 -30.78 -41.50
CA LEU E 192 -75.09 -30.24 -41.44
C LEU E 192 -76.18 -31.28 -41.76
N ASP E 193 -75.81 -32.34 -42.45
CA ASP E 193 -76.75 -33.40 -42.83
C ASP E 193 -77.41 -34.08 -41.65
N ASP E 194 -78.67 -34.49 -41.81
CA ASP E 194 -79.39 -35.18 -40.76
C ASP E 194 -78.76 -36.55 -40.53
N ASN E 195 -78.60 -36.93 -39.27
CA ASN E 195 -78.02 -38.21 -38.89
C ASN E 195 -76.53 -38.32 -39.18
N ALA E 196 -75.90 -37.19 -39.50
CA ALA E 196 -74.47 -37.23 -39.76
C ALA E 196 -73.81 -37.42 -38.40
N VAL E 197 -72.82 -38.31 -38.32
CA VAL E 197 -72.12 -38.54 -37.07
C VAL E 197 -70.69 -38.08 -37.22
N VAL E 198 -70.16 -37.43 -36.18
CA VAL E 198 -68.79 -36.92 -36.18
C VAL E 198 -67.89 -37.68 -35.20
N HIS E 199 -66.69 -38.02 -35.66
CA HIS E 199 -65.69 -38.68 -34.81
C HIS E 199 -64.36 -38.02 -35.12
N GLY E 200 -63.65 -37.59 -34.09
CA GLY E 200 -62.36 -36.94 -34.33
C GLY E 200 -61.80 -36.27 -33.09
N MET E 201 -60.96 -35.27 -33.31
CA MET E 201 -60.32 -34.59 -32.19
C MET E 201 -59.73 -33.27 -32.63
N HIS E 202 -59.37 -32.44 -31.66
CA HIS E 202 -58.71 -31.19 -31.95
C HIS E 202 -57.60 -31.03 -30.92
N ARG E 203 -56.46 -30.52 -31.37
CA ARG E 203 -55.30 -30.35 -30.51
C ARG E 203 -54.60 -29.09 -30.95
N THR E 204 -53.91 -28.46 -30.01
CA THR E 204 -53.19 -27.24 -30.30
C THR E 204 -51.98 -27.52 -31.16
N GLY E 205 -51.86 -26.75 -32.23
CA GLY E 205 -50.75 -26.87 -33.15
C GLY E 205 -49.80 -25.72 -32.88
N PHE E 206 -48.51 -26.00 -32.94
CA PHE E 206 -47.51 -24.98 -32.67
C PHE E 206 -46.98 -24.40 -33.96
N GLY E 207 -47.41 -23.17 -34.23
CA GLY E 207 -47.05 -22.46 -35.43
C GLY E 207 -48.28 -21.74 -35.97
N ASN E 208 -48.06 -20.80 -36.88
CA ASN E 208 -49.12 -20.01 -37.50
C ASN E 208 -50.14 -20.88 -38.27
N TRP E 209 -51.41 -20.49 -38.23
CA TRP E 209 -52.49 -21.24 -38.89
C TRP E 209 -52.41 -21.36 -40.42
N ARG E 210 -51.90 -20.32 -41.08
CA ARG E 210 -51.81 -20.33 -42.53
C ARG E 210 -50.91 -21.43 -43.07
N ILE E 211 -49.75 -21.60 -42.43
CA ILE E 211 -48.79 -22.62 -42.84
C ILE E 211 -49.35 -24.01 -42.58
N ALA E 212 -50.11 -24.17 -41.50
CA ALA E 212 -50.70 -25.46 -41.17
C ALA E 212 -51.76 -25.80 -42.19
N CYS E 213 -52.56 -24.79 -42.53
CA CYS E 213 -53.66 -24.92 -43.47
C CYS E 213 -53.28 -25.33 -44.89
N GLU E 214 -52.25 -24.69 -45.45
CA GLU E 214 -51.82 -24.97 -46.81
C GLU E 214 -51.33 -26.38 -47.11
N ASN E 215 -50.97 -27.12 -46.07
CA ASN E 215 -50.47 -28.47 -46.24
C ASN E 215 -51.49 -29.47 -46.80
N GLY E 216 -52.67 -29.50 -46.20
CA GLY E 216 -53.73 -30.42 -46.59
C GLY E 216 -54.14 -30.57 -48.04
N PHE E 217 -54.20 -29.48 -48.79
CA PHE E 217 -54.61 -29.57 -50.20
C PHE E 217 -53.47 -29.41 -51.20
N ASP E 218 -52.24 -29.62 -50.74
CA ASP E 218 -51.05 -29.52 -51.58
C ASP E 218 -50.78 -30.91 -52.16
N ASN E 219 -50.86 -31.03 -53.48
CA ASN E 219 -50.67 -32.33 -54.13
C ASN E 219 -49.25 -32.83 -54.33
N ALA E 220 -48.28 -32.06 -53.84
CA ALA E 220 -46.90 -32.48 -53.93
C ALA E 220 -46.47 -32.97 -52.53
N HIS E 221 -47.23 -32.57 -51.52
CA HIS E 221 -46.89 -32.93 -50.15
C HIS E 221 -47.16 -34.39 -49.79
N ILE E 222 -48.01 -35.08 -50.55
CA ILE E 222 -48.30 -36.48 -50.22
C ILE E 222 -47.08 -37.38 -50.11
N LEU E 223 -45.91 -36.86 -50.46
CA LEU E 223 -44.66 -37.62 -50.36
C LEU E 223 -44.41 -37.94 -48.89
N VAL E 224 -44.86 -37.05 -48.00
CA VAL E 224 -44.68 -37.27 -46.55
C VAL E 224 -45.36 -38.52 -46.03
N HIS E 225 -46.28 -39.08 -46.80
CA HIS E 225 -47.01 -40.27 -46.39
C HIS E 225 -46.51 -41.55 -47.04
N LYS E 226 -45.46 -41.46 -47.85
CA LYS E 226 -44.92 -42.62 -48.54
C LYS E 226 -44.71 -43.84 -47.63
N ASP E 227 -44.30 -43.60 -46.38
CA ASP E 227 -44.02 -44.68 -45.44
C ASP E 227 -45.09 -44.98 -44.38
N ASN E 228 -46.24 -44.29 -44.46
CA ASN E 228 -47.30 -44.52 -43.48
C ASN E 228 -47.78 -45.97 -43.49
N THR E 229 -47.99 -46.52 -42.30
CA THR E 229 -48.44 -47.89 -42.14
C THR E 229 -49.72 -48.24 -42.90
N ILE E 230 -50.72 -47.37 -42.84
CA ILE E 230 -51.98 -47.65 -43.52
C ILE E 230 -51.81 -47.79 -45.02
N VAL E 231 -50.87 -47.05 -45.58
CA VAL E 231 -50.61 -47.11 -47.01
C VAL E 231 -50.19 -48.50 -47.45
N HIS E 232 -49.32 -49.13 -46.66
CA HIS E 232 -48.83 -50.47 -46.99
C HIS E 232 -49.71 -51.61 -46.47
N ALA E 233 -50.52 -51.33 -45.45
CA ALA E 233 -51.40 -52.35 -44.91
C ALA E 233 -52.59 -52.49 -45.87
N MET E 234 -53.01 -51.36 -46.43
CA MET E 234 -54.13 -51.32 -47.36
C MET E 234 -53.64 -51.52 -48.79
N ASP E 235 -52.33 -51.54 -48.96
CA ASP E 235 -51.70 -51.71 -50.26
C ASP E 235 -52.27 -50.67 -51.24
N TRP E 236 -52.48 -49.47 -50.72
CA TRP E 236 -53.01 -48.37 -51.52
C TRP E 236 -52.08 -47.99 -52.66
N VAL E 237 -52.62 -47.17 -53.54
CA VAL E 237 -51.87 -46.65 -54.67
C VAL E 237 -51.77 -45.16 -54.40
N LEU E 238 -50.84 -44.79 -53.53
CA LEU E 238 -50.64 -43.39 -53.19
C LEU E 238 -49.43 -42.94 -54.01
N PRO E 239 -49.66 -42.10 -55.03
CA PRO E 239 -48.57 -41.62 -55.87
C PRO E 239 -47.60 -40.69 -55.15
N LEU E 240 -46.41 -40.56 -55.70
CA LEU E 240 -45.39 -39.68 -55.13
C LEU E 240 -45.92 -38.27 -55.07
N GLY E 241 -46.76 -37.91 -56.05
CA GLY E 241 -47.36 -36.59 -56.11
C GLY E 241 -48.28 -36.46 -57.31
N LEU E 242 -48.99 -35.33 -57.41
CA LEU E 242 -49.87 -35.07 -58.53
C LEU E 242 -49.43 -33.78 -59.22
N LEU E 243 -49.55 -33.75 -60.54
CA LEU E 243 -49.14 -32.58 -61.31
C LEU E 243 -50.31 -31.96 -62.06
N PRO E 244 -50.39 -30.61 -62.04
CA PRO E 244 -51.47 -29.93 -62.75
C PRO E 244 -51.14 -29.97 -64.24
N THR E 245 -52.15 -30.23 -65.07
CA THR E 245 -51.92 -30.32 -66.51
C THR E 245 -52.57 -29.19 -67.30
N SER E 246 -53.45 -28.44 -66.65
CA SER E 246 -54.13 -27.32 -67.31
C SER E 246 -54.34 -26.17 -66.34
N ASP E 247 -54.68 -25.00 -66.89
CA ASP E 247 -54.90 -23.82 -66.08
C ASP E 247 -56.18 -23.85 -65.29
N ASP E 248 -57.10 -24.73 -65.67
CA ASP E 248 -58.37 -24.83 -64.96
C ASP E 248 -58.42 -26.07 -64.06
N CYS E 249 -57.24 -26.57 -63.67
CA CYS E 249 -57.15 -27.76 -62.81
C CYS E 249 -57.84 -27.51 -61.46
N ILE E 250 -58.08 -26.25 -61.14
CA ILE E 250 -58.75 -25.87 -59.90
C ILE E 250 -59.90 -24.93 -60.25
N ALA E 251 -61.05 -25.17 -59.66
CA ALA E 251 -62.21 -24.32 -59.90
C ALA E 251 -62.41 -23.40 -58.69
N VAL E 252 -62.40 -22.10 -58.92
CA VAL E 252 -62.60 -21.15 -57.84
C VAL E 252 -64.06 -20.75 -57.81
N VAL E 253 -64.69 -20.89 -56.64
CA VAL E 253 -66.10 -20.56 -56.49
C VAL E 253 -66.25 -19.37 -55.55
N GLU E 254 -67.01 -18.37 -56.00
CA GLU E 254 -67.20 -17.18 -55.19
C GLU E 254 -68.57 -16.54 -55.33
N ASP E 255 -69.61 -17.36 -55.32
CA ASP E 255 -70.96 -16.85 -55.44
C ASP E 255 -71.44 -16.36 -54.08
N ASP E 256 -72.14 -15.23 -54.09
CA ASP E 256 -72.65 -14.62 -52.86
C ASP E 256 -73.27 -15.63 -51.91
N ASP E 257 -74.27 -16.38 -52.38
CA ASP E 257 -74.91 -17.36 -51.53
C ASP E 257 -74.19 -18.70 -51.59
N GLY E 258 -73.36 -18.95 -50.57
CA GLY E 258 -72.62 -20.20 -50.53
C GLY E 258 -71.17 -19.95 -50.11
N PRO E 259 -70.38 -21.02 -49.92
CA PRO E 259 -68.98 -20.93 -49.52
C PRO E 259 -68.10 -20.27 -50.57
N LYS E 260 -67.00 -19.69 -50.12
CA LYS E 260 -66.03 -19.07 -51.01
C LYS E 260 -64.79 -19.94 -50.89
N GLY E 261 -64.43 -20.62 -51.97
CA GLY E 261 -63.26 -21.48 -51.92
C GLY E 261 -62.89 -22.03 -53.26
N MET E 262 -62.23 -23.19 -53.28
CA MET E 262 -61.81 -23.82 -54.51
C MET E 262 -61.96 -25.34 -54.47
N MET E 263 -62.18 -25.93 -55.64
CA MET E 263 -62.32 -27.37 -55.79
C MET E 263 -61.25 -27.86 -56.74
N GLN E 264 -60.44 -28.82 -56.31
CA GLN E 264 -59.38 -29.34 -57.16
C GLN E 264 -59.91 -30.57 -57.89
N TRP E 265 -59.80 -30.57 -59.23
CA TRP E 265 -60.30 -31.68 -60.04
C TRP E 265 -59.39 -32.89 -60.03
N LEU E 266 -59.20 -33.47 -58.84
CA LEU E 266 -58.37 -34.66 -58.72
C LEU E 266 -59.07 -35.83 -59.41
N PHE E 267 -58.27 -36.75 -59.94
CA PHE E 267 -58.80 -37.91 -60.65
C PHE E 267 -59.55 -37.58 -61.94
N THR E 268 -58.94 -36.68 -62.71
CA THR E 268 -59.42 -36.23 -64.02
C THR E 268 -58.10 -35.94 -64.75
N ASP E 269 -58.12 -35.51 -66.00
CA ASP E 269 -56.87 -35.25 -66.72
C ASP E 269 -56.14 -34.03 -66.17
N LYS E 270 -56.89 -33.16 -65.51
CA LYS E 270 -56.32 -31.93 -64.96
C LYS E 270 -55.25 -32.12 -63.90
N TRP E 271 -55.20 -33.32 -63.33
CA TRP E 271 -54.18 -33.66 -62.33
C TRP E 271 -53.65 -35.05 -62.64
N ALA E 272 -52.42 -35.10 -63.16
CA ALA E 272 -51.80 -36.37 -63.50
C ALA E 272 -50.98 -36.90 -62.35
N PRO E 273 -51.21 -38.17 -61.96
CA PRO E 273 -50.45 -38.78 -60.86
C PRO E 273 -49.04 -39.18 -61.27
N VAL E 274 -48.11 -39.12 -60.32
CA VAL E 274 -46.72 -39.50 -60.53
C VAL E 274 -46.47 -40.67 -59.59
N LEU E 275 -46.45 -41.88 -60.15
CA LEU E 275 -46.25 -43.09 -59.34
C LEU E 275 -44.83 -43.61 -59.32
N GLU E 276 -43.91 -42.93 -59.99
CA GLU E 276 -42.54 -43.41 -60.04
C GLU E 276 -41.48 -42.41 -60.48
N ASN E 277 -40.26 -42.66 -60.02
CA ASN E 277 -39.08 -41.86 -60.36
C ASN E 277 -37.91 -42.83 -60.32
N GLN E 278 -37.70 -43.49 -61.46
CA GLN E 278 -36.63 -44.48 -61.63
C GLN E 278 -35.27 -43.91 -61.25
N GLU E 279 -35.05 -42.64 -61.61
CA GLU E 279 -33.79 -41.96 -61.35
C GLU E 279 -33.42 -41.93 -59.87
N LEU E 280 -34.43 -41.96 -59.01
CA LEU E 280 -34.21 -41.93 -57.56
C LEU E 280 -34.61 -43.28 -56.96
N GLY E 281 -34.93 -44.22 -57.83
CA GLY E 281 -35.30 -45.57 -57.39
C GLY E 281 -36.61 -45.65 -56.63
N LEU E 282 -37.56 -44.80 -56.99
CA LEU E 282 -38.86 -44.81 -56.32
C LEU E 282 -39.96 -45.36 -57.21
N LYS E 283 -40.87 -46.11 -56.61
CA LYS E 283 -41.99 -46.70 -57.35
C LYS E 283 -43.13 -47.09 -56.41
N VAL E 284 -44.29 -46.47 -56.61
CA VAL E 284 -45.47 -46.77 -55.80
C VAL E 284 -46.04 -48.12 -56.26
N GLU E 285 -45.87 -49.14 -55.41
CA GLU E 285 -46.34 -50.49 -55.69
C GLU E 285 -47.62 -50.76 -54.91
N GLY E 286 -48.75 -50.44 -55.51
CA GLY E 286 -50.02 -50.65 -54.85
C GLY E 286 -51.05 -51.01 -55.90
N LEU E 287 -52.03 -51.81 -55.51
CA LEU E 287 -53.05 -52.21 -56.45
C LEU E 287 -54.44 -51.80 -55.97
N LYS E 288 -54.54 -51.44 -54.70
CA LYS E 288 -55.81 -51.01 -54.13
C LYS E 288 -56.03 -49.53 -54.48
N GLY E 289 -56.92 -49.28 -55.43
CA GLY E 289 -57.20 -47.92 -55.83
C GLY E 289 -57.73 -47.08 -54.67
N ARG E 290 -57.30 -45.83 -54.62
CA ARG E 290 -57.73 -44.91 -53.56
C ARG E 290 -58.16 -43.59 -54.20
N HIS E 291 -59.46 -43.39 -54.34
CA HIS E 291 -59.98 -42.19 -54.95
C HIS E 291 -60.45 -41.21 -53.90
N TYR E 292 -60.07 -39.95 -54.08
CA TYR E 292 -60.45 -38.90 -53.15
C TYR E 292 -60.32 -37.54 -53.84
N ARG E 293 -60.84 -36.51 -53.21
CA ARG E 293 -60.76 -35.17 -53.77
C ARG E 293 -60.72 -34.12 -52.67
N THR E 294 -59.79 -33.17 -52.79
CA THR E 294 -59.66 -32.12 -51.79
C THR E 294 -60.15 -30.76 -52.28
N SER E 295 -60.69 -29.99 -51.36
CA SER E 295 -61.18 -28.64 -51.64
C SER E 295 -61.00 -27.84 -50.34
N VAL E 296 -60.93 -26.52 -50.44
CA VAL E 296 -60.77 -25.67 -49.24
C VAL E 296 -61.59 -24.41 -49.40
N VAL E 297 -62.21 -23.97 -48.31
CA VAL E 297 -63.04 -22.77 -48.32
C VAL E 297 -62.71 -21.92 -47.09
N LEU E 298 -63.00 -20.63 -47.17
CA LEU E 298 -62.75 -19.73 -46.05
C LEU E 298 -63.63 -20.20 -44.88
N PRO E 299 -63.16 -20.00 -43.63
CA PRO E 299 -61.88 -19.40 -43.21
C PRO E 299 -60.64 -20.27 -43.33
N GLY E 300 -60.78 -21.43 -43.98
CA GLY E 300 -59.66 -22.34 -44.13
C GLY E 300 -60.09 -23.71 -43.66
N VAL E 301 -61.08 -24.27 -44.37
CA VAL E 301 -61.63 -25.57 -44.05
C VAL E 301 -61.39 -26.56 -45.19
N LEU E 302 -60.69 -27.64 -44.89
CA LEU E 302 -60.39 -28.67 -45.87
C LEU E 302 -61.43 -29.79 -45.88
N MET E 303 -61.76 -30.27 -47.07
CA MET E 303 -62.68 -31.38 -47.21
C MET E 303 -61.99 -32.40 -48.10
N VAL E 304 -61.93 -33.65 -47.64
CA VAL E 304 -61.33 -34.73 -48.40
C VAL E 304 -62.45 -35.73 -48.65
N GLU E 305 -63.04 -35.67 -49.84
CA GLU E 305 -64.13 -36.56 -50.22
C GLU E 305 -63.64 -37.99 -50.37
N ASN E 306 -64.50 -38.94 -50.00
CA ASN E 306 -64.18 -40.36 -50.14
C ASN E 306 -62.90 -40.74 -49.39
N TRP E 307 -62.76 -40.25 -48.16
CA TRP E 307 -61.59 -40.56 -47.35
C TRP E 307 -62.01 -40.85 -45.92
N PRO E 308 -61.51 -41.96 -45.34
CA PRO E 308 -60.58 -42.91 -45.95
C PRO E 308 -61.27 -44.01 -46.77
N GLU E 309 -62.60 -44.02 -46.73
CA GLU E 309 -63.40 -45.02 -47.45
C GLU E 309 -64.70 -44.39 -47.96
N GLU E 310 -65.40 -45.13 -48.81
CA GLU E 310 -66.66 -44.64 -49.37
C GLU E 310 -67.66 -44.28 -48.28
N HIS E 311 -68.41 -43.21 -48.52
CA HIS E 311 -69.43 -42.72 -47.59
C HIS E 311 -68.86 -42.01 -46.37
N VAL E 312 -67.53 -41.97 -46.25
CA VAL E 312 -66.88 -41.29 -45.14
C VAL E 312 -66.09 -40.12 -45.72
N VAL E 313 -66.08 -39.01 -45.01
CA VAL E 313 -65.35 -37.82 -45.47
C VAL E 313 -64.53 -37.23 -44.32
N GLN E 314 -63.41 -36.61 -44.65
CA GLN E 314 -62.56 -35.98 -43.64
C GLN E 314 -62.55 -34.47 -43.75
N TYR E 315 -62.73 -33.80 -42.62
CA TYR E 315 -62.72 -32.34 -42.57
C TYR E 315 -61.65 -31.90 -41.59
N GLU E 316 -60.95 -30.83 -41.91
CA GLU E 316 -59.93 -30.29 -41.03
C GLU E 316 -60.04 -28.78 -40.94
N TRP E 317 -59.75 -28.26 -39.76
CA TRP E 317 -59.78 -26.83 -39.52
C TRP E 317 -58.42 -26.51 -38.91
N TYR E 318 -58.00 -25.26 -39.04
CA TYR E 318 -56.74 -24.78 -38.49
C TYR E 318 -57.13 -23.42 -37.93
N VAL E 319 -57.76 -23.47 -36.76
CA VAL E 319 -58.28 -22.28 -36.11
C VAL E 319 -57.21 -21.43 -35.45
N PRO E 320 -57.05 -20.17 -35.88
CA PRO E 320 -56.03 -19.37 -35.22
C PRO E 320 -56.37 -19.10 -33.77
N ILE E 321 -55.37 -19.24 -32.89
CA ILE E 321 -55.57 -18.96 -31.47
C ILE E 321 -54.87 -17.62 -31.26
N THR E 322 -53.57 -17.58 -31.57
CA THR E 322 -52.78 -16.35 -31.53
C THR E 322 -52.17 -16.33 -32.92
N ASP E 323 -51.14 -15.52 -33.14
CA ASP E 323 -50.52 -15.47 -34.46
C ASP E 323 -49.47 -16.58 -34.64
N ASP E 324 -49.18 -17.36 -33.59
CA ASP E 324 -48.23 -18.44 -33.76
C ASP E 324 -48.67 -19.79 -33.18
N THR E 325 -49.97 -19.92 -32.92
CA THR E 325 -50.55 -21.19 -32.44
C THR E 325 -51.93 -21.31 -33.09
N HIS E 326 -52.41 -22.53 -33.23
CA HIS E 326 -53.72 -22.77 -33.81
C HIS E 326 -54.28 -24.04 -33.23
N GLU E 327 -55.60 -24.21 -33.35
CA GLU E 327 -56.22 -25.43 -32.87
C GLU E 327 -56.54 -26.22 -34.12
N TYR E 328 -55.85 -27.35 -34.27
CA TYR E 328 -56.03 -28.23 -35.41
C TYR E 328 -57.19 -29.22 -35.19
N TRP E 329 -58.20 -29.15 -36.06
CA TRP E 329 -59.34 -30.06 -35.98
C TRP E 329 -59.24 -31.11 -37.08
N GLU E 330 -59.58 -32.33 -36.71
CA GLU E 330 -59.51 -33.46 -37.62
C GLU E 330 -60.70 -34.37 -37.30
N ILE E 331 -61.66 -34.45 -38.22
CA ILE E 331 -62.84 -35.28 -37.99
C ILE E 331 -63.24 -36.07 -39.21
N LEU E 332 -63.94 -37.18 -38.97
CA LEU E 332 -64.43 -38.04 -40.02
C LEU E 332 -65.95 -38.04 -39.86
N VAL E 333 -66.67 -37.90 -40.97
CA VAL E 333 -68.12 -37.87 -40.91
C VAL E 333 -68.76 -38.94 -41.78
N ARG E 334 -69.86 -39.51 -41.28
CA ARG E 334 -70.62 -40.52 -41.99
C ARG E 334 -72.06 -40.45 -41.52
N VAL E 335 -73.01 -40.50 -42.44
CA VAL E 335 -74.41 -40.46 -42.05
C VAL E 335 -74.77 -41.84 -41.50
N CYS E 336 -75.24 -41.87 -40.26
CA CYS E 336 -75.64 -43.11 -39.61
C CYS E 336 -77.09 -42.97 -39.15
N PRO E 337 -78.05 -43.42 -39.98
CA PRO E 337 -79.47 -43.34 -39.66
C PRO E 337 -79.98 -44.22 -38.54
N THR E 338 -79.34 -45.37 -38.32
CA THR E 338 -79.79 -46.28 -37.25
C THR E 338 -78.75 -46.49 -36.15
N ASP E 339 -79.22 -46.91 -35.00
CA ASP E 339 -78.36 -47.17 -33.85
C ASP E 339 -77.29 -48.17 -34.28
N GLU E 340 -77.70 -49.11 -35.12
CA GLU E 340 -76.81 -50.14 -35.64
C GLU E 340 -75.71 -49.51 -36.51
N ASP E 341 -76.09 -48.51 -37.30
CA ASP E 341 -75.13 -47.82 -38.17
C ASP E 341 -74.11 -47.04 -37.34
N ARG E 342 -74.58 -46.42 -36.28
CA ARG E 342 -73.70 -45.64 -35.41
C ARG E 342 -72.64 -46.54 -34.75
N LYS E 343 -73.06 -47.72 -34.30
CA LYS E 343 -72.14 -48.64 -33.66
C LYS E 343 -71.07 -49.12 -34.64
N LYS E 344 -71.47 -49.35 -35.89
CA LYS E 344 -70.52 -49.80 -36.91
C LYS E 344 -69.45 -48.74 -37.15
N PHE E 345 -69.89 -47.49 -37.27
CA PHE E 345 -69.00 -46.37 -37.52
C PHE E 345 -68.09 -46.12 -36.32
N GLN E 346 -68.65 -46.22 -35.11
CA GLN E 346 -67.87 -46.01 -33.89
C GLN E 346 -66.78 -47.07 -33.80
N TYR E 347 -67.14 -48.31 -34.13
CA TYR E 347 -66.20 -49.42 -34.07
C TYR E 347 -65.08 -49.29 -35.08
N ARG E 348 -65.42 -48.93 -36.31
CA ARG E 348 -64.41 -48.80 -37.35
C ARG E 348 -63.49 -47.62 -37.04
N TYR E 349 -64.04 -46.59 -36.42
CA TYR E 349 -63.25 -45.43 -36.05
C TYR E 349 -62.26 -45.86 -34.97
N ASP E 350 -62.79 -46.47 -33.91
CA ASP E 350 -61.99 -46.93 -32.79
C ASP E 350 -60.85 -47.90 -33.12
N HIS E 351 -61.13 -48.87 -33.98
CA HIS E 351 -60.13 -49.87 -34.29
C HIS E 351 -59.47 -49.76 -35.66
N MET E 352 -59.72 -48.65 -36.35
CA MET E 352 -59.15 -48.50 -37.67
C MET E 352 -58.82 -47.06 -38.05
N TYR E 353 -59.83 -46.22 -38.16
CA TYR E 353 -59.60 -44.82 -38.55
C TYR E 353 -58.72 -44.04 -37.58
N LYS E 354 -59.09 -44.01 -36.29
CA LYS E 354 -58.32 -43.25 -35.32
C LYS E 354 -56.85 -43.62 -35.24
N PRO E 355 -56.52 -44.91 -35.02
CA PRO E 355 -55.11 -45.28 -34.94
C PRO E 355 -54.31 -45.24 -36.24
N LEU E 356 -54.91 -45.61 -37.36
CA LEU E 356 -54.19 -45.62 -38.64
C LEU E 356 -54.31 -44.36 -39.49
N CYS E 357 -55.43 -43.65 -39.37
CA CYS E 357 -55.64 -42.44 -40.16
C CYS E 357 -55.43 -41.12 -39.45
N LEU E 358 -56.27 -40.80 -38.46
CA LEU E 358 -56.11 -39.55 -37.74
C LEU E 358 -54.74 -39.53 -37.09
N HIS E 359 -54.33 -40.68 -36.56
CA HIS E 359 -53.01 -40.83 -35.98
C HIS E 359 -52.30 -41.70 -37.01
N GLY E 360 -50.99 -41.55 -37.13
CA GLY E 360 -50.29 -42.36 -38.11
C GLY E 360 -50.21 -41.61 -39.42
N PHE E 361 -51.29 -41.63 -40.21
CA PHE E 361 -51.29 -40.93 -41.48
C PHE E 361 -51.16 -39.43 -41.29
N ASN E 362 -52.06 -38.82 -40.53
CA ASN E 362 -52.01 -37.38 -40.34
C ASN E 362 -50.97 -36.85 -39.36
N ASP E 363 -50.39 -37.73 -38.55
CA ASP E 363 -49.36 -37.29 -37.61
C ASP E 363 -48.16 -36.79 -38.42
N SER E 364 -47.96 -37.37 -39.59
CA SER E 364 -46.86 -36.96 -40.45
C SER E 364 -47.03 -35.48 -40.84
N ASP E 365 -48.29 -35.06 -40.99
CA ASP E 365 -48.60 -33.67 -41.35
C ASP E 365 -48.31 -32.72 -40.21
N LEU E 366 -48.51 -33.22 -38.98
CA LEU E 366 -48.27 -32.45 -37.78
C LEU E 366 -46.86 -31.88 -37.80
N TYR E 367 -45.87 -32.76 -37.91
CA TYR E 367 -44.48 -32.33 -37.90
C TYR E 367 -44.04 -31.60 -39.17
N ALA E 368 -44.66 -31.93 -40.29
CA ALA E 368 -44.32 -31.30 -41.55
C ALA E 368 -44.68 -29.83 -41.47
N ARG E 369 -45.87 -29.54 -40.93
CA ARG E 369 -46.33 -28.16 -40.77
C ARG E 369 -45.42 -27.39 -39.82
N GLU E 370 -45.09 -28.01 -38.70
CA GLU E 370 -44.22 -27.39 -37.71
C GLU E 370 -42.86 -27.02 -38.30
N ALA E 371 -42.26 -27.95 -39.04
CA ALA E 371 -40.95 -27.76 -39.64
C ALA E 371 -40.82 -26.55 -40.57
N MET E 372 -41.95 -26.10 -41.09
CA MET E 372 -42.00 -24.98 -42.02
C MET E 372 -42.20 -23.61 -41.35
N GLN E 373 -42.71 -23.62 -40.13
CA GLN E 373 -43.01 -22.40 -39.38
C GLN E 373 -41.88 -21.37 -39.22
N ASN E 374 -40.69 -21.81 -38.83
CA ASN E 374 -39.55 -20.91 -38.63
C ASN E 374 -39.21 -20.06 -39.84
N PHE E 375 -39.41 -20.62 -41.04
CA PHE E 375 -39.09 -19.91 -42.28
C PHE E 375 -40.03 -18.72 -42.50
N TYR E 376 -41.26 -18.84 -42.01
CA TYR E 376 -42.25 -17.80 -42.22
C TYR E 376 -42.56 -16.84 -41.07
N TYR E 377 -42.33 -17.23 -39.82
CA TYR E 377 -42.73 -16.34 -38.75
C TYR E 377 -42.22 -14.90 -38.78
N ASP E 378 -40.93 -14.69 -39.01
CA ASP E 378 -40.40 -13.32 -39.04
C ASP E 378 -40.66 -12.66 -40.39
N GLY E 379 -41.41 -13.34 -41.25
CA GLY E 379 -41.75 -12.79 -42.55
C GLY E 379 -40.93 -13.24 -43.75
N THR E 380 -39.74 -13.78 -43.51
CA THR E 380 -38.83 -14.24 -44.56
C THR E 380 -39.49 -15.11 -45.63
N GLY E 381 -40.15 -16.18 -45.19
CA GLY E 381 -40.78 -17.11 -46.12
C GLY E 381 -41.82 -16.55 -47.08
N TRP E 382 -42.61 -15.60 -46.62
CA TRP E 382 -43.65 -15.02 -47.45
C TRP E 382 -43.06 -14.33 -48.67
N ASP E 383 -41.77 -13.99 -48.58
CA ASP E 383 -41.07 -13.31 -49.68
C ASP E 383 -40.03 -14.19 -50.38
N ASP E 384 -39.28 -14.98 -49.61
CA ASP E 384 -38.22 -15.81 -50.19
C ASP E 384 -38.56 -17.25 -50.56
N GLU E 385 -39.78 -17.68 -50.31
CA GLU E 385 -40.13 -19.05 -50.69
C GLU E 385 -40.00 -19.14 -52.21
N GLN E 386 -39.58 -20.29 -52.73
CA GLN E 386 -39.46 -20.47 -54.17
C GLN E 386 -40.43 -21.55 -54.61
N LEU E 387 -41.65 -21.11 -54.90
CA LEU E 387 -42.73 -21.99 -55.29
C LEU E 387 -42.58 -22.52 -56.72
N VAL E 388 -43.26 -23.64 -56.98
CA VAL E 388 -43.23 -24.29 -58.28
C VAL E 388 -44.61 -24.64 -58.82
N ALA E 389 -44.66 -25.38 -59.92
CA ALA E 389 -45.93 -25.74 -60.56
C ALA E 389 -47.00 -26.29 -59.63
N THR E 390 -46.63 -27.21 -58.75
CA THR E 390 -47.61 -27.78 -57.85
C THR E 390 -48.16 -26.76 -56.85
N ASP E 391 -47.47 -25.63 -56.72
CA ASP E 391 -47.90 -24.60 -55.80
C ASP E 391 -49.05 -23.74 -56.28
N ILE E 392 -49.64 -24.14 -57.40
CA ILE E 392 -50.80 -23.44 -57.94
C ILE E 392 -51.91 -23.58 -56.91
N SER E 393 -51.86 -24.65 -56.10
CA SER E 393 -52.88 -24.88 -55.08
C SER E 393 -52.81 -23.86 -53.95
N PRO E 394 -51.69 -23.78 -53.23
CA PRO E 394 -51.67 -22.77 -52.17
C PRO E 394 -51.83 -21.34 -52.70
N ILE E 395 -51.21 -21.04 -53.84
CA ILE E 395 -51.31 -19.70 -54.42
C ILE E 395 -52.75 -19.31 -54.73
N THR E 396 -53.50 -20.23 -55.32
CA THR E 396 -54.89 -19.96 -55.66
C THR E 396 -55.72 -19.71 -54.40
N TRP E 397 -55.43 -20.48 -53.35
CA TRP E 397 -56.12 -20.31 -52.07
C TRP E 397 -55.79 -18.95 -51.45
N ARG E 398 -54.52 -18.56 -51.46
CA ARG E 398 -54.13 -17.27 -50.88
C ARG E 398 -54.83 -16.11 -51.59
N LYS E 399 -54.98 -16.19 -52.90
CA LYS E 399 -55.65 -15.13 -53.66
C LYS E 399 -57.13 -15.02 -53.30
N LEU E 400 -57.84 -16.14 -53.31
CA LEU E 400 -59.27 -16.10 -52.99
C LEU E 400 -59.50 -15.73 -51.55
N ALA E 401 -58.62 -16.18 -50.65
CA ALA E 401 -58.74 -15.85 -49.24
C ALA E 401 -58.57 -14.33 -49.09
N SER E 402 -57.58 -13.77 -49.79
CA SER E 402 -57.33 -12.32 -49.74
C SER E 402 -58.54 -11.54 -50.24
N ARG E 403 -59.20 -12.04 -51.28
CA ARG E 403 -60.36 -11.37 -51.85
C ARG E 403 -61.66 -11.50 -51.06
N TRP E 404 -61.94 -12.68 -50.53
CA TRP E 404 -63.21 -12.90 -49.84
C TRP E 404 -63.30 -12.98 -48.33
N ASN E 405 -62.20 -12.84 -47.61
CA ASN E 405 -62.27 -12.91 -46.15
C ASN E 405 -63.18 -11.79 -45.64
N ARG E 406 -63.85 -12.01 -44.51
CA ARG E 406 -64.74 -10.98 -43.96
C ARG E 406 -64.05 -10.05 -42.98
N GLY E 407 -62.73 -10.09 -42.94
CA GLY E 407 -62.01 -9.23 -42.04
C GLY E 407 -60.71 -9.83 -41.53
N ILE E 408 -59.73 -8.97 -41.28
CA ILE E 408 -58.45 -9.41 -40.77
C ILE E 408 -58.42 -9.07 -39.28
N ALA E 409 -58.21 -10.10 -38.47
CA ALA E 409 -58.15 -9.94 -37.02
C ALA E 409 -56.95 -9.11 -36.62
N LYS E 410 -57.17 -8.19 -35.69
CA LYS E 410 -56.08 -7.34 -35.22
C LYS E 410 -55.36 -8.08 -34.10
N PRO E 411 -54.09 -7.73 -33.86
CA PRO E 411 -53.33 -8.39 -32.79
C PRO E 411 -54.03 -8.26 -31.44
N GLY E 412 -53.90 -9.28 -30.61
CA GLY E 412 -54.52 -9.23 -29.30
C GLY E 412 -53.86 -8.17 -28.44
N ARG E 413 -54.66 -7.46 -27.66
CA ARG E 413 -54.17 -6.41 -26.77
C ARG E 413 -54.84 -6.64 -25.42
N GLY E 414 -54.04 -6.66 -24.36
CA GLY E 414 -54.60 -6.83 -23.03
C GLY E 414 -55.29 -8.15 -22.80
N VAL E 415 -54.85 -9.18 -23.52
CA VAL E 415 -55.39 -10.53 -23.39
C VAL E 415 -54.23 -11.52 -23.43
N ALA E 416 -54.50 -12.79 -23.08
CA ALA E 416 -53.45 -13.81 -23.12
C ALA E 416 -52.94 -13.92 -24.55
N GLY E 417 -51.62 -13.94 -24.73
CA GLY E 417 -51.09 -14.03 -26.07
C GLY E 417 -50.70 -12.68 -26.69
N ALA E 418 -51.15 -11.59 -26.08
CA ALA E 418 -50.80 -10.26 -26.58
C ALA E 418 -49.29 -10.05 -26.43
N VAL E 419 -48.73 -10.60 -25.35
CA VAL E 419 -47.29 -10.51 -25.08
C VAL E 419 -46.85 -11.97 -24.93
N LYS E 420 -45.81 -12.36 -25.67
CA LYS E 420 -45.36 -13.75 -25.67
C LYS E 420 -44.39 -14.20 -24.57
N ASP E 421 -43.67 -13.26 -23.97
CA ASP E 421 -42.69 -13.60 -22.95
C ASP E 421 -42.97 -13.10 -21.53
N THR E 422 -44.21 -13.20 -21.09
CA THR E 422 -44.56 -12.76 -19.75
C THR E 422 -44.04 -13.73 -18.70
N SER E 423 -43.90 -13.25 -17.46
CA SER E 423 -43.44 -14.10 -16.38
C SER E 423 -44.46 -15.20 -16.13
N LEU E 424 -45.72 -14.92 -16.44
CA LEU E 424 -46.78 -15.93 -16.27
C LEU E 424 -46.58 -17.09 -17.24
N ILE E 425 -46.18 -16.76 -18.46
CA ILE E 425 -45.92 -17.78 -19.46
C ILE E 425 -44.67 -18.58 -19.09
N PHE E 426 -43.68 -17.92 -18.50
CA PHE E 426 -42.48 -18.65 -18.08
C PHE E 426 -42.79 -19.56 -16.90
N LYS E 427 -43.69 -19.12 -16.02
CA LYS E 427 -44.10 -19.93 -14.87
C LYS E 427 -44.79 -21.20 -15.37
N GLN E 428 -45.74 -21.05 -16.27
CA GLN E 428 -46.47 -22.18 -16.83
C GLN E 428 -45.56 -23.14 -17.55
N THR E 429 -44.64 -22.59 -18.34
CA THR E 429 -43.68 -23.40 -19.09
C THR E 429 -42.76 -24.14 -18.12
N ALA E 430 -42.35 -23.47 -17.05
CA ALA E 430 -41.49 -24.10 -16.06
C ALA E 430 -42.22 -25.32 -15.48
N ASP E 431 -43.52 -25.15 -15.24
CA ASP E 431 -44.37 -26.21 -14.70
C ASP E 431 -44.63 -27.33 -15.72
N GLY E 432 -44.11 -27.18 -16.94
CA GLY E 432 -44.28 -28.21 -17.95
C GLY E 432 -45.48 -28.08 -18.85
N LYS E 433 -46.18 -26.95 -18.77
CA LYS E 433 -47.37 -26.73 -19.59
C LYS E 433 -47.07 -26.01 -20.90
N ARG E 434 -47.38 -26.69 -22.00
CA ARG E 434 -47.18 -26.15 -23.35
C ARG E 434 -48.23 -25.11 -23.68
N PRO E 435 -48.00 -24.31 -24.73
CA PRO E 435 -48.96 -23.30 -25.16
C PRO E 435 -50.25 -24.10 -25.40
N GLY E 436 -51.40 -23.53 -25.08
CA GLY E 436 -52.65 -24.27 -25.24
C GLY E 436 -53.84 -23.56 -25.85
N TYR E 437 -55.02 -24.06 -25.54
CA TYR E 437 -56.26 -23.55 -26.09
C TYR E 437 -57.37 -23.40 -25.05
N LYS E 438 -57.72 -24.49 -24.39
CA LYS E 438 -58.75 -24.46 -23.36
C LYS E 438 -58.18 -23.88 -22.08
N VAL E 439 -58.85 -22.85 -21.55
CA VAL E 439 -58.41 -22.20 -20.33
C VAL E 439 -58.54 -23.13 -19.12
N GLU E 440 -57.46 -23.23 -18.36
CA GLU E 440 -57.39 -24.06 -17.16
C GLU E 440 -58.14 -23.31 -16.06
N GLN E 441 -58.98 -24.01 -15.31
CA GLN E 441 -59.77 -23.36 -14.26
C GLN E 441 -59.24 -23.48 -12.83
N ILE E 442 -59.97 -22.89 -11.89
CA ILE E 442 -59.63 -22.88 -10.47
C ILE E 442 -58.46 -21.93 -10.18
N ILE F 16 -66.25 1.33 -24.23
CA ILE F 16 -65.91 2.02 -22.95
C ILE F 16 -66.95 3.09 -22.60
N SER F 17 -67.64 2.88 -21.48
CA SER F 17 -68.70 3.79 -21.02
C SER F 17 -68.20 5.07 -20.34
N ASP F 18 -68.92 6.16 -20.54
CA ASP F 18 -68.60 7.46 -19.93
C ASP F 18 -69.01 7.48 -18.48
N ALA F 19 -69.66 6.40 -18.03
CA ALA F 19 -70.11 6.31 -16.65
C ALA F 19 -69.03 5.72 -15.73
N ARG F 20 -67.88 5.35 -16.29
CA ARG F 20 -66.80 4.79 -15.47
C ARG F 20 -66.14 5.89 -14.65
N ALA F 21 -65.67 5.53 -13.45
CA ALA F 21 -65.04 6.47 -12.54
C ALA F 21 -63.69 7.00 -13.01
N ASN F 22 -62.97 6.22 -13.81
CA ASN F 22 -61.66 6.65 -14.28
C ASN F 22 -61.68 7.43 -15.58
N ASN F 23 -62.29 8.62 -15.52
CA ASN F 23 -62.39 9.48 -16.69
C ASN F 23 -61.01 10.09 -17.00
N ALA F 24 -60.92 10.80 -18.12
CA ALA F 24 -59.67 11.41 -18.54
C ALA F 24 -58.97 12.25 -17.47
N LYS F 25 -59.73 13.12 -16.81
CA LYS F 25 -59.19 13.97 -15.76
C LYS F 25 -58.59 13.12 -14.64
N THR F 26 -59.35 12.13 -14.19
CA THR F 26 -58.88 11.25 -13.12
C THR F 26 -57.60 10.52 -13.53
N GLN F 27 -57.60 9.93 -14.73
CA GLN F 27 -56.42 9.19 -15.16
C GLN F 27 -55.16 10.07 -15.25
N SER F 28 -55.34 11.32 -15.64
CA SER F 28 -54.21 12.23 -15.77
C SER F 28 -53.60 12.52 -14.40
N GLN F 29 -54.33 12.18 -13.33
CA GLN F 29 -53.84 12.43 -11.97
C GLN F 29 -52.94 11.32 -11.43
N TYR F 30 -52.81 10.22 -12.16
CA TYR F 30 -51.92 9.16 -11.71
C TYR F 30 -51.03 8.62 -12.82
N GLN F 31 -50.47 9.53 -13.62
CA GLN F 31 -49.57 9.15 -14.70
C GLN F 31 -48.26 8.58 -14.16
N PRO F 32 -47.69 9.19 -13.10
CA PRO F 32 -46.44 8.66 -12.55
C PRO F 32 -46.59 7.20 -12.11
N TYR F 33 -47.78 6.87 -11.60
CA TYR F 33 -48.08 5.51 -11.14
C TYR F 33 -48.08 4.60 -12.37
N LYS F 34 -48.68 5.07 -13.46
CA LYS F 34 -48.73 4.29 -14.70
C LYS F 34 -47.31 4.06 -15.21
N ASP F 35 -46.43 5.02 -14.94
CA ASP F 35 -45.04 4.96 -15.39
C ASP F 35 -44.12 4.15 -14.49
N ALA F 36 -44.61 3.72 -13.33
CA ALA F 36 -43.77 3.00 -12.37
C ALA F 36 -43.86 1.49 -12.35
N ALA F 37 -43.84 0.85 -13.52
CA ALA F 37 -43.92 -0.61 -13.59
C ALA F 37 -42.79 -1.30 -12.82
N TRP F 38 -41.59 -0.72 -12.85
CA TRP F 38 -40.43 -1.29 -12.15
C TRP F 38 -40.40 -0.93 -10.67
N GLY F 39 -41.41 -0.18 -10.22
CA GLY F 39 -41.48 0.20 -8.82
C GLY F 39 -41.03 1.61 -8.46
N PHE F 40 -41.32 2.01 -7.23
CA PHE F 40 -40.91 3.31 -6.74
C PHE F 40 -39.59 3.07 -6.03
N ILE F 41 -38.57 3.81 -6.44
CA ILE F 41 -37.26 3.65 -5.86
C ILE F 41 -37.02 4.71 -4.79
N ASN F 42 -35.99 4.50 -3.98
CA ASN F 42 -35.65 5.39 -2.88
C ASN F 42 -36.69 5.19 -1.76
N HIS F 43 -37.01 3.92 -1.50
CA HIS F 43 -37.96 3.53 -0.47
C HIS F 43 -37.49 2.31 0.31
N TRP F 44 -38.04 2.12 1.51
CA TRP F 44 -37.71 0.97 2.36
C TRP F 44 -38.57 -0.22 1.96
N TYR F 45 -37.94 -1.38 1.84
CA TYR F 45 -38.62 -2.61 1.46
C TYR F 45 -38.11 -3.79 2.28
N PRO F 46 -38.99 -4.74 2.63
CA PRO F 46 -38.51 -5.89 3.40
C PRO F 46 -37.68 -6.69 2.39
N ALA F 47 -36.49 -7.16 2.80
CA ALA F 47 -35.61 -7.91 1.92
C ALA F 47 -35.61 -9.39 2.22
N LEU F 48 -35.37 -9.73 3.48
CA LEU F 48 -35.31 -11.12 3.94
C LEU F 48 -35.74 -11.17 5.40
N PHE F 49 -36.13 -12.36 5.86
CA PHE F 49 -36.45 -12.53 7.26
C PHE F 49 -35.09 -12.76 7.93
N THR F 50 -34.97 -12.40 9.20
CA THR F 50 -33.71 -12.61 9.90
C THR F 50 -33.21 -14.05 9.77
N HIS F 51 -34.12 -15.03 9.85
CA HIS F 51 -33.71 -16.43 9.76
C HIS F 51 -33.14 -16.84 8.39
N GLU F 52 -33.29 -15.96 7.39
CA GLU F 52 -32.79 -16.26 6.05
C GLU F 52 -31.35 -15.81 5.83
N LEU F 53 -30.78 -15.14 6.82
CA LEU F 53 -29.40 -14.67 6.72
C LEU F 53 -28.71 -14.82 8.07
N GLU F 54 -27.98 -15.92 8.23
CA GLU F 54 -27.27 -16.18 9.47
C GLU F 54 -25.88 -15.56 9.46
N GLU F 55 -25.20 -15.66 10.59
CA GLU F 55 -23.86 -15.10 10.71
C GLU F 55 -22.97 -15.62 9.57
N ASP F 56 -22.33 -14.69 8.87
CA ASP F 56 -21.44 -15.02 7.75
C ASP F 56 -22.16 -15.52 6.49
N GLN F 57 -23.49 -15.53 6.51
CA GLN F 57 -24.22 -15.98 5.34
C GLN F 57 -24.35 -14.84 4.34
N VAL F 58 -24.34 -15.20 3.06
CA VAL F 58 -24.45 -14.24 1.95
C VAL F 58 -25.65 -14.62 1.08
N GLN F 59 -26.49 -13.64 0.76
CA GLN F 59 -27.67 -13.90 -0.05
C GLN F 59 -27.92 -12.79 -1.07
N GLY F 60 -28.25 -13.19 -2.29
CA GLY F 60 -28.54 -12.24 -3.35
C GLY F 60 -30.03 -12.18 -3.64
N ILE F 61 -30.54 -10.98 -3.88
CA ILE F 61 -31.96 -10.75 -4.19
C ILE F 61 -32.06 -9.68 -5.27
N GLN F 62 -33.28 -9.26 -5.59
CA GLN F 62 -33.49 -8.19 -6.57
C GLN F 62 -34.76 -7.42 -6.24
N ILE F 63 -34.63 -6.10 -6.10
CA ILE F 63 -35.75 -5.23 -5.76
C ILE F 63 -35.75 -3.99 -6.67
N CYS F 64 -36.90 -3.68 -7.24
CA CYS F 64 -37.05 -2.55 -8.14
C CYS F 64 -36.03 -2.67 -9.27
N GLY F 65 -35.73 -3.90 -9.68
CA GLY F 65 -34.79 -4.13 -10.76
C GLY F 65 -33.35 -4.07 -10.33
N VAL F 66 -33.12 -3.67 -9.08
CA VAL F 66 -31.78 -3.56 -8.54
C VAL F 66 -31.29 -4.84 -7.86
N PRO F 67 -30.20 -5.42 -8.36
CA PRO F 67 -29.68 -6.65 -7.75
C PRO F 67 -28.96 -6.26 -6.46
N ILE F 68 -29.29 -6.95 -5.38
CA ILE F 68 -28.70 -6.66 -4.08
C ILE F 68 -28.17 -7.89 -3.36
N VAL F 69 -26.99 -7.77 -2.78
CA VAL F 69 -26.38 -8.87 -2.04
C VAL F 69 -26.24 -8.43 -0.57
N LEU F 70 -26.57 -9.33 0.35
CA LEU F 70 -26.49 -9.05 1.78
C LEU F 70 -25.62 -10.06 2.49
N ARG F 71 -24.91 -9.60 3.51
CA ARG F 71 -24.04 -10.45 4.32
C ARG F 71 -24.15 -10.04 5.78
N ARG F 72 -24.19 -11.03 6.68
CA ARG F 72 -24.23 -10.69 8.09
C ARG F 72 -22.83 -10.94 8.64
N VAL F 73 -22.26 -9.93 9.27
CA VAL F 73 -20.92 -10.08 9.86
C VAL F 73 -20.98 -9.53 11.27
N ASN F 74 -20.59 -10.37 12.24
CA ASN F 74 -20.63 -10.00 13.65
C ASN F 74 -22.02 -9.50 14.01
N GLY F 75 -23.03 -10.22 13.52
CA GLY F 75 -24.41 -9.86 13.80
C GLY F 75 -25.02 -8.73 12.99
N LYS F 76 -24.19 -7.95 12.31
CA LYS F 76 -24.70 -6.84 11.53
C LYS F 76 -24.86 -7.19 10.05
N VAL F 77 -25.97 -6.75 9.47
CA VAL F 77 -26.25 -7.01 8.06
C VAL F 77 -25.85 -5.82 7.19
N PHE F 78 -25.17 -6.12 6.08
CA PHE F 78 -24.76 -5.08 5.14
C PHE F 78 -25.35 -5.41 3.77
N ALA F 79 -25.67 -4.39 3.00
CA ALA F 79 -26.24 -4.59 1.67
C ALA F 79 -25.52 -3.76 0.62
N LEU F 80 -25.13 -4.42 -0.47
CA LEU F 80 -24.44 -3.76 -1.57
C LEU F 80 -25.07 -4.18 -2.90
N LYS F 81 -24.75 -3.46 -3.97
CA LYS F 81 -25.31 -3.83 -5.27
C LYS F 81 -24.67 -5.15 -5.69
N ASP F 82 -25.51 -6.12 -6.04
CA ASP F 82 -25.03 -7.43 -6.45
C ASP F 82 -24.56 -7.42 -7.90
N GLN F 83 -23.52 -6.63 -8.15
CA GLN F 83 -22.95 -6.50 -9.49
C GLN F 83 -21.50 -6.04 -9.40
N CYS F 84 -20.58 -6.94 -9.71
CA CYS F 84 -19.17 -6.58 -9.69
C CYS F 84 -18.97 -5.50 -10.75
N LEU F 85 -18.32 -4.40 -10.40
CA LEU F 85 -18.13 -3.33 -11.36
C LEU F 85 -17.10 -3.67 -12.44
N HIS F 86 -16.40 -4.79 -12.28
CA HIS F 86 -15.43 -5.21 -13.27
C HIS F 86 -16.14 -5.67 -14.54
N ARG F 87 -16.75 -6.86 -14.47
CA ARG F 87 -17.45 -7.38 -15.63
C ARG F 87 -18.87 -7.88 -15.36
N GLY F 88 -19.50 -7.24 -14.38
CA GLY F 88 -20.90 -7.50 -14.04
C GLY F 88 -21.48 -8.78 -13.49
N VAL F 89 -20.68 -9.68 -12.94
CA VAL F 89 -21.26 -10.90 -12.39
C VAL F 89 -21.85 -10.60 -11.00
N ARG F 90 -22.76 -11.46 -10.56
CA ARG F 90 -23.34 -11.30 -9.24
C ARG F 90 -22.39 -11.86 -8.18
N LEU F 91 -22.07 -11.02 -7.20
CA LEU F 91 -21.18 -11.40 -6.12
C LEU F 91 -21.79 -12.53 -5.28
N SER F 92 -23.11 -12.56 -5.21
CA SER F 92 -23.81 -13.56 -4.40
C SER F 92 -23.92 -14.97 -4.98
N GLU F 93 -23.50 -15.18 -6.22
CA GLU F 93 -23.59 -16.51 -6.82
C GLU F 93 -22.62 -17.51 -6.23
N LYS F 94 -21.43 -17.05 -5.86
CA LYS F 94 -20.44 -17.92 -5.22
C LYS F 94 -19.79 -17.06 -4.15
N PRO F 95 -20.46 -16.91 -3.00
CA PRO F 95 -19.99 -16.11 -1.85
C PRO F 95 -18.51 -16.30 -1.55
N THR F 96 -17.77 -15.19 -1.64
CA THR F 96 -16.34 -15.20 -1.40
C THR F 96 -15.91 -13.99 -0.57
N CYS F 97 -15.74 -14.20 0.74
CA CYS F 97 -15.33 -13.13 1.65
C CYS F 97 -14.06 -13.54 2.38
N PHE F 98 -12.99 -12.77 2.20
CA PHE F 98 -11.72 -13.09 2.83
C PHE F 98 -11.50 -12.41 4.18
N THR F 99 -12.25 -11.36 4.47
CA THR F 99 -12.13 -10.67 5.75
C THR F 99 -13.52 -10.24 6.20
N LYS F 100 -13.64 -9.90 7.49
CA LYS F 100 -14.90 -9.49 8.07
C LYS F 100 -15.45 -8.17 7.53
N SER F 101 -14.59 -7.36 6.93
CA SER F 101 -15.03 -6.05 6.44
C SER F 101 -15.19 -5.91 4.94
N THR F 102 -15.07 -7.00 4.20
CA THR F 102 -15.20 -6.92 2.75
C THR F 102 -15.91 -8.12 2.16
N ILE F 103 -16.14 -8.04 0.85
CA ILE F 103 -16.74 -9.11 0.09
C ILE F 103 -16.03 -9.04 -1.26
N SER F 104 -15.61 -10.19 -1.77
CA SER F 104 -14.89 -10.21 -3.03
C SER F 104 -15.70 -10.88 -4.13
N CYS F 105 -15.30 -10.59 -5.36
CA CYS F 105 -15.93 -11.20 -6.50
C CYS F 105 -15.10 -12.47 -6.74
N TRP F 106 -15.79 -13.60 -6.83
CA TRP F 106 -15.17 -14.90 -7.03
C TRP F 106 -14.51 -15.10 -8.38
N TYR F 107 -14.74 -14.18 -9.31
CA TYR F 107 -14.19 -14.33 -10.65
C TYR F 107 -12.76 -13.81 -10.79
N HIS F 108 -12.55 -12.50 -10.73
CA HIS F 108 -11.21 -11.95 -10.87
C HIS F 108 -10.71 -11.25 -9.60
N GLY F 109 -11.37 -11.51 -8.47
CA GLY F 109 -10.93 -10.93 -7.21
C GLY F 109 -11.19 -9.50 -6.80
N PHE F 110 -11.99 -8.74 -7.55
CA PHE F 110 -12.27 -7.36 -7.13
C PHE F 110 -12.86 -7.45 -5.72
N THR F 111 -12.35 -6.64 -4.78
CA THR F 111 -12.81 -6.67 -3.39
C THR F 111 -13.42 -5.33 -2.94
N PHE F 112 -14.61 -5.41 -2.35
CA PHE F 112 -15.32 -4.21 -1.91
C PHE F 112 -15.54 -4.11 -0.41
N ASP F 113 -15.44 -2.89 0.11
CA ASP F 113 -15.63 -2.63 1.52
C ASP F 113 -17.15 -2.71 1.77
N LEU F 114 -17.55 -3.52 2.75
CA LEU F 114 -18.96 -3.70 3.07
C LEU F 114 -19.66 -2.41 3.50
N GLU F 115 -18.94 -1.60 4.27
CA GLU F 115 -19.46 -0.35 4.80
C GLU F 115 -19.66 0.75 3.76
N THR F 116 -18.64 0.97 2.93
CA THR F 116 -18.68 2.03 1.93
C THR F 116 -18.90 1.57 0.49
N GLY F 117 -18.61 0.29 0.20
CA GLY F 117 -18.78 -0.23 -1.14
C GLY F 117 -17.59 0.10 -2.03
N LYS F 118 -16.60 0.78 -1.47
CA LYS F 118 -15.42 1.16 -2.25
C LYS F 118 -14.59 -0.04 -2.67
N LEU F 119 -13.98 0.03 -3.85
CA LEU F 119 -13.11 -1.03 -4.36
C LEU F 119 -11.79 -0.85 -3.60
N VAL F 120 -11.60 -1.65 -2.55
CA VAL F 120 -10.40 -1.55 -1.71
C VAL F 120 -9.17 -2.26 -2.24
N THR F 121 -9.37 -3.29 -3.06
CA THR F 121 -8.25 -4.01 -3.65
C THR F 121 -8.72 -5.05 -4.67
N ILE F 122 -7.75 -5.74 -5.26
CA ILE F 122 -7.99 -6.80 -6.24
C ILE F 122 -7.02 -7.90 -5.83
N VAL F 123 -7.56 -9.05 -5.44
CA VAL F 123 -6.75 -10.18 -4.98
C VAL F 123 -5.37 -10.36 -5.61
N ALA F 124 -5.30 -10.52 -6.93
CA ALA F 124 -4.01 -10.73 -7.58
C ALA F 124 -3.53 -9.55 -8.42
N ASN F 125 -3.97 -8.34 -8.06
CA ASN F 125 -3.59 -7.12 -8.78
C ASN F 125 -3.82 -5.96 -7.81
N PRO F 126 -3.20 -6.04 -6.61
CA PRO F 126 -3.31 -5.03 -5.56
C PRO F 126 -2.85 -3.61 -5.86
N GLU F 127 -2.13 -3.43 -6.97
CA GLU F 127 -1.63 -2.11 -7.32
C GLU F 127 -2.28 -1.43 -8.50
N ASP F 128 -3.38 -1.98 -9.00
CA ASP F 128 -4.05 -1.38 -10.16
C ASP F 128 -4.54 0.02 -9.84
N LYS F 129 -4.40 0.92 -10.82
CA LYS F 129 -4.82 2.30 -10.64
C LYS F 129 -6.33 2.47 -10.43
N LEU F 130 -7.10 1.46 -10.80
CA LEU F 130 -8.56 1.54 -10.64
C LEU F 130 -8.95 1.48 -9.17
N ILE F 131 -8.16 0.78 -8.37
CA ILE F 131 -8.46 0.62 -6.95
C ILE F 131 -8.64 1.94 -6.22
N GLY F 132 -9.70 2.02 -5.41
CA GLY F 132 -9.97 3.21 -4.65
C GLY F 132 -10.63 4.34 -5.42
N THR F 133 -10.65 4.24 -6.75
CA THR F 133 -11.24 5.29 -7.57
C THR F 133 -12.75 5.11 -7.82
N THR F 134 -13.31 4.00 -7.35
CA THR F 134 -14.73 3.73 -7.53
C THR F 134 -15.19 2.62 -6.58
N GLY F 135 -16.44 2.19 -6.72
CA GLY F 135 -16.98 1.14 -5.87
C GLY F 135 -18.42 0.86 -6.25
N VAL F 136 -19.08 -0.03 -5.52
CA VAL F 136 -20.47 -0.35 -5.80
C VAL F 136 -21.38 0.37 -4.82
N THR F 137 -22.64 0.53 -5.19
CA THR F 137 -23.61 1.21 -4.34
C THR F 137 -23.88 0.45 -3.04
N THR F 138 -24.15 1.19 -1.98
CA THR F 138 -24.48 0.56 -0.70
C THR F 138 -25.93 0.89 -0.42
N TYR F 139 -26.60 0.04 0.35
CA TYR F 139 -28.00 0.28 0.69
C TYR F 139 -28.19 0.19 2.19
N PRO F 140 -28.79 1.23 2.78
CA PRO F 140 -29.05 1.27 4.22
C PRO F 140 -29.87 0.05 4.65
N VAL F 141 -29.54 -0.51 5.81
CA VAL F 141 -30.26 -1.66 6.34
C VAL F 141 -30.82 -1.34 7.71
N HIS F 142 -32.00 -1.89 7.99
CA HIS F 142 -32.64 -1.70 9.27
C HIS F 142 -33.30 -3.03 9.61
N GLU F 143 -32.66 -3.78 10.52
CA GLU F 143 -33.19 -5.08 10.93
C GLU F 143 -33.93 -4.91 12.25
N VAL F 144 -35.16 -5.41 12.32
CA VAL F 144 -35.94 -5.29 13.54
C VAL F 144 -36.95 -6.41 13.70
N ASN F 145 -37.00 -6.98 14.90
CA ASN F 145 -37.92 -8.06 15.22
C ASN F 145 -38.14 -9.15 14.16
N GLY F 146 -37.04 -9.72 13.66
CA GLY F 146 -37.13 -10.79 12.68
C GLY F 146 -37.19 -10.40 11.22
N MET F 147 -37.14 -9.11 10.93
CA MET F 147 -37.20 -8.66 9.55
C MET F 147 -36.06 -7.74 9.17
N ILE F 148 -35.50 -7.98 7.99
CA ILE F 148 -34.40 -7.18 7.48
C ILE F 148 -34.94 -6.27 6.39
N PHE F 149 -34.98 -4.98 6.68
CA PHE F 149 -35.45 -4.01 5.70
C PHE F 149 -34.25 -3.37 5.03
N VAL F 150 -34.43 -2.99 3.77
CA VAL F 150 -33.36 -2.36 3.02
C VAL F 150 -33.90 -1.16 2.27
N PHE F 151 -33.17 -0.05 2.33
CA PHE F 151 -33.58 1.16 1.63
C PHE F 151 -33.01 1.05 0.23
N VAL F 152 -33.85 0.66 -0.74
CA VAL F 152 -33.42 0.50 -2.13
C VAL F 152 -33.44 1.87 -2.77
N ARG F 153 -32.26 2.36 -3.14
CA ARG F 153 -32.12 3.69 -3.69
C ARG F 153 -31.31 3.78 -4.98
N GLU F 154 -31.42 4.94 -5.63
CA GLU F 154 -30.70 5.19 -6.86
C GLU F 154 -29.24 5.37 -6.49
N ASP F 155 -28.34 5.22 -7.45
CA ASP F 155 -26.92 5.33 -7.18
C ASP F 155 -26.51 6.68 -6.61
N ASP F 156 -27.20 7.74 -7.01
CA ASP F 156 -26.88 9.08 -6.55
C ASP F 156 -27.71 9.63 -5.40
N PHE F 157 -28.56 8.81 -4.79
CA PHE F 157 -29.36 9.29 -3.67
C PHE F 157 -28.45 9.44 -2.45
N PRO F 158 -28.30 10.68 -1.94
CA PRO F 158 -27.45 10.95 -0.76
C PRO F 158 -27.80 10.26 0.54
N ASP F 159 -26.76 9.82 1.25
CA ASP F 159 -26.92 9.13 2.53
C ASP F 159 -27.71 9.99 3.51
N GLU F 160 -27.36 11.27 3.58
CA GLU F 160 -28.02 12.18 4.49
C GLU F 160 -29.50 12.38 4.21
N ASP F 161 -29.95 11.90 3.05
CA ASP F 161 -31.37 12.05 2.69
C ASP F 161 -32.20 10.80 2.97
N VAL F 162 -31.55 9.72 3.38
CA VAL F 162 -32.24 8.48 3.68
C VAL F 162 -33.15 8.74 4.88
N PRO F 163 -34.46 8.52 4.73
CA PRO F 163 -35.43 8.75 5.82
C PRO F 163 -35.54 7.55 6.76
N PRO F 164 -36.21 7.75 7.90
CA PRO F 164 -36.36 6.64 8.85
C PRO F 164 -37.32 5.58 8.31
N LEU F 165 -37.04 4.31 8.62
CA LEU F 165 -37.86 3.20 8.18
C LEU F 165 -39.34 3.42 8.46
N ALA F 166 -39.66 4.03 9.60
CA ALA F 166 -41.06 4.25 9.95
C ALA F 166 -41.85 5.07 8.93
N HIS F 167 -41.16 5.92 8.18
CA HIS F 167 -41.85 6.74 7.19
C HIS F 167 -42.40 5.87 6.06
N ASP F 168 -41.88 4.65 5.95
CA ASP F 168 -42.32 3.72 4.91
C ASP F 168 -43.01 2.48 5.47
N LEU F 169 -43.59 2.63 6.67
CA LEU F 169 -44.32 1.56 7.34
C LEU F 169 -45.69 2.11 7.72
N PRO F 170 -46.70 1.24 7.83
CA PRO F 170 -48.06 1.68 8.19
C PRO F 170 -48.17 2.53 9.44
N PHE F 171 -49.25 3.30 9.53
CA PHE F 171 -49.52 4.18 10.67
C PHE F 171 -49.47 3.37 11.96
N ARG F 172 -48.83 3.91 12.99
CA ARG F 172 -48.68 3.22 14.26
C ARG F 172 -49.72 3.59 15.31
N PHE F 173 -50.11 2.59 16.11
CA PHE F 173 -51.05 2.80 17.18
C PHE F 173 -50.36 2.27 18.42
N PRO F 174 -50.75 2.76 19.62
CA PRO F 174 -51.81 3.74 19.86
C PRO F 174 -51.42 5.18 19.48
N GLU F 175 -50.19 5.36 19.02
CA GLU F 175 -49.72 6.68 18.64
C GLU F 175 -50.75 7.50 17.88
N ARG F 176 -51.38 6.88 16.88
CA ARG F 176 -52.36 7.59 16.06
C ARG F 176 -53.80 7.19 16.29
N SER F 177 -54.09 6.61 17.45
CA SER F 177 -55.45 6.20 17.77
C SER F 177 -56.41 7.39 17.71
N GLU F 178 -55.94 8.57 18.13
CA GLU F 178 -56.78 9.76 18.11
C GLU F 178 -57.08 10.17 16.67
N GLN F 179 -56.06 10.11 15.82
CA GLN F 179 -56.22 10.47 14.42
C GLN F 179 -57.15 9.49 13.71
N PHE F 180 -56.96 8.19 13.98
CA PHE F 180 -57.79 7.15 13.36
C PHE F 180 -58.46 6.32 14.44
N PRO F 181 -59.55 6.85 15.02
CA PRO F 181 -60.31 6.19 16.09
C PRO F 181 -60.77 4.78 15.72
N HIS F 182 -60.57 3.85 16.66
CA HIS F 182 -60.94 2.46 16.46
C HIS F 182 -61.57 1.90 17.74
N PRO F 183 -62.76 2.41 18.12
CA PRO F 183 -63.46 1.96 19.32
C PRO F 183 -63.80 0.47 19.38
N LEU F 184 -63.91 -0.15 18.20
CA LEU F 184 -64.29 -1.56 18.15
C LEU F 184 -63.17 -2.60 18.31
N TRP F 185 -61.94 -2.16 18.46
CA TRP F 185 -60.85 -3.12 18.62
C TRP F 185 -59.60 -2.49 19.19
N PRO F 186 -58.79 -3.29 19.91
CA PRO F 186 -57.56 -2.79 20.50
C PRO F 186 -56.52 -2.40 19.45
N SER F 187 -55.60 -1.52 19.84
CA SER F 187 -54.54 -1.04 18.94
C SER F 187 -53.68 -2.14 18.32
N SER F 188 -53.53 -2.09 16.99
CA SER F 188 -52.69 -3.07 16.29
C SER F 188 -51.23 -2.70 16.52
N PRO F 189 -50.38 -3.70 16.81
CA PRO F 189 -48.96 -3.46 17.04
C PRO F 189 -48.21 -3.21 15.74
N SER F 190 -46.98 -2.71 15.87
CA SER F 190 -46.14 -2.42 14.73
C SER F 190 -44.90 -3.30 14.78
N VAL F 191 -44.35 -3.61 13.62
CA VAL F 191 -43.14 -4.42 13.54
C VAL F 191 -42.04 -3.71 14.35
N LEU F 192 -42.21 -2.39 14.53
CA LEU F 192 -41.24 -1.57 15.27
C LEU F 192 -41.37 -1.65 16.79
N ASP F 193 -42.54 -2.09 17.27
CA ASP F 193 -42.82 -2.18 18.71
C ASP F 193 -41.91 -3.18 19.43
N ASP F 194 -41.61 -2.90 20.69
CA ASP F 194 -40.78 -3.79 21.48
C ASP F 194 -41.54 -5.08 21.73
N ASN F 195 -40.85 -6.20 21.66
CA ASN F 195 -41.49 -7.49 21.90
C ASN F 195 -42.49 -7.90 20.81
N ALA F 196 -42.51 -7.17 19.70
CA ALA F 196 -43.41 -7.51 18.62
C ALA F 196 -42.83 -8.76 17.98
N VAL F 197 -43.66 -9.77 17.75
CA VAL F 197 -43.22 -11.02 17.12
C VAL F 197 -43.84 -11.13 15.73
N VAL F 198 -43.03 -11.54 14.77
CA VAL F 198 -43.47 -11.68 13.38
C VAL F 198 -43.49 -13.13 12.90
N HIS F 199 -44.61 -13.55 12.30
CA HIS F 199 -44.76 -14.88 11.72
C HIS F 199 -45.35 -14.70 10.32
N GLY F 200 -44.75 -15.32 9.31
CA GLY F 200 -45.26 -15.19 7.97
C GLY F 200 -44.34 -15.74 6.90
N MET F 201 -44.51 -15.24 5.68
CA MET F 201 -43.71 -15.72 4.57
C MET F 201 -43.75 -14.73 3.43
N HIS F 202 -42.89 -14.98 2.45
CA HIS F 202 -42.86 -14.17 1.25
C HIS F 202 -42.56 -15.14 0.12
N ARG F 203 -43.23 -14.94 -1.01
CA ARG F 203 -43.05 -15.83 -2.15
C ARG F 203 -43.18 -15.00 -3.41
N THR F 204 -42.52 -15.42 -4.47
CA THR F 204 -42.57 -14.68 -5.71
C THR F 204 -43.95 -14.73 -6.38
N GLY F 205 -44.45 -13.56 -6.75
CA GLY F 205 -45.73 -13.45 -7.41
C GLY F 205 -45.46 -13.20 -8.88
N PHE F 206 -46.27 -13.77 -9.75
CA PHE F 206 -46.07 -13.60 -11.19
C PHE F 206 -47.01 -12.55 -11.75
N GLY F 207 -46.42 -11.40 -12.06
CA GLY F 207 -47.16 -10.27 -12.58
C GLY F 207 -46.65 -9.01 -11.90
N ASN F 208 -47.03 -7.85 -12.45
CA ASN F 208 -46.61 -6.55 -11.94
C ASN F 208 -47.05 -6.29 -10.49
N TRP F 209 -46.17 -5.60 -9.74
CA TRP F 209 -46.43 -5.30 -8.34
C TRP F 209 -47.67 -4.43 -8.06
N ARG F 210 -47.95 -3.47 -8.94
CA ARG F 210 -49.10 -2.58 -8.75
C ARG F 210 -50.42 -3.32 -8.71
N ILE F 211 -50.66 -4.16 -9.70
CA ILE F 211 -51.88 -4.93 -9.78
C ILE F 211 -52.06 -5.82 -8.56
N ALA F 212 -50.97 -6.36 -8.05
CA ALA F 212 -51.02 -7.21 -6.87
C ALA F 212 -51.33 -6.37 -5.63
N CYS F 213 -50.73 -5.19 -5.57
CA CYS F 213 -50.92 -4.30 -4.45
C CYS F 213 -52.34 -3.78 -4.26
N GLU F 214 -52.98 -3.37 -5.36
CA GLU F 214 -54.33 -2.82 -5.30
C GLU F 214 -55.43 -3.77 -4.82
N ASN F 215 -55.17 -5.07 -4.87
CA ASN F 215 -56.16 -6.06 -4.44
C ASN F 215 -56.52 -6.02 -2.94
N GLY F 216 -55.50 -5.96 -2.10
CA GLY F 216 -55.70 -5.97 -0.65
C GLY F 216 -56.64 -4.99 0.01
N PHE F 217 -56.70 -3.76 -0.47
CA PHE F 217 -57.56 -2.76 0.16
C PHE F 217 -58.79 -2.42 -0.66
N ASP F 218 -59.16 -3.32 -1.56
CA ASP F 218 -60.34 -3.15 -2.41
C ASP F 218 -61.52 -3.76 -1.67
N ASN F 219 -62.52 -2.95 -1.32
CA ASN F 219 -63.66 -3.48 -0.58
C ASN F 219 -64.71 -4.20 -1.40
N ALA F 220 -64.48 -4.31 -2.71
CA ALA F 220 -65.41 -5.02 -3.57
C ALA F 220 -64.85 -6.41 -3.89
N HIS F 221 -63.54 -6.57 -3.70
CA HIS F 221 -62.89 -7.86 -3.98
C HIS F 221 -63.13 -8.95 -2.94
N ILE F 222 -63.69 -8.62 -1.79
CA ILE F 222 -63.91 -9.66 -0.78
C ILE F 222 -64.83 -10.77 -1.26
N LEU F 223 -65.47 -10.56 -2.41
CA LEU F 223 -66.35 -11.58 -2.97
C LEU F 223 -65.52 -12.81 -3.32
N VAL F 224 -64.21 -12.60 -3.47
CA VAL F 224 -63.27 -13.68 -3.80
C VAL F 224 -63.12 -14.67 -2.64
N HIS F 225 -63.50 -14.24 -1.45
CA HIS F 225 -63.38 -15.09 -0.26
C HIS F 225 -64.68 -15.75 0.22
N LYS F 226 -65.78 -15.51 -0.50
CA LYS F 226 -67.07 -16.08 -0.12
C LYS F 226 -67.05 -17.57 0.24
N ASP F 227 -66.14 -18.32 -0.37
CA ASP F 227 -66.05 -19.77 -0.14
C ASP F 227 -64.86 -20.27 0.67
N ASN F 228 -64.06 -19.36 1.23
CA ASN F 228 -62.89 -19.78 2.00
C ASN F 228 -63.36 -20.55 3.23
N THR F 229 -62.62 -21.61 3.54
CA THR F 229 -62.93 -22.47 4.66
C THR F 229 -63.08 -21.76 6.00
N ILE F 230 -62.12 -20.89 6.30
CA ILE F 230 -62.15 -20.16 7.56
C ILE F 230 -63.43 -19.37 7.74
N VAL F 231 -63.95 -18.82 6.65
CA VAL F 231 -65.17 -18.02 6.72
C VAL F 231 -66.33 -18.86 7.27
N HIS F 232 -66.44 -20.10 6.80
CA HIS F 232 -67.52 -20.98 7.26
C HIS F 232 -67.25 -21.74 8.55
N ALA F 233 -65.98 -21.91 8.88
CA ALA F 233 -65.63 -22.60 10.10
C ALA F 233 -65.86 -21.66 11.29
N MET F 234 -65.50 -20.40 11.09
CA MET F 234 -65.65 -19.38 12.13
C MET F 234 -67.06 -18.78 12.08
N ASP F 235 -67.80 -19.11 11.04
CA ASP F 235 -69.14 -18.59 10.88
C ASP F 235 -69.10 -17.06 10.90
N TRP F 236 -68.08 -16.50 10.23
CA TRP F 236 -67.91 -15.06 10.17
C TRP F 236 -69.01 -14.36 9.42
N VAL F 237 -69.00 -13.04 9.53
CA VAL F 237 -69.96 -12.20 8.83
C VAL F 237 -69.13 -11.39 7.83
N LEU F 238 -68.79 -12.02 6.72
CA LEU F 238 -68.02 -11.40 5.66
C LEU F 238 -69.02 -11.03 4.56
N PRO F 239 -69.34 -9.72 4.43
CA PRO F 239 -70.28 -9.24 3.42
C PRO F 239 -69.81 -9.44 1.99
N LEU F 240 -70.75 -9.37 1.05
CA LEU F 240 -70.45 -9.54 -0.37
C LEU F 240 -69.47 -8.44 -0.79
N GLY F 241 -69.64 -7.26 -0.20
CA GLY F 241 -68.78 -6.14 -0.50
C GLY F 241 -69.17 -4.94 0.33
N LEU F 242 -68.35 -3.90 0.32
CA LEU F 242 -68.63 -2.69 1.09
C LEU F 242 -68.80 -1.56 0.08
N LEU F 243 -69.64 -0.59 0.43
CA LEU F 243 -69.88 0.54 -0.46
C LEU F 243 -69.59 1.88 0.22
N PRO F 244 -68.91 2.78 -0.49
CA PRO F 244 -68.59 4.09 0.08
C PRO F 244 -69.89 4.92 0.13
N THR F 245 -70.13 5.61 1.24
CA THR F 245 -71.34 6.44 1.36
C THR F 245 -71.05 7.94 1.31
N SER F 246 -69.78 8.32 1.43
CA SER F 246 -69.42 9.73 1.39
C SER F 246 -68.05 9.91 0.73
N ASP F 247 -67.77 11.14 0.32
CA ASP F 247 -66.50 11.47 -0.32
C ASP F 247 -65.31 11.37 0.61
N ASP F 248 -65.55 11.43 1.91
CA ASP F 248 -64.48 11.35 2.89
C ASP F 248 -64.37 9.98 3.53
N CYS F 249 -64.86 8.95 2.83
CA CYS F 249 -64.80 7.57 3.33
C CYS F 249 -63.34 7.10 3.48
N ILE F 250 -62.42 7.84 2.88
CA ILE F 250 -60.99 7.53 2.95
C ILE F 250 -60.24 8.78 3.35
N ALA F 251 -59.32 8.64 4.32
CA ALA F 251 -58.54 9.77 4.78
C ALA F 251 -57.14 9.70 4.19
N VAL F 252 -56.75 10.73 3.47
CA VAL F 252 -55.41 10.76 2.89
C VAL F 252 -54.49 11.51 3.83
N VAL F 253 -53.38 10.87 4.19
CA VAL F 253 -52.40 11.47 5.10
C VAL F 253 -51.10 11.71 4.35
N GLU F 254 -50.59 12.93 4.41
CA GLU F 254 -49.37 13.27 3.70
C GLU F 254 -48.48 14.28 4.42
N ASP F 255 -48.35 14.12 5.74
CA ASP F 255 -47.52 15.03 6.52
C ASP F 255 -46.05 14.64 6.44
N ASP F 256 -45.20 15.64 6.23
CA ASP F 256 -43.75 15.43 6.12
C ASP F 256 -43.19 14.36 7.05
N ASP F 257 -43.41 14.51 8.35
CA ASP F 257 -42.90 13.54 9.31
C ASP F 257 -43.94 12.43 9.51
N GLY F 258 -43.71 11.28 8.87
CA GLY F 258 -44.63 10.17 8.99
C GLY F 258 -44.91 9.52 7.65
N PRO F 259 -45.70 8.43 7.62
CA PRO F 259 -46.05 7.71 6.39
C PRO F 259 -46.97 8.50 5.46
N LYS F 260 -46.87 8.21 4.17
CA LYS F 260 -47.70 8.85 3.17
C LYS F 260 -48.66 7.78 2.69
N GLY F 261 -49.94 7.93 3.01
CA GLY F 261 -50.89 6.93 2.61
C GLY F 261 -52.33 7.31 2.89
N MET F 262 -53.18 6.30 3.01
CA MET F 262 -54.60 6.51 3.25
C MET F 262 -55.14 5.49 4.25
N MET F 263 -56.19 5.91 4.96
CA MET F 263 -56.86 5.08 5.94
C MET F 263 -58.31 5.01 5.54
N GLN F 264 -58.83 3.80 5.45
CA GLN F 264 -60.23 3.60 5.07
C GLN F 264 -61.07 3.43 6.34
N TRP F 265 -62.05 4.33 6.51
CA TRP F 265 -62.94 4.30 7.67
C TRP F 265 -63.91 3.13 7.64
N LEU F 266 -63.39 1.90 7.66
CA LEU F 266 -64.25 0.73 7.66
C LEU F 266 -64.97 0.62 9.00
N PHE F 267 -66.19 0.09 8.99
CA PHE F 267 -66.99 -0.04 10.19
C PHE F 267 -67.42 1.28 10.81
N THR F 268 -67.89 2.17 9.95
CA THR F 268 -68.43 3.50 10.28
C THR F 268 -69.48 3.67 9.17
N ASP F 269 -70.22 4.78 9.18
CA ASP F 269 -71.24 4.99 8.14
C ASP F 269 -70.62 5.16 6.77
N LYS F 270 -69.38 5.63 6.73
CA LYS F 270 -68.70 5.89 5.47
C LYS F 270 -68.53 4.69 4.55
N TRP F 271 -68.67 3.49 5.11
CA TRP F 271 -68.56 2.26 4.33
C TRP F 271 -69.69 1.32 4.74
N ALA F 272 -70.71 1.23 3.91
CA ALA F 272 -71.85 0.38 4.21
C ALA F 272 -71.67 -1.04 3.68
N PRO F 273 -71.86 -2.05 4.55
CA PRO F 273 -71.71 -3.45 4.14
C PRO F 273 -72.91 -3.96 3.35
N VAL F 274 -72.64 -4.86 2.40
CA VAL F 274 -73.68 -5.46 1.58
C VAL F 274 -73.64 -6.96 1.87
N LEU F 275 -74.60 -7.43 2.67
CA LEU F 275 -74.66 -8.83 3.06
C LEU F 275 -75.62 -9.67 2.24
N GLU F 276 -76.25 -9.08 1.23
CA GLU F 276 -77.19 -9.85 0.44
C GLU F 276 -77.55 -9.28 -0.92
N ASN F 277 -77.98 -10.17 -1.81
CA ASN F 277 -78.43 -9.82 -3.15
C ASN F 277 -79.43 -10.90 -3.54
N GLN F 278 -80.67 -10.68 -3.12
CA GLN F 278 -81.77 -11.59 -3.37
C GLN F 278 -81.92 -11.94 -4.85
N GLU F 279 -81.71 -10.94 -5.70
CA GLU F 279 -81.82 -11.12 -7.15
C GLU F 279 -80.90 -12.19 -7.71
N LEU F 280 -79.77 -12.41 -7.02
CA LEU F 280 -78.81 -13.41 -7.45
C LEU F 280 -78.79 -14.59 -6.47
N GLY F 281 -79.70 -14.56 -5.50
CA GLY F 281 -79.81 -15.62 -4.52
C GLY F 281 -78.65 -15.72 -3.56
N LEU F 282 -78.05 -14.59 -3.22
CA LEU F 282 -76.92 -14.56 -2.29
C LEU F 282 -77.29 -13.94 -0.95
N LYS F 283 -76.73 -14.47 0.12
CA LYS F 283 -76.99 -13.98 1.47
C LYS F 283 -75.91 -14.44 2.44
N VAL F 284 -75.20 -13.48 3.03
CA VAL F 284 -74.13 -13.79 3.98
C VAL F 284 -74.72 -14.20 5.32
N GLU F 285 -74.71 -15.50 5.57
CA GLU F 285 -75.22 -16.06 6.82
C GLU F 285 -74.03 -16.20 7.75
N GLY F 286 -74.12 -15.61 8.93
CA GLY F 286 -73.03 -15.68 9.87
C GLY F 286 -73.33 -14.77 11.03
N LEU F 287 -72.95 -15.20 12.23
CA LEU F 287 -73.23 -14.40 13.41
C LEU F 287 -71.96 -13.94 14.13
N LYS F 288 -70.82 -14.49 13.76
CA LYS F 288 -69.56 -14.11 14.39
C LYS F 288 -69.01 -12.81 13.77
N GLY F 289 -69.21 -11.70 14.47
CA GLY F 289 -68.74 -10.42 13.99
C GLY F 289 -67.25 -10.45 13.72
N ARG F 290 -66.84 -9.83 12.61
CA ARG F 290 -65.43 -9.79 12.24
C ARG F 290 -65.08 -8.33 11.90
N HIS F 291 -64.48 -7.63 12.86
CA HIS F 291 -64.12 -6.23 12.66
C HIS F 291 -62.66 -6.09 12.28
N TYR F 292 -62.39 -5.25 11.30
CA TYR F 292 -61.03 -5.01 10.83
C TYR F 292 -61.00 -3.70 10.05
N ARG F 293 -59.80 -3.23 9.72
CA ARG F 293 -59.67 -2.00 8.95
C ARG F 293 -58.40 -1.99 8.11
N THR F 294 -58.53 -1.62 6.85
CA THR F 294 -57.37 -1.58 5.95
C THR F 294 -56.88 -0.18 5.66
N SER F 295 -55.56 -0.09 5.45
CA SER F 295 -54.90 1.16 5.11
C SER F 295 -53.70 0.76 4.27
N VAL F 296 -53.19 1.69 3.47
CA VAL F 296 -52.03 1.42 2.64
C VAL F 296 -51.17 2.68 2.57
N VAL F 297 -49.85 2.51 2.65
CA VAL F 297 -48.91 3.63 2.58
C VAL F 297 -47.79 3.29 1.61
N LEU F 298 -47.16 4.31 1.05
CA LEU F 298 -46.05 4.09 0.14
C LEU F 298 -44.99 3.32 0.89
N PRO F 299 -44.21 2.47 0.20
CA PRO F 299 -44.23 2.17 -1.24
C PRO F 299 -45.32 1.19 -1.70
N GLY F 300 -46.23 0.84 -0.80
CA GLY F 300 -47.29 -0.10 -1.12
C GLY F 300 -47.39 -1.12 -0.01
N VAL F 301 -47.62 -0.66 1.21
CA VAL F 301 -47.72 -1.55 2.36
C VAL F 301 -49.11 -1.56 2.97
N LEU F 302 -49.73 -2.73 2.96
CA LEU F 302 -51.08 -2.91 3.51
C LEU F 302 -51.09 -3.26 4.98
N MET F 303 -52.03 -2.67 5.72
CA MET F 303 -52.17 -2.99 7.13
C MET F 303 -53.62 -3.35 7.33
N VAL F 304 -53.85 -4.52 7.94
CA VAL F 304 -55.20 -4.96 8.23
C VAL F 304 -55.29 -5.07 9.75
N GLU F 305 -55.88 -4.06 10.38
CA GLU F 305 -56.04 -4.03 11.83
C GLU F 305 -57.03 -5.08 12.33
N ASN F 306 -56.75 -5.64 13.50
CA ASN F 306 -57.63 -6.63 14.11
C ASN F 306 -57.89 -7.82 13.19
N TRP F 307 -56.82 -8.36 12.62
CA TRP F 307 -56.95 -9.51 11.71
C TRP F 307 -55.80 -10.49 11.94
N PRO F 308 -56.11 -11.79 12.04
CA PRO F 308 -57.47 -12.34 11.98
C PRO F 308 -58.22 -12.31 13.32
N GLU F 309 -57.54 -11.87 14.37
CA GLU F 309 -58.11 -11.78 15.72
C GLU F 309 -57.57 -10.57 16.47
N GLU F 310 -58.22 -10.23 17.58
CA GLU F 310 -57.79 -9.09 18.39
C GLU F 310 -56.33 -9.20 18.80
N HIS F 311 -55.64 -8.06 18.82
CA HIS F 311 -54.24 -7.98 19.20
C HIS F 311 -53.29 -8.50 18.12
N VAL F 312 -53.85 -9.01 17.02
CA VAL F 312 -53.05 -9.48 15.91
C VAL F 312 -53.32 -8.59 14.70
N VAL F 313 -52.29 -8.31 13.92
CA VAL F 313 -52.45 -7.46 12.74
C VAL F 313 -51.72 -8.12 11.57
N GLN F 314 -52.24 -7.92 10.36
CA GLN F 314 -51.61 -8.49 9.17
C GLN F 314 -51.03 -7.39 8.30
N TYR F 315 -49.80 -7.58 7.85
CA TYR F 315 -49.15 -6.62 6.97
C TYR F 315 -48.77 -7.34 5.68
N GLU F 316 -48.86 -6.64 4.56
CA GLU F 316 -48.50 -7.21 3.27
C GLU F 316 -47.67 -6.22 2.48
N TRP F 317 -46.70 -6.74 1.72
CA TRP F 317 -45.85 -5.96 0.83
C TRP F 317 -45.95 -6.65 -0.52
N TYR F 318 -45.66 -5.90 -1.58
CA TYR F 318 -45.70 -6.40 -2.96
C TYR F 318 -44.48 -5.72 -3.55
N VAL F 319 -43.32 -6.29 -3.20
CA VAL F 319 -42.04 -5.74 -3.60
C VAL F 319 -41.70 -5.99 -5.06
N PRO F 320 -41.54 -4.91 -5.84
CA PRO F 320 -41.20 -5.12 -7.26
C PRO F 320 -39.85 -5.82 -7.38
N ILE F 321 -39.75 -6.82 -8.25
CA ILE F 321 -38.49 -7.51 -8.48
C ILE F 321 -38.07 -6.99 -9.85
N THR F 322 -38.92 -7.24 -10.86
CA THR F 322 -38.70 -6.72 -12.22
C THR F 322 -40.02 -6.02 -12.51
N ASP F 323 -40.32 -5.72 -13.77
CA ASP F 323 -41.58 -5.06 -14.05
C ASP F 323 -42.76 -6.02 -14.18
N ASP F 324 -42.49 -7.33 -14.13
CA ASP F 324 -43.58 -8.30 -14.22
C ASP F 324 -43.53 -9.43 -13.17
N THR F 325 -42.77 -9.19 -12.10
CA THR F 325 -42.67 -10.13 -10.99
C THR F 325 -42.52 -9.30 -9.72
N HIS F 326 -42.96 -9.85 -8.61
CA HIS F 326 -42.86 -9.16 -7.33
C HIS F 326 -42.75 -10.18 -6.22
N GLU F 327 -42.22 -9.76 -5.08
CA GLU F 327 -42.11 -10.64 -3.94
C GLU F 327 -43.25 -10.27 -3.00
N TYR F 328 -44.20 -11.17 -2.86
CA TYR F 328 -45.35 -10.95 -2.00
C TYR F 328 -45.07 -11.36 -0.55
N TRP F 329 -45.16 -10.40 0.36
CA TRP F 329 -44.94 -10.65 1.78
C TRP F 329 -46.25 -10.71 2.53
N GLU F 330 -46.36 -11.66 3.43
CA GLU F 330 -47.56 -11.85 4.22
C GLU F 330 -47.13 -12.17 5.65
N ILE F 331 -47.41 -11.28 6.60
CA ILE F 331 -47.03 -11.51 7.99
C ILE F 331 -48.08 -11.11 8.99
N LEU F 332 -48.06 -11.76 10.14
CA LEU F 332 -48.98 -11.48 11.24
C LEU F 332 -48.11 -11.05 12.39
N VAL F 333 -48.50 -9.98 13.07
CA VAL F 333 -47.71 -9.48 14.18
C VAL F 333 -48.50 -9.45 15.48
N ARG F 334 -47.80 -9.73 16.58
CA ARG F 334 -48.41 -9.72 17.90
C ARG F 334 -47.31 -9.45 18.93
N VAL F 335 -47.61 -8.58 19.89
CA VAL F 335 -46.64 -8.27 20.92
C VAL F 335 -46.66 -9.41 21.93
N CYS F 336 -45.50 -10.05 22.10
CA CYS F 336 -45.37 -11.17 23.03
C CYS F 336 -44.25 -10.87 24.00
N PRO F 337 -44.60 -10.28 25.15
CA PRO F 337 -43.61 -9.93 26.18
C PRO F 337 -42.94 -11.10 26.89
N THR F 338 -43.65 -12.22 27.05
CA THR F 338 -43.05 -13.37 27.74
C THR F 338 -42.85 -14.59 26.84
N ASP F 339 -41.99 -15.49 27.29
CA ASP F 339 -41.69 -16.70 26.55
C ASP F 339 -43.01 -17.45 26.36
N GLU F 340 -43.87 -17.38 27.37
CA GLU F 340 -45.17 -18.04 27.33
C GLU F 340 -46.02 -17.49 26.19
N ASP F 341 -46.02 -16.16 26.06
CA ASP F 341 -46.79 -15.49 25.03
C ASP F 341 -46.32 -15.91 23.64
N ARG F 342 -45.01 -15.96 23.44
CA ARG F 342 -44.46 -16.35 22.16
C ARG F 342 -44.91 -17.75 21.77
N LYS F 343 -44.85 -18.68 22.72
CA LYS F 343 -45.25 -20.05 22.44
C LYS F 343 -46.72 -20.14 22.04
N LYS F 344 -47.57 -19.35 22.71
CA LYS F 344 -48.99 -19.33 22.39
C LYS F 344 -49.22 -18.82 20.96
N PHE F 345 -48.52 -17.75 20.59
CA PHE F 345 -48.63 -17.15 19.26
C PHE F 345 -48.11 -18.11 18.20
N GLN F 346 -46.95 -18.69 18.46
CA GLN F 346 -46.34 -19.64 17.53
C GLN F 346 -47.27 -20.84 17.28
N TYR F 347 -47.92 -21.30 18.34
CA TYR F 347 -48.83 -22.43 18.22
C TYR F 347 -50.07 -22.07 17.42
N ARG F 348 -50.66 -20.92 17.72
CA ARG F 348 -51.86 -20.52 17.01
C ARG F 348 -51.56 -20.21 15.54
N TYR F 349 -50.33 -19.79 15.28
CA TYR F 349 -49.95 -19.50 13.91
C TYR F 349 -49.82 -20.83 13.17
N ASP F 350 -49.12 -21.77 13.79
CA ASP F 350 -48.87 -23.10 13.22
C ASP F 350 -50.10 -23.94 12.92
N HIS F 351 -51.08 -23.92 13.82
CA HIS F 351 -52.26 -24.76 13.63
C HIS F 351 -53.54 -24.02 13.28
N MET F 352 -53.42 -22.73 13.02
CA MET F 352 -54.61 -21.96 12.70
C MET F 352 -54.36 -20.87 11.66
N TYR F 353 -53.61 -19.85 12.02
CA TYR F 353 -53.35 -18.75 11.09
C TYR F 353 -52.71 -19.16 9.77
N LYS F 354 -51.59 -19.87 9.83
CA LYS F 354 -50.91 -20.27 8.61
C LYS F 354 -51.76 -21.11 7.66
N PRO F 355 -52.33 -22.23 8.13
CA PRO F 355 -53.15 -23.05 7.23
C PRO F 355 -54.47 -22.46 6.76
N LEU F 356 -55.18 -21.75 7.63
CA LEU F 356 -56.47 -21.16 7.26
C LEU F 356 -56.46 -19.72 6.79
N CYS F 357 -55.48 -18.95 7.23
CA CYS F 357 -55.44 -17.54 6.86
C CYS F 357 -54.43 -17.18 5.78
N LEU F 358 -53.14 -17.30 6.09
CA LEU F 358 -52.12 -16.98 5.10
C LEU F 358 -52.30 -17.88 3.88
N HIS F 359 -52.69 -19.13 4.13
CA HIS F 359 -52.99 -20.08 3.06
C HIS F 359 -54.50 -20.26 3.19
N GLY F 360 -55.16 -20.57 2.10
CA GLY F 360 -56.60 -20.74 2.19
C GLY F 360 -57.25 -19.39 1.92
N PHE F 361 -57.29 -18.53 2.92
CA PHE F 361 -57.89 -17.22 2.72
C PHE F 361 -57.13 -16.40 1.68
N ASN F 362 -55.85 -16.16 1.93
CA ASN F 362 -55.06 -15.35 1.02
C ASN F 362 -54.60 -15.99 -0.29
N ASP F 363 -54.64 -17.32 -0.37
CA ASP F 363 -54.26 -17.99 -1.62
C ASP F 363 -55.24 -17.58 -2.72
N SER F 364 -56.48 -17.29 -2.34
CA SER F 364 -57.50 -16.86 -3.31
C SER F 364 -57.07 -15.54 -3.97
N ASP F 365 -56.38 -14.69 -3.20
CA ASP F 365 -55.90 -13.40 -3.71
C ASP F 365 -54.79 -13.62 -4.71
N LEU F 366 -53.98 -14.64 -4.47
CA LEU F 366 -52.86 -15.00 -5.33
C LEU F 366 -53.31 -15.13 -6.78
N TYR F 367 -54.32 -15.98 -7.00
CA TYR F 367 -54.82 -16.22 -8.35
C TYR F 367 -55.66 -15.07 -8.91
N ALA F 368 -56.32 -14.33 -8.04
CA ALA F 368 -57.12 -13.18 -8.50
C ALA F 368 -56.17 -12.13 -9.09
N ARG F 369 -55.09 -11.85 -8.38
CA ARG F 369 -54.10 -10.87 -8.85
C ARG F 369 -53.49 -11.31 -10.17
N GLU F 370 -53.12 -12.58 -10.25
CA GLU F 370 -52.54 -13.12 -11.47
C GLU F 370 -53.49 -12.97 -12.68
N ALA F 371 -54.76 -13.31 -12.50
CA ALA F 371 -55.74 -13.26 -13.57
C ALA F 371 -55.95 -11.89 -14.21
N MET F 372 -55.60 -10.84 -13.49
CA MET F 372 -55.77 -9.47 -13.96
C MET F 372 -54.55 -8.91 -14.72
N GLN F 373 -53.39 -9.54 -14.51
CA GLN F 373 -52.14 -9.07 -15.11
C GLN F 373 -52.10 -8.89 -16.64
N ASN F 374 -52.62 -9.87 -17.40
CA ASN F 374 -52.60 -9.77 -18.88
C ASN F 374 -53.30 -8.52 -19.41
N PHE F 375 -54.35 -8.09 -18.73
CA PHE F 375 -55.10 -6.92 -19.17
C PHE F 375 -54.24 -5.66 -19.11
N TYR F 376 -53.34 -5.62 -18.12
CA TYR F 376 -52.47 -4.47 -17.88
C TYR F 376 -51.05 -4.45 -18.40
N TYR F 377 -50.41 -5.61 -18.53
CA TYR F 377 -49.01 -5.58 -18.94
C TYR F 377 -48.62 -4.75 -20.16
N ASP F 378 -49.33 -4.92 -21.28
CA ASP F 378 -48.98 -4.16 -22.46
C ASP F 378 -49.51 -2.73 -22.42
N GLY F 379 -50.11 -2.34 -21.30
CA GLY F 379 -50.64 -1.00 -21.16
C GLY F 379 -52.13 -0.82 -21.39
N THR F 380 -52.76 -1.80 -22.00
CA THR F 380 -54.19 -1.73 -22.30
C THR F 380 -55.06 -1.38 -21.09
N GLY F 381 -54.94 -2.18 -20.03
CA GLY F 381 -55.74 -1.97 -18.83
C GLY F 381 -55.65 -0.61 -18.16
N TRP F 382 -54.46 0.00 -18.17
CA TRP F 382 -54.28 1.29 -17.54
C TRP F 382 -55.14 2.37 -18.19
N ASP F 383 -55.61 2.10 -19.41
CA ASP F 383 -56.45 3.06 -20.13
C ASP F 383 -57.89 2.56 -20.30
N ASP F 384 -58.04 1.26 -20.60
CA ASP F 384 -59.35 0.69 -20.86
C ASP F 384 -60.15 0.09 -19.71
N GLU F 385 -59.58 0.04 -18.52
CA GLU F 385 -60.31 -0.51 -17.37
C GLU F 385 -61.52 0.40 -17.15
N GLN F 386 -62.63 -0.17 -16.69
CA GLN F 386 -63.82 0.63 -16.45
C GLN F 386 -64.15 0.56 -14.97
N LEU F 387 -63.55 1.47 -14.21
CA LEU F 387 -63.71 1.52 -12.77
C LEU F 387 -65.07 2.07 -12.33
N VAL F 388 -65.47 1.70 -11.12
CA VAL F 388 -66.75 2.12 -10.58
C VAL F 388 -66.62 2.73 -9.19
N ALA F 389 -67.76 2.90 -8.50
CA ALA F 389 -67.79 3.53 -7.18
C ALA F 389 -66.78 2.97 -6.17
N THR F 390 -66.76 1.65 -6.04
CA THR F 390 -65.88 0.99 -5.09
C THR F 390 -64.41 1.22 -5.40
N ASP F 391 -64.12 1.61 -6.64
CA ASP F 391 -62.76 1.85 -7.07
C ASP F 391 -62.14 3.16 -6.56
N ILE F 392 -62.88 3.84 -5.68
CA ILE F 392 -62.39 5.06 -5.08
C ILE F 392 -61.13 4.71 -4.32
N SER F 393 -61.05 3.45 -3.88
CA SER F 393 -59.90 2.97 -3.12
C SER F 393 -58.62 2.94 -3.96
N PRO F 394 -58.59 2.12 -5.02
CA PRO F 394 -57.37 2.08 -5.83
C PRO F 394 -57.03 3.45 -6.43
N ILE F 395 -58.06 4.15 -6.91
CA ILE F 395 -57.85 5.47 -7.51
C ILE F 395 -57.18 6.42 -6.53
N THR F 396 -57.67 6.46 -5.29
CA THR F 396 -57.08 7.35 -4.30
C THR F 396 -55.62 6.99 -4.04
N TRP F 397 -55.35 5.69 -4.00
CA TRP F 397 -53.99 5.19 -3.76
C TRP F 397 -53.07 5.61 -4.90
N ARG F 398 -53.52 5.43 -6.14
CA ARG F 398 -52.71 5.79 -7.30
C ARG F 398 -52.35 7.27 -7.30
N LYS F 399 -53.30 8.11 -6.92
CA LYS F 399 -53.05 9.55 -6.88
C LYS F 399 -52.00 9.92 -5.85
N LEU F 400 -52.15 9.43 -4.62
CA LEU F 400 -51.20 9.76 -3.57
C LEU F 400 -49.83 9.15 -3.87
N ALA F 401 -49.83 7.97 -4.47
CA ALA F 401 -48.56 7.31 -4.81
C ALA F 401 -47.82 8.15 -5.85
N SER F 402 -48.58 8.70 -6.80
CA SER F 402 -48.00 9.54 -7.86
C SER F 402 -47.40 10.83 -7.28
N ARG F 403 -48.08 11.41 -6.29
CA ARG F 403 -47.61 12.63 -5.67
C ARG F 403 -46.44 12.48 -4.71
N TRP F 404 -46.47 11.44 -3.89
CA TRP F 404 -45.45 11.26 -2.87
C TRP F 404 -44.33 10.23 -2.99
N ASN F 405 -44.29 9.50 -4.09
CA ASN F 405 -43.21 8.53 -4.25
C ASN F 405 -41.88 9.28 -4.31
N ARG F 406 -40.82 8.66 -3.83
CA ARG F 406 -39.51 9.29 -3.81
C ARG F 406 -38.70 9.03 -5.07
N GLY F 407 -39.35 8.55 -6.13
CA GLY F 407 -38.65 8.29 -7.36
C GLY F 407 -39.21 7.10 -8.13
N ILE F 408 -39.04 7.13 -9.45
CA ILE F 408 -39.53 6.03 -10.28
C ILE F 408 -38.32 5.24 -10.78
N ALA F 409 -38.29 3.95 -10.45
CA ALA F 409 -37.19 3.08 -10.85
C ALA F 409 -37.11 2.93 -12.36
N LYS F 410 -35.90 3.05 -12.89
CA LYS F 410 -35.70 2.91 -14.33
C LYS F 410 -35.55 1.42 -14.64
N PRO F 411 -35.85 1.01 -15.88
CA PRO F 411 -35.74 -0.40 -16.26
C PRO F 411 -34.33 -0.95 -16.04
N GLY F 412 -34.26 -2.24 -15.73
CA GLY F 412 -32.96 -2.85 -15.51
C GLY F 412 -32.16 -2.86 -16.79
N ARG F 413 -30.84 -2.69 -16.68
CA ARG F 413 -29.94 -2.71 -17.83
C ARG F 413 -28.70 -3.49 -17.41
N GLY F 414 -28.34 -4.52 -18.17
CA GLY F 414 -27.16 -5.30 -17.85
C GLY F 414 -27.26 -6.13 -16.58
N VAL F 415 -28.49 -6.41 -16.14
CA VAL F 415 -28.73 -7.21 -14.94
C VAL F 415 -29.80 -8.25 -15.29
N ALA F 416 -29.97 -9.27 -14.44
CA ALA F 416 -30.98 -10.29 -14.70
C ALA F 416 -32.35 -9.62 -14.76
N GLY F 417 -33.14 -9.97 -15.77
CA GLY F 417 -34.45 -9.35 -15.89
C GLY F 417 -34.50 -8.18 -16.86
N ALA F 418 -33.34 -7.70 -17.29
CA ALA F 418 -33.27 -6.59 -18.24
C ALA F 418 -33.80 -7.08 -19.57
N VAL F 419 -33.57 -8.36 -19.85
CA VAL F 419 -34.02 -9.00 -21.09
C VAL F 419 -34.80 -10.24 -20.64
N LYS F 420 -36.03 -10.37 -21.10
CA LYS F 420 -36.88 -11.47 -20.67
C LYS F 420 -36.78 -12.82 -21.37
N ASP F 421 -36.22 -12.85 -22.57
CA ASP F 421 -36.14 -14.11 -23.30
C ASP F 421 -34.73 -14.60 -23.63
N THR F 422 -33.83 -14.54 -22.66
CA THR F 422 -32.46 -14.96 -22.84
C THR F 422 -32.38 -16.49 -22.85
N SER F 423 -31.33 -17.03 -23.46
CA SER F 423 -31.15 -18.48 -23.51
C SER F 423 -30.96 -19.03 -22.10
N LEU F 424 -30.46 -18.18 -21.20
CA LEU F 424 -30.25 -18.57 -19.80
C LEU F 424 -31.61 -18.78 -19.14
N ILE F 425 -32.56 -17.90 -19.44
CA ILE F 425 -33.91 -18.00 -18.90
C ILE F 425 -34.61 -19.23 -19.48
N PHE F 426 -34.45 -19.50 -20.78
CA PHE F 426 -35.07 -20.69 -21.33
C PHE F 426 -34.43 -21.96 -20.75
N LYS F 427 -33.13 -21.92 -20.47
CA LYS F 427 -32.45 -23.06 -19.87
C LYS F 427 -33.05 -23.36 -18.49
N GLN F 428 -33.14 -22.33 -17.66
CA GLN F 428 -33.69 -22.49 -16.30
C GLN F 428 -35.13 -22.98 -16.38
N THR F 429 -35.90 -22.41 -17.30
CA THR F 429 -37.30 -22.78 -17.48
C THR F 429 -37.42 -24.24 -17.92
N ALA F 430 -36.55 -24.66 -18.84
CA ALA F 430 -36.58 -26.05 -19.29
C ALA F 430 -36.29 -26.96 -18.11
N ASP F 431 -35.43 -26.50 -17.20
CA ASP F 431 -35.08 -27.28 -16.02
C ASP F 431 -36.18 -27.31 -14.96
N GLY F 432 -37.28 -26.59 -15.22
CA GLY F 432 -38.39 -26.58 -14.27
C GLY F 432 -38.38 -25.44 -13.26
N LYS F 433 -37.45 -24.50 -13.41
CA LYS F 433 -37.36 -23.37 -12.48
C LYS F 433 -38.17 -22.16 -12.89
N ARG F 434 -39.10 -21.76 -12.03
CA ARG F 434 -39.95 -20.60 -12.29
C ARG F 434 -39.18 -19.32 -12.03
N PRO F 435 -39.70 -18.17 -12.50
CA PRO F 435 -39.03 -16.87 -12.26
C PRO F 435 -38.94 -16.76 -10.73
N GLY F 436 -37.88 -16.18 -10.20
CA GLY F 436 -37.76 -16.11 -8.75
C GLY F 436 -37.31 -14.80 -8.12
N TYR F 437 -36.72 -14.93 -6.94
CA TYR F 437 -36.26 -13.78 -6.16
C TYR F 437 -34.86 -13.97 -5.56
N LYS F 438 -34.68 -15.02 -4.77
CA LYS F 438 -33.39 -15.29 -4.14
C LYS F 438 -32.47 -15.98 -5.13
N VAL F 439 -31.28 -15.41 -5.29
CA VAL F 439 -30.29 -15.97 -6.23
C VAL F 439 -29.78 -17.33 -5.79
N GLU F 440 -29.83 -18.29 -6.72
CA GLU F 440 -29.36 -19.64 -6.49
C GLU F 440 -27.82 -19.59 -6.54
N GLN F 441 -27.15 -20.22 -5.58
CA GLN F 441 -25.69 -20.18 -5.54
C GLN F 441 -24.95 -21.38 -6.15
N ILE F 442 -23.62 -21.31 -6.06
CA ILE F 442 -22.72 -22.35 -6.57
C ILE F 442 -22.67 -22.33 -8.10
#